data_3BXX
#
_entry.id   3BXX
#
_cell.length_a   174.943
_cell.length_b   174.943
_cell.length_c   290.167
_cell.angle_alpha   90.000
_cell.angle_beta   90.000
_cell.angle_gamma   120.000
#
_symmetry.space_group_name_H-M   'P 61 2 2'
#
loop_
_entity.id
_entity.type
_entity.pdbx_description
1 polymer 'dihydroflavonol 4-reductase'
2 non-polymer 'NADP NICOTINAMIDE-ADENINE-DINUCLEOTIDE PHOSPHATE'
3 non-polymer "3,5,7,3',4'-PENTAHYDROXYFLAVONE"
4 water water
#
_entity_poly.entity_id   1
_entity_poly.type   'polypeptide(L)'
_entity_poly.pdbx_seq_one_letter_code
;MGSQSETVCVTGASGFIGSWLVMRLLERGYTVRATVRDPTNVKKVKHLLDLPKAETHLTLWKADLADEGSFDEAIKGCTG
VFHVATPMDFESKDPENEVIKPTIEGMLGIMKSCAAAKTVRRLVFTSSAGTVNIQEHQLPVYDESCWSDMEFCRAKKMTA
WMYFVSKTLAEQAAWKYAKENNIDFITIIPTLVVGPFIMSSMPPSLITALSPITGNEAHYSIIRQGQFVHLDDLCNAHIY
LFENPKAEGRYICSSHDCIILDLAKMLREKYPEYNIPTEFKGVDENLKSVCFSSKKLTDLGFEFKYSLEDMFTGAVDTCR
AKGLLPPSHEKPVDGKT
;
_entity_poly.pdbx_strand_id   A,B,C,D,E,F
#
loop_
_chem_comp.id
_chem_comp.type
_chem_comp.name
_chem_comp.formula
NAP non-polymer 'NADP NICOTINAMIDE-ADENINE-DINUCLEOTIDE PHOSPHATE' 'C21 H28 N7 O17 P3'
QUE non-polymer 3,5,7,3',4'-PENTAHYDROXYFLAVONE 'C15 H10 O7'
#
# COMPACT_ATOMS: atom_id res chain seq x y z
N GLU A 6 -29.38 39.85 -48.40
CA GLU A 6 -29.36 40.32 -46.98
C GLU A 6 -29.43 39.17 -45.94
N THR A 7 -29.00 39.48 -44.71
CA THR A 7 -28.65 38.48 -43.69
C THR A 7 -29.43 38.52 -42.40
N VAL A 8 -29.94 37.38 -41.96
CA VAL A 8 -30.74 37.30 -40.75
C VAL A 8 -30.20 36.25 -39.79
N CYS A 9 -30.59 36.36 -38.53
CA CYS A 9 -30.23 35.40 -37.49
C CYS A 9 -31.45 34.54 -37.17
N VAL A 10 -31.22 33.31 -36.73
CA VAL A 10 -32.28 32.39 -36.28
C VAL A 10 -31.69 31.63 -35.10
N THR A 11 -32.25 31.89 -33.91
CA THR A 11 -31.81 31.34 -32.63
C THR A 11 -32.42 29.96 -32.37
N GLY A 12 -31.60 28.96 -32.06
CA GLY A 12 -32.10 27.60 -32.02
C GLY A 12 -32.53 27.07 -33.39
N ALA A 13 -31.62 27.10 -34.36
CA ALA A 13 -31.91 26.67 -35.73
C ALA A 13 -32.21 25.17 -35.89
N SER A 14 -31.86 24.39 -34.87
CA SER A 14 -31.88 22.93 -34.95
C SER A 14 -33.24 22.34 -34.61
N GLY A 15 -34.12 23.16 -34.05
CA GLY A 15 -35.47 22.75 -33.71
C GLY A 15 -36.41 22.63 -34.90
N PHE A 16 -37.60 22.15 -34.54
CA PHE A 16 -38.75 21.98 -35.40
C PHE A 16 -39.15 23.25 -36.13
N ILE A 17 -39.38 24.33 -35.36
CA ILE A 17 -39.84 25.57 -35.95
C ILE A 17 -38.65 26.18 -36.66
N GLY A 18 -37.60 26.47 -35.87
CA GLY A 18 -36.33 27.10 -36.26
C GLY A 18 -35.72 26.59 -37.56
N SER A 19 -35.55 25.28 -37.65
CA SER A 19 -34.93 24.62 -38.80
C SER A 19 -35.69 24.90 -40.07
N TRP A 20 -37.00 24.68 -40.02
CA TRP A 20 -37.91 24.84 -41.17
C TRP A 20 -38.04 26.32 -41.65
N LEU A 21 -38.01 27.26 -40.69
CA LEU A 21 -37.83 28.69 -40.93
C LEU A 21 -36.47 28.96 -41.61
N VAL A 22 -35.40 28.24 -41.22
CA VAL A 22 -34.12 28.44 -41.91
C VAL A 22 -34.17 27.91 -43.35
N MET A 23 -34.76 26.73 -43.57
CA MET A 23 -35.05 26.24 -44.93
C MET A 23 -35.85 27.22 -45.79
N ARG A 24 -36.80 27.94 -45.19
CA ARG A 24 -37.66 28.84 -45.94
C ARG A 24 -36.91 30.13 -46.26
N LEU A 25 -36.18 30.67 -45.29
CA LEU A 25 -35.45 31.93 -45.48
C LEU A 25 -34.33 31.82 -46.56
N LEU A 26 -33.63 30.70 -46.60
CA LEU A 26 -32.61 30.43 -47.64
C LEU A 26 -33.22 30.39 -49.05
N GLU A 27 -34.27 29.59 -49.18
CA GLU A 27 -35.09 29.44 -50.39
C GLU A 27 -35.62 30.75 -50.95
N ARG A 28 -35.86 31.72 -50.07
CA ARG A 28 -36.47 32.98 -50.44
C ARG A 28 -35.41 34.03 -50.75
N GLY A 29 -34.14 33.68 -50.54
CA GLY A 29 -33.00 34.55 -50.91
C GLY A 29 -32.06 34.99 -49.81
N TYR A 30 -32.47 34.78 -48.56
CA TYR A 30 -31.73 35.28 -47.40
C TYR A 30 -30.47 34.49 -47.10
N THR A 31 -29.64 35.11 -46.27
CA THR A 31 -28.40 34.55 -45.74
C THR A 31 -28.54 34.37 -44.21
N VAL A 32 -28.46 33.13 -43.73
CA VAL A 32 -28.85 32.82 -42.36
C VAL A 32 -27.62 32.53 -41.50
N ARG A 33 -27.55 33.25 -40.37
CA ARG A 33 -26.68 32.89 -39.25
C ARG A 33 -27.48 32.05 -38.23
N ALA A 34 -27.49 30.72 -38.41
CA ALA A 34 -28.18 29.81 -37.51
C ALA A 34 -27.38 29.73 -36.22
N THR A 35 -28.02 29.87 -35.07
CA THR A 35 -27.33 29.59 -33.79
C THR A 35 -27.73 28.23 -33.18
N VAL A 36 -26.80 27.53 -32.55
CA VAL A 36 -27.13 26.35 -31.76
C VAL A 36 -26.25 26.24 -30.54
N ARG A 37 -26.65 25.45 -29.55
CA ARG A 37 -25.82 25.22 -28.37
C ARG A 37 -24.70 24.17 -28.56
N ASP A 38 -24.90 23.21 -29.48
CA ASP A 38 -23.89 22.18 -29.79
C ASP A 38 -23.72 21.80 -31.29
N PRO A 39 -22.82 22.51 -32.02
CA PRO A 39 -22.55 22.15 -33.43
C PRO A 39 -21.87 20.78 -33.69
N THR A 40 -21.16 20.27 -32.69
CA THR A 40 -20.65 18.89 -32.66
C THR A 40 -21.75 17.80 -32.58
N ASN A 41 -23.02 18.21 -32.42
CA ASN A 41 -24.14 17.28 -32.35
C ASN A 41 -24.65 16.94 -33.75
N VAL A 42 -24.30 15.77 -34.27
CA VAL A 42 -24.73 15.45 -35.64
C VAL A 42 -26.25 15.66 -35.87
N LYS A 43 -27.10 15.04 -35.05
CA LYS A 43 -28.57 15.08 -35.24
C LYS A 43 -29.26 16.46 -35.37
N LYS A 44 -28.84 17.44 -34.56
CA LYS A 44 -29.30 18.83 -34.61
C LYS A 44 -28.84 19.55 -35.89
N VAL A 45 -27.63 19.25 -36.33
CA VAL A 45 -26.99 20.07 -37.36
C VAL A 45 -27.07 19.46 -38.76
N LYS A 46 -27.22 18.15 -38.88
CA LYS A 46 -27.34 17.52 -40.20
C LYS A 46 -28.43 18.17 -41.05
N HIS A 47 -29.69 18.13 -40.62
CA HIS A 47 -30.82 18.71 -41.38
C HIS A 47 -30.71 20.17 -41.86
N LEU A 48 -29.71 20.91 -41.36
CA LEU A 48 -29.43 22.29 -41.74
C LEU A 48 -28.35 22.40 -42.81
N LEU A 49 -27.26 21.64 -42.69
CA LEU A 49 -26.20 21.62 -43.71
C LEU A 49 -26.69 20.92 -45.00
N ASP A 50 -27.57 19.93 -44.85
CA ASP A 50 -28.26 19.29 -45.99
C ASP A 50 -29.20 20.21 -46.78
N LEU A 51 -29.56 21.37 -46.26
CA LEU A 51 -30.41 22.30 -46.99
C LEU A 51 -29.72 22.77 -48.28
N PRO A 52 -30.48 22.88 -49.37
CA PRO A 52 -29.86 23.42 -50.58
C PRO A 52 -29.46 24.85 -50.26
N LYS A 53 -28.30 25.28 -50.75
CA LYS A 53 -27.74 26.59 -50.41
C LYS A 53 -27.20 26.66 -48.97
N ALA A 54 -27.04 25.51 -48.30
CA ALA A 54 -26.39 25.54 -46.99
C ALA A 54 -24.94 26.00 -47.19
N GLU A 55 -24.25 25.42 -48.17
CA GLU A 55 -22.85 25.77 -48.41
C GLU A 55 -22.66 27.28 -48.39
N THR A 56 -23.34 27.96 -49.31
CA THR A 56 -23.09 29.40 -49.58
C THR A 56 -23.82 30.45 -48.76
N HIS A 57 -25.07 30.20 -48.36
CA HIS A 57 -25.83 31.20 -47.63
C HIS A 57 -26.13 30.91 -46.12
N LEU A 58 -25.47 29.88 -45.52
CA LEU A 58 -25.66 29.48 -44.12
C LEU A 58 -24.33 29.30 -43.36
N THR A 59 -24.09 30.14 -42.36
CA THR A 59 -22.99 29.96 -41.42
C THR A 59 -23.63 29.44 -40.11
N LEU A 60 -22.85 28.93 -39.16
CA LEU A 60 -23.35 28.34 -37.91
C LEU A 60 -22.68 29.03 -36.72
N TRP A 61 -23.39 29.17 -35.60
CA TRP A 61 -22.80 29.76 -34.41
C TRP A 61 -23.14 28.99 -33.12
N LYS A 62 -22.26 29.06 -32.12
CA LYS A 62 -22.45 28.51 -30.78
C LYS A 62 -22.82 29.61 -29.76
N ALA A 63 -24.04 29.51 -29.22
CA ALA A 63 -24.65 30.47 -28.29
C ALA A 63 -25.59 29.67 -27.37
N ASP A 64 -25.84 30.13 -26.15
CA ASP A 64 -26.73 29.46 -25.19
C ASP A 64 -27.30 30.57 -24.30
N LEU A 65 -28.62 30.75 -24.31
CA LEU A 65 -29.33 31.76 -23.48
C LEU A 65 -28.90 31.86 -22.00
N ALA A 66 -28.48 30.74 -21.40
CA ALA A 66 -27.87 30.68 -20.06
C ALA A 66 -26.44 31.29 -19.97
N ASP A 67 -25.83 31.65 -21.11
CA ASP A 67 -24.56 32.42 -21.22
C ASP A 67 -24.83 33.89 -21.61
N GLU A 68 -24.67 34.82 -20.67
CA GLU A 68 -24.73 36.27 -20.97
C GLU A 68 -23.68 36.69 -22.00
N GLY A 69 -24.09 37.48 -23.00
CA GLY A 69 -23.24 37.93 -24.11
C GLY A 69 -23.26 37.07 -25.35
N SER A 70 -23.68 35.81 -25.19
CA SER A 70 -23.40 34.77 -26.17
C SER A 70 -23.96 34.93 -27.56
N PHE A 71 -24.93 35.82 -27.75
CA PHE A 71 -25.51 36.03 -29.06
C PHE A 71 -24.95 37.26 -29.85
N ASP A 72 -24.02 38.03 -29.27
CA ASP A 72 -23.42 39.21 -29.92
C ASP A 72 -22.94 38.93 -31.36
N GLU A 73 -21.96 38.03 -31.46
CA GLU A 73 -21.35 37.60 -32.73
C GLU A 73 -22.33 37.25 -33.86
N ALA A 74 -23.23 36.29 -33.58
CA ALA A 74 -24.21 35.85 -34.56
C ALA A 74 -25.18 37.00 -34.91
N ILE A 75 -25.59 37.84 -33.95
CA ILE A 75 -26.50 38.96 -34.25
C ILE A 75 -25.79 40.03 -35.07
N LYS A 76 -24.47 40.17 -34.88
CA LYS A 76 -23.71 41.17 -35.62
C LYS A 76 -23.88 41.00 -37.13
N GLY A 77 -24.15 42.13 -37.80
CA GLY A 77 -24.25 42.14 -39.24
C GLY A 77 -25.66 41.92 -39.77
N CYS A 78 -26.59 41.41 -38.98
CA CYS A 78 -27.91 41.08 -39.51
C CYS A 78 -28.87 42.26 -39.63
N THR A 79 -29.73 42.20 -40.66
CA THR A 79 -30.83 43.16 -40.77
C THR A 79 -31.97 42.80 -39.84
N GLY A 80 -32.21 41.48 -39.67
CA GLY A 80 -33.32 40.94 -38.88
C GLY A 80 -32.79 39.92 -37.91
N VAL A 81 -33.53 39.63 -36.84
CA VAL A 81 -33.22 38.50 -35.96
C VAL A 81 -34.48 37.79 -35.45
N PHE A 82 -34.63 36.53 -35.83
CA PHE A 82 -35.74 35.67 -35.42
C PHE A 82 -35.37 34.86 -34.20
N HIS A 83 -35.66 35.38 -33.00
CA HIS A 83 -35.35 34.68 -31.75
C HIS A 83 -36.42 33.61 -31.41
N VAL A 84 -36.16 32.35 -31.79
CA VAL A 84 -37.09 31.23 -31.60
C VAL A 84 -36.70 30.24 -30.48
N ALA A 85 -35.40 30.13 -30.20
CA ALA A 85 -34.87 29.11 -29.23
C ALA A 85 -35.43 29.29 -27.80
N THR A 86 -35.74 28.21 -27.08
CA THR A 86 -36.21 28.31 -25.68
C THR A 86 -35.64 27.13 -24.86
N PRO A 87 -35.26 27.34 -23.59
CA PRO A 87 -34.87 26.21 -22.73
C PRO A 87 -35.95 25.21 -22.29
N MET A 88 -35.59 23.93 -22.27
CA MET A 88 -36.47 22.85 -21.77
C MET A 88 -36.16 22.58 -20.29
N ASP A 89 -37.16 22.13 -19.53
CA ASP A 89 -36.94 21.62 -18.16
C ASP A 89 -36.23 20.25 -18.17
N PHE A 90 -34.96 20.22 -18.62
CA PHE A 90 -34.18 18.97 -18.84
C PHE A 90 -33.66 18.24 -17.59
N GLU A 91 -32.96 18.95 -16.70
CA GLU A 91 -32.49 18.40 -15.44
C GLU A 91 -33.71 18.18 -14.56
N SER A 92 -34.64 19.14 -14.58
CA SER A 92 -35.89 19.06 -13.81
C SER A 92 -35.63 19.03 -12.30
N LYS A 93 -34.67 19.86 -11.88
CA LYS A 93 -34.34 20.03 -10.47
C LYS A 93 -34.81 21.40 -9.95
N ASP A 94 -34.64 22.44 -10.77
CA ASP A 94 -34.81 23.84 -10.33
C ASP A 94 -35.21 24.72 -11.51
N PRO A 95 -36.52 24.73 -11.88
CA PRO A 95 -36.98 25.38 -13.11
C PRO A 95 -36.88 26.90 -13.10
N GLU A 96 -36.79 27.48 -11.90
CA GLU A 96 -36.60 28.91 -11.74
C GLU A 96 -35.29 29.26 -12.43
N ASN A 97 -34.20 28.65 -11.99
CA ASN A 97 -32.87 28.81 -12.57
C ASN A 97 -32.56 28.04 -13.85
N GLU A 98 -33.27 26.96 -14.14
CA GLU A 98 -33.02 26.25 -15.38
C GLU A 98 -33.76 26.82 -16.59
N VAL A 99 -35.02 27.18 -16.35
CA VAL A 99 -35.93 27.55 -17.42
C VAL A 99 -36.14 29.05 -17.47
N ILE A 100 -36.47 29.69 -16.34
CA ILE A 100 -37.09 31.01 -16.33
C ILE A 100 -36.07 32.13 -16.45
N LYS A 101 -35.15 32.15 -15.48
CA LYS A 101 -34.02 33.05 -15.49
C LYS A 101 -33.45 33.14 -16.91
N PRO A 102 -33.02 32.03 -17.54
CA PRO A 102 -32.43 32.12 -18.91
C PRO A 102 -33.35 32.30 -20.11
N THR A 103 -34.64 32.08 -19.91
CA THR A 103 -35.55 32.52 -20.94
C THR A 103 -35.44 34.04 -20.92
N ILE A 104 -35.66 34.64 -19.74
CA ILE A 104 -35.81 36.09 -19.55
C ILE A 104 -34.52 36.81 -19.81
N GLU A 105 -33.46 36.41 -19.11
CA GLU A 105 -32.12 37.00 -19.27
C GLU A 105 -31.77 36.84 -20.75
N GLY A 106 -31.73 35.61 -21.25
CA GLY A 106 -31.53 35.33 -22.67
C GLY A 106 -32.26 36.24 -23.63
N MET A 107 -33.53 36.55 -23.37
CA MET A 107 -34.34 37.45 -24.20
C MET A 107 -33.87 38.90 -24.19
N LEU A 108 -33.64 39.41 -22.98
CA LEU A 108 -33.11 40.75 -22.78
C LEU A 108 -31.69 40.88 -23.38
N GLY A 109 -30.92 39.79 -23.31
CA GLY A 109 -29.59 39.69 -23.90
C GLY A 109 -29.66 39.70 -25.41
N ILE A 110 -30.64 39.00 -25.97
CA ILE A 110 -30.84 39.06 -27.41
C ILE A 110 -31.25 40.48 -27.86
N MET A 111 -31.90 41.24 -26.99
CA MET A 111 -32.31 42.60 -27.34
C MET A 111 -31.15 43.59 -27.35
N LYS A 112 -30.40 43.63 -26.25
CA LYS A 112 -29.22 44.49 -26.11
C LYS A 112 -28.25 44.22 -27.28
N SER A 113 -27.98 42.95 -27.58
CA SER A 113 -27.15 42.56 -28.74
C SER A 113 -27.57 43.19 -30.08
N CYS A 114 -28.88 43.30 -30.30
CA CYS A 114 -29.50 43.87 -31.51
C CYS A 114 -29.29 45.37 -31.59
N ALA A 115 -29.55 46.01 -30.45
CA ALA A 115 -29.38 47.45 -30.31
C ALA A 115 -27.94 47.84 -30.65
N ALA A 116 -27.01 47.09 -30.05
CA ALA A 116 -25.55 47.18 -30.25
C ALA A 116 -24.98 46.68 -31.58
N ALA A 117 -25.71 45.87 -32.36
CA ALA A 117 -25.31 45.57 -33.74
C ALA A 117 -25.59 46.73 -34.72
N LYS A 118 -26.53 47.64 -34.44
CA LYS A 118 -26.75 48.87 -35.23
C LYS A 118 -27.14 48.62 -36.72
N THR A 119 -27.51 47.39 -37.09
CA THR A 119 -28.00 47.07 -38.44
C THR A 119 -29.32 46.28 -38.31
N VAL A 120 -29.57 45.74 -37.13
CA VAL A 120 -30.84 45.09 -36.81
C VAL A 120 -31.99 46.11 -36.95
N ARG A 121 -32.75 46.02 -38.04
CA ARG A 121 -33.95 46.85 -38.27
C ARG A 121 -35.27 46.34 -37.66
N ARG A 122 -35.31 45.07 -37.26
CA ARG A 122 -36.45 44.46 -36.57
C ARG A 122 -36.03 43.10 -35.97
N LEU A 123 -36.59 42.75 -34.81
CA LEU A 123 -36.37 41.48 -34.12
C LEU A 123 -37.72 40.81 -33.91
N VAL A 124 -37.96 39.68 -34.56
CA VAL A 124 -39.19 38.90 -34.39
C VAL A 124 -38.93 37.85 -33.28
N PHE A 125 -39.64 37.89 -32.15
CA PHE A 125 -39.56 36.83 -31.14
C PHE A 125 -40.74 35.86 -31.21
N THR A 126 -40.50 34.57 -30.99
CA THR A 126 -41.57 33.55 -31.04
C THR A 126 -42.01 33.40 -29.58
N SER A 127 -43.22 33.87 -29.30
CA SER A 127 -43.77 33.69 -27.96
C SER A 127 -44.40 32.29 -27.90
N SER A 128 -45.27 32.11 -26.89
CA SER A 128 -46.01 30.88 -26.71
C SER A 128 -47.45 31.22 -26.35
N ALA A 129 -48.36 30.30 -26.68
CA ALA A 129 -49.79 30.44 -26.46
C ALA A 129 -50.08 30.44 -24.95
N GLY A 130 -49.15 29.83 -24.21
CA GLY A 130 -49.28 29.72 -22.76
C GLY A 130 -49.03 31.01 -22.03
N THR A 131 -48.58 32.00 -22.78
CA THR A 131 -48.54 33.41 -22.37
C THR A 131 -49.92 34.12 -22.36
N VAL A 132 -50.86 33.59 -23.12
CA VAL A 132 -52.14 34.25 -23.46
C VAL A 132 -53.24 33.76 -22.54
N ASN A 133 -53.45 32.45 -22.54
CA ASN A 133 -54.65 31.82 -21.98
C ASN A 133 -54.52 30.92 -20.75
N ILE A 134 -53.53 31.09 -19.89
CA ILE A 134 -53.42 30.19 -18.72
C ILE A 134 -53.96 31.03 -17.57
N GLN A 135 -55.16 30.61 -17.14
CA GLN A 135 -56.00 31.29 -16.12
C GLN A 135 -57.11 30.31 -15.77
N GLU A 136 -57.72 30.43 -14.59
CA GLU A 136 -58.75 29.49 -14.09
C GLU A 136 -59.83 29.08 -15.11
N HIS A 137 -60.54 30.10 -15.58
CA HIS A 137 -61.71 29.88 -16.38
C HIS A 137 -61.35 30.45 -17.72
N GLN A 138 -61.76 29.77 -18.78
CA GLN A 138 -61.43 30.17 -20.13
C GLN A 138 -62.47 31.14 -20.73
N LEU A 139 -61.98 32.26 -21.27
CA LEU A 139 -62.71 33.05 -22.27
C LEU A 139 -62.99 32.22 -23.53
N PRO A 140 -64.14 32.43 -24.22
CA PRO A 140 -64.39 31.76 -25.51
C PRO A 140 -63.46 32.22 -26.66
N VAL A 141 -62.88 33.43 -26.57
CA VAL A 141 -61.94 33.88 -27.59
C VAL A 141 -60.78 34.68 -26.99
N TYR A 142 -59.58 34.43 -27.52
CA TYR A 142 -58.38 35.13 -27.09
C TYR A 142 -57.77 35.91 -28.25
N ASP A 143 -57.19 37.05 -27.93
CA ASP A 143 -56.48 37.85 -28.92
C ASP A 143 -55.18 38.40 -28.30
N GLU A 144 -54.55 39.34 -29.01
CA GLU A 144 -53.25 39.89 -28.67
C GLU A 144 -53.22 40.71 -27.37
N SER A 145 -54.38 41.01 -26.80
CA SER A 145 -54.48 41.78 -25.54
C SER A 145 -54.52 40.91 -24.26
N CYS A 146 -54.72 39.61 -24.41
CA CYS A 146 -54.72 38.65 -23.30
C CYS A 146 -53.32 38.16 -22.86
N TRP A 147 -53.14 38.16 -21.55
CA TRP A 147 -51.95 37.68 -20.91
C TRP A 147 -52.40 36.61 -19.95
N SER A 148 -51.50 35.69 -19.62
CA SER A 148 -51.79 34.65 -18.62
C SER A 148 -51.79 35.32 -17.24
N ASP A 149 -52.28 34.59 -16.24
CA ASP A 149 -52.42 35.09 -14.88
C ASP A 149 -51.31 34.53 -13.98
N MET A 150 -50.27 35.30 -13.71
CA MET A 150 -49.15 34.79 -12.92
C MET A 150 -49.54 34.46 -11.48
N GLU A 151 -50.65 34.99 -11.00
CA GLU A 151 -51.05 34.69 -9.63
C GLU A 151 -51.45 33.23 -9.59
N PHE A 152 -52.13 32.84 -10.67
CA PHE A 152 -52.75 31.52 -10.80
C PHE A 152 -51.80 30.40 -11.20
N CYS A 153 -50.80 30.69 -12.03
CA CYS A 153 -49.71 29.75 -12.31
C CYS A 153 -48.92 29.50 -11.03
N ARG A 154 -48.68 30.55 -10.26
CA ARG A 154 -47.82 30.49 -9.07
C ARG A 154 -48.55 29.97 -7.84
N ALA A 155 -49.83 30.29 -7.67
CA ALA A 155 -50.62 29.71 -6.58
C ALA A 155 -50.86 28.21 -6.76
N LYS A 156 -50.78 27.67 -7.98
CA LYS A 156 -51.18 26.29 -8.20
C LYS A 156 -50.07 25.34 -8.67
N LYS A 157 -49.17 25.85 -9.50
CA LYS A 157 -47.99 25.11 -9.93
C LYS A 157 -48.33 23.79 -10.68
N MET A 158 -49.31 23.90 -11.58
CA MET A 158 -49.79 22.80 -12.44
C MET A 158 -48.68 22.28 -13.33
N THR A 159 -48.82 21.08 -13.90
CA THR A 159 -47.87 20.65 -14.91
C THR A 159 -47.71 21.85 -15.83
N ALA A 160 -46.52 22.00 -16.37
CA ALA A 160 -46.19 23.00 -17.39
C ALA A 160 -46.04 24.42 -16.96
N TRP A 161 -46.09 24.69 -15.66
CA TRP A 161 -46.25 26.05 -15.15
C TRP A 161 -44.98 26.79 -15.44
N MET A 162 -43.81 26.13 -15.41
CA MET A 162 -42.55 26.82 -15.74
C MET A 162 -42.47 27.23 -17.19
N TYR A 163 -43.10 26.47 -18.09
CA TYR A 163 -43.16 26.84 -19.49
C TYR A 163 -44.03 28.10 -19.73
N PHE A 164 -45.10 28.26 -18.94
CA PHE A 164 -45.97 29.41 -19.07
C PHE A 164 -45.30 30.66 -18.55
N VAL A 165 -44.81 30.58 -17.31
CA VAL A 165 -44.32 31.74 -16.59
C VAL A 165 -43.06 32.19 -17.31
N SER A 166 -42.12 31.31 -17.58
CA SER A 166 -40.88 31.75 -18.22
C SER A 166 -41.08 32.50 -19.52
N LYS A 167 -42.18 32.24 -20.24
CA LYS A 167 -42.45 32.90 -21.52
C LYS A 167 -43.22 34.21 -21.32
N THR A 168 -44.15 34.22 -20.36
CA THR A 168 -44.90 35.42 -19.99
C THR A 168 -44.07 36.54 -19.34
N LEU A 169 -43.14 36.17 -18.47
CA LEU A 169 -42.18 37.15 -17.95
C LEU A 169 -41.12 37.52 -19.00
N ALA A 170 -40.90 36.60 -19.95
CA ALA A 170 -39.93 36.84 -21.01
C ALA A 170 -40.54 37.81 -21.99
N GLU A 171 -41.72 37.51 -22.49
CA GLU A 171 -42.32 38.40 -23.43
C GLU A 171 -42.65 39.76 -22.76
N GLN A 172 -43.20 39.77 -21.55
CA GLN A 172 -43.42 41.03 -20.83
C GLN A 172 -42.13 41.89 -20.76
N ALA A 173 -41.13 41.47 -19.99
CA ALA A 173 -39.87 42.22 -19.78
C ALA A 173 -39.31 42.82 -21.07
N ALA A 174 -39.36 42.04 -22.15
CA ALA A 174 -39.01 42.51 -23.48
C ALA A 174 -39.78 43.75 -23.94
N TRP A 175 -41.12 43.69 -23.91
CA TRP A 175 -41.93 44.85 -24.33
C TRP A 175 -41.56 46.10 -23.54
N LYS A 176 -41.48 45.96 -22.21
CA LYS A 176 -41.03 47.03 -21.31
C LYS A 176 -39.67 47.59 -21.75
N TYR A 177 -38.78 46.71 -22.21
CA TYR A 177 -37.47 47.12 -22.72
C TYR A 177 -37.59 47.80 -24.08
N ALA A 178 -38.27 47.14 -25.03
CA ALA A 178 -38.37 47.64 -26.41
C ALA A 178 -38.92 49.05 -26.43
N LYS A 179 -40.02 49.25 -25.71
CA LYS A 179 -40.60 50.58 -25.51
C LYS A 179 -39.50 51.51 -25.00
N GLU A 180 -39.07 51.37 -23.74
CA GLU A 180 -38.01 52.21 -23.15
C GLU A 180 -36.82 52.64 -24.04
N ASN A 181 -36.42 51.79 -24.99
CA ASN A 181 -35.29 52.05 -25.90
C ASN A 181 -35.65 52.24 -27.39
N ASN A 182 -36.94 52.27 -27.73
CA ASN A 182 -37.38 52.34 -29.15
C ASN A 182 -36.76 51.28 -30.09
N ILE A 183 -37.01 50.01 -29.76
CA ILE A 183 -36.54 48.90 -30.56
C ILE A 183 -37.76 48.45 -31.35
N ASP A 184 -37.55 48.26 -32.65
CA ASP A 184 -38.58 47.68 -33.50
C ASP A 184 -38.59 46.21 -33.05
N PHE A 185 -39.80 45.73 -32.82
CA PHE A 185 -40.01 44.48 -32.12
C PHE A 185 -41.40 43.99 -32.44
N ILE A 186 -41.41 42.71 -32.74
CA ILE A 186 -42.61 41.96 -33.01
C ILE A 186 -42.52 40.67 -32.19
N THR A 187 -43.67 40.13 -31.79
CA THR A 187 -43.74 38.77 -31.29
C THR A 187 -44.85 38.02 -32.03
N ILE A 188 -44.61 36.73 -32.27
CA ILE A 188 -45.61 35.80 -32.79
C ILE A 188 -45.98 34.71 -31.77
N ILE A 189 -47.25 34.72 -31.40
CA ILE A 189 -47.76 33.69 -30.52
C ILE A 189 -48.27 32.55 -31.43
N PRO A 190 -47.53 31.43 -31.59
CA PRO A 190 -48.19 30.31 -32.32
C PRO A 190 -49.10 29.61 -31.34
N THR A 191 -49.84 28.64 -31.89
CA THR A 191 -50.51 27.65 -31.03
C THR A 191 -49.82 26.28 -31.27
N LEU A 192 -50.39 25.15 -30.85
CA LEU A 192 -49.63 23.91 -30.82
C LEU A 192 -49.37 23.75 -32.27
N VAL A 193 -48.11 23.84 -32.67
CA VAL A 193 -47.78 23.79 -34.09
C VAL A 193 -47.63 22.32 -34.56
N VAL A 194 -48.20 22.00 -35.72
CA VAL A 194 -48.30 20.62 -36.21
C VAL A 194 -48.02 20.73 -37.72
N GLY A 195 -47.71 19.61 -38.38
CA GLY A 195 -47.37 19.61 -39.80
C GLY A 195 -46.23 18.66 -40.14
N PRO A 196 -45.59 18.84 -41.32
CA PRO A 196 -44.43 18.02 -41.70
C PRO A 196 -43.23 18.46 -40.91
N PHE A 197 -42.05 18.01 -41.31
CA PHE A 197 -40.79 18.48 -40.71
C PHE A 197 -39.57 17.86 -41.35
N ILE A 198 -38.46 18.54 -41.09
CA ILE A 198 -37.14 18.05 -41.46
C ILE A 198 -36.21 17.74 -40.29
N MET A 199 -36.57 18.03 -39.05
CA MET A 199 -35.71 17.54 -37.96
C MET A 199 -35.70 15.98 -37.93
N SER A 200 -34.63 15.35 -37.45
CA SER A 200 -34.50 13.88 -37.56
C SER A 200 -35.04 13.10 -36.33
N SER A 201 -35.31 13.79 -35.22
CA SER A 201 -35.99 13.26 -34.01
C SER A 201 -37.45 13.75 -33.88
N MET A 202 -38.21 13.19 -32.92
CA MET A 202 -39.64 13.48 -32.78
C MET A 202 -39.81 14.90 -32.24
N PRO A 203 -40.47 15.80 -33.00
CA PRO A 203 -40.58 17.16 -32.47
C PRO A 203 -41.43 17.12 -31.21
N PRO A 204 -41.05 17.84 -30.15
CA PRO A 204 -41.68 17.83 -28.80
C PRO A 204 -43.20 18.10 -28.80
N SER A 205 -43.62 19.13 -29.55
CA SER A 205 -45.03 19.42 -29.87
C SER A 205 -45.80 18.36 -30.68
N LEU A 206 -45.09 17.58 -31.50
CA LEU A 206 -45.75 16.45 -32.15
C LEU A 206 -46.06 15.40 -31.09
N ILE A 207 -45.25 15.25 -30.04
CA ILE A 207 -45.55 14.31 -28.96
C ILE A 207 -46.92 14.64 -28.38
N THR A 208 -47.32 15.91 -28.39
CA THR A 208 -48.68 16.34 -28.02
C THR A 208 -49.84 16.18 -29.01
N ALA A 209 -49.62 16.52 -30.29
CA ALA A 209 -50.69 16.51 -31.34
C ALA A 209 -50.98 15.07 -31.73
N LEU A 210 -49.95 14.24 -31.63
CA LEU A 210 -50.11 12.82 -31.87
C LEU A 210 -50.58 12.04 -30.63
N SER A 211 -50.92 12.73 -29.52
CA SER A 211 -51.44 12.11 -28.28
C SER A 211 -52.63 11.12 -28.40
N PRO A 212 -53.73 11.49 -29.11
CA PRO A 212 -54.82 10.56 -29.39
C PRO A 212 -54.36 9.22 -29.99
N ILE A 213 -53.43 9.23 -30.95
CA ILE A 213 -52.84 7.99 -31.54
C ILE A 213 -51.96 7.22 -30.57
N THR A 214 -51.12 7.92 -29.80
CA THR A 214 -50.22 7.30 -28.82
C THR A 214 -50.81 6.91 -27.48
N GLY A 215 -51.85 7.61 -27.02
CA GLY A 215 -52.35 7.44 -25.64
C GLY A 215 -51.48 8.06 -24.54
N ASN A 216 -50.85 9.20 -24.86
CA ASN A 216 -50.06 10.09 -23.98
C ASN A 216 -50.99 10.91 -23.04
N GLU A 217 -51.68 10.24 -22.11
CA GLU A 217 -52.64 10.84 -21.15
C GLU A 217 -52.20 12.18 -20.47
N ALA A 218 -50.90 12.36 -20.21
CA ALA A 218 -50.35 13.66 -19.75
C ALA A 218 -50.46 14.86 -20.75
N HIS A 219 -50.51 14.58 -22.04
CA HIS A 219 -50.60 15.68 -22.95
C HIS A 219 -52.05 16.02 -23.37
N TYR A 220 -53.12 15.46 -22.77
CA TYR A 220 -54.51 15.82 -23.24
C TYR A 220 -55.03 17.20 -22.84
N SER A 221 -54.52 17.73 -21.73
CA SER A 221 -54.93 19.05 -21.23
C SER A 221 -54.60 20.18 -22.22
N ILE A 222 -53.57 20.02 -23.04
CA ILE A 222 -53.22 21.09 -23.95
C ILE A 222 -54.12 21.05 -25.17
N ILE A 223 -54.65 19.88 -25.51
CA ILE A 223 -55.55 19.74 -26.67
C ILE A 223 -57.06 19.57 -26.32
N ARG A 224 -57.38 19.49 -25.02
CA ARG A 224 -58.77 19.41 -24.53
C ARG A 224 -59.71 20.52 -25.13
N GLN A 225 -59.42 21.78 -24.84
CA GLN A 225 -59.86 22.93 -25.63
C GLN A 225 -58.71 23.38 -26.54
N GLY A 226 -58.46 22.61 -27.60
CA GLY A 226 -57.33 22.89 -28.50
C GLY A 226 -57.40 23.93 -29.63
N GLN A 227 -56.24 24.45 -30.03
CA GLN A 227 -56.03 25.36 -31.17
C GLN A 227 -54.81 24.92 -32.04
N PHE A 228 -54.80 25.29 -33.33
CA PHE A 228 -53.67 24.86 -34.17
C PHE A 228 -53.19 25.82 -35.25
N VAL A 229 -51.99 25.54 -35.74
CA VAL A 229 -51.36 26.27 -36.83
C VAL A 229 -50.46 25.26 -37.57
N HIS A 230 -50.55 25.22 -38.90
CA HIS A 230 -49.63 24.44 -39.72
C HIS A 230 -48.26 25.11 -39.60
N LEU A 231 -47.19 24.30 -39.67
CA LEU A 231 -45.81 24.75 -39.44
C LEU A 231 -45.39 25.70 -40.54
N ASP A 232 -45.74 25.35 -41.78
CA ASP A 232 -45.40 26.15 -42.96
C ASP A 232 -46.04 27.53 -42.96
N ASP A 233 -47.31 27.62 -42.57
CA ASP A 233 -47.95 28.92 -42.35
C ASP A 233 -47.20 29.73 -41.30
N LEU A 234 -46.95 29.10 -40.15
CA LEU A 234 -46.26 29.75 -39.02
C LEU A 234 -44.93 30.39 -39.45
N CYS A 235 -44.20 29.70 -40.32
CA CYS A 235 -42.95 30.20 -40.87
C CYS A 235 -43.16 31.31 -41.91
N ASN A 236 -44.00 31.11 -42.92
CA ASN A 236 -44.31 32.20 -43.87
C ASN A 236 -44.80 33.49 -43.16
N ALA A 237 -45.49 33.31 -42.03
CA ALA A 237 -45.91 34.41 -41.14
C ALA A 237 -44.80 35.09 -40.30
N HIS A 238 -43.75 34.35 -39.93
CA HIS A 238 -42.57 34.93 -39.27
C HIS A 238 -41.82 35.80 -40.27
N ILE A 239 -41.64 35.27 -41.48
CA ILE A 239 -41.06 36.00 -42.60
C ILE A 239 -41.94 37.20 -43.02
N TYR A 240 -43.25 36.93 -43.17
CA TYR A 240 -44.26 37.97 -43.50
C TYR A 240 -44.22 39.15 -42.57
N LEU A 241 -44.11 38.88 -41.26
CA LEU A 241 -44.10 39.92 -40.21
C LEU A 241 -42.75 40.62 -40.00
N PHE A 242 -41.66 39.98 -40.42
CA PHE A 242 -40.38 40.66 -40.56
C PHE A 242 -40.47 41.61 -41.77
N GLU A 243 -40.90 41.09 -42.91
CA GLU A 243 -40.94 41.85 -44.16
C GLU A 243 -42.04 42.91 -44.31
N ASN A 244 -43.07 42.89 -43.45
CA ASN A 244 -44.23 43.77 -43.58
C ASN A 244 -44.07 45.03 -42.77
N PRO A 245 -43.82 46.18 -43.43
CA PRO A 245 -43.47 47.35 -42.63
C PRO A 245 -44.51 47.83 -41.61
N LYS A 246 -45.81 47.60 -41.85
CA LYS A 246 -46.84 48.10 -40.96
C LYS A 246 -46.99 47.31 -39.67
N ALA A 247 -46.37 46.13 -39.59
CA ALA A 247 -46.51 45.22 -38.47
C ALA A 247 -46.04 45.88 -37.17
N GLU A 248 -46.87 45.84 -36.12
CA GLU A 248 -46.45 46.32 -34.79
C GLU A 248 -47.02 45.43 -33.68
N GLY A 249 -46.36 45.50 -32.53
CA GLY A 249 -46.79 44.75 -31.35
C GLY A 249 -46.79 43.23 -31.46
N ARG A 250 -47.78 42.57 -30.84
CA ARG A 250 -47.93 41.12 -30.81
C ARG A 250 -48.84 40.69 -31.94
N TYR A 251 -48.78 39.40 -32.28
CA TYR A 251 -49.46 38.85 -33.45
C TYR A 251 -49.80 37.36 -33.38
N ILE A 252 -51.07 37.03 -33.14
CA ILE A 252 -51.47 35.63 -32.96
C ILE A 252 -51.40 34.87 -34.27
N CYS A 253 -50.95 33.63 -34.21
CA CYS A 253 -50.91 32.80 -35.39
C CYS A 253 -51.50 31.44 -35.04
N SER A 254 -52.84 31.38 -34.96
CA SER A 254 -53.61 30.13 -34.89
C SER A 254 -54.61 30.10 -36.05
N SER A 255 -54.82 28.96 -36.70
CA SER A 255 -55.75 28.88 -37.84
C SER A 255 -56.98 27.94 -37.67
N HIS A 256 -57.02 27.12 -36.64
CA HIS A 256 -58.17 26.24 -36.37
C HIS A 256 -58.29 26.12 -34.87
N ASP A 257 -59.47 25.73 -34.40
CA ASP A 257 -59.79 25.52 -32.97
C ASP A 257 -60.97 24.57 -32.72
N CYS A 258 -60.66 23.31 -32.37
CA CYS A 258 -61.60 22.24 -32.01
C CYS A 258 -61.26 21.37 -30.77
N ILE A 259 -62.27 20.99 -29.94
CA ILE A 259 -62.09 20.19 -28.71
C ILE A 259 -61.44 18.80 -28.98
N ILE A 260 -60.85 18.15 -27.98
CA ILE A 260 -60.23 16.81 -28.26
C ILE A 260 -61.12 15.84 -29.06
N LEU A 261 -62.44 15.86 -28.85
CA LEU A 261 -63.39 14.98 -29.56
C LEU A 261 -63.39 15.11 -31.10
N ASP A 262 -63.40 16.36 -31.56
CA ASP A 262 -63.31 16.65 -33.02
C ASP A 262 -61.95 16.23 -33.61
N LEU A 263 -60.86 16.40 -32.85
CA LEU A 263 -59.55 15.87 -33.29
C LEU A 263 -59.53 14.34 -33.35
N ALA A 264 -59.94 13.67 -32.26
CA ALA A 264 -59.93 12.21 -32.27
C ALA A 264 -60.83 11.70 -33.40
N LYS A 265 -62.03 12.26 -33.55
CA LYS A 265 -62.94 11.95 -34.66
C LYS A 265 -62.27 12.19 -35.98
N MET A 266 -61.59 13.33 -36.07
CA MET A 266 -61.03 13.73 -37.34
C MET A 266 -59.97 12.74 -37.75
N LEU A 267 -59.12 12.35 -36.81
CA LEU A 267 -58.10 11.34 -37.10
C LEU A 267 -58.69 9.94 -37.36
N ARG A 268 -59.68 9.53 -36.57
CA ARG A 268 -60.32 8.21 -36.68
C ARG A 268 -60.76 7.92 -38.12
N GLU A 269 -61.37 8.90 -38.77
CA GLU A 269 -61.85 8.73 -40.16
C GLU A 269 -60.69 8.57 -41.17
N LYS A 270 -59.59 9.27 -40.90
CA LYS A 270 -58.38 9.21 -41.73
C LYS A 270 -57.43 8.03 -41.42
N TYR A 271 -57.40 7.54 -40.18
CA TYR A 271 -56.46 6.49 -39.75
C TYR A 271 -57.16 5.37 -38.96
N PRO A 272 -58.08 4.64 -39.61
CA PRO A 272 -58.73 3.47 -38.95
C PRO A 272 -57.76 2.41 -38.37
N GLU A 273 -56.63 2.18 -39.05
CA GLU A 273 -55.52 1.36 -38.56
C GLU A 273 -54.95 1.71 -37.17
N TYR A 274 -55.14 2.94 -36.72
CA TYR A 274 -54.97 3.27 -35.30
C TYR A 274 -56.32 3.16 -34.59
N ASN A 275 -56.36 2.36 -33.54
CA ASN A 275 -57.47 2.47 -32.61
C ASN A 275 -57.29 3.88 -32.07
N ILE A 276 -58.26 4.76 -32.26
CA ILE A 276 -58.26 6.04 -31.56
C ILE A 276 -59.56 6.12 -30.74
N PRO A 277 -59.47 6.37 -29.41
CA PRO A 277 -60.69 6.32 -28.62
C PRO A 277 -61.72 7.36 -29.06
N THR A 278 -62.96 6.92 -29.25
CA THR A 278 -64.11 7.78 -29.56
C THR A 278 -64.68 8.38 -28.26
N GLU A 279 -64.03 8.15 -27.12
CA GLU A 279 -64.43 8.73 -25.81
C GLU A 279 -63.34 9.26 -24.88
N PHE A 280 -63.60 10.40 -24.24
CA PHE A 280 -62.61 11.07 -23.41
C PHE A 280 -63.07 11.57 -22.02
N LYS A 281 -62.30 11.18 -21.01
CA LYS A 281 -62.74 11.23 -19.64
C LYS A 281 -62.80 12.70 -19.35
N GLY A 282 -63.93 13.18 -18.83
CA GLY A 282 -64.13 14.61 -18.52
C GLY A 282 -64.41 15.55 -19.68
N VAL A 283 -64.50 15.01 -20.90
CA VAL A 283 -64.84 15.76 -22.11
C VAL A 283 -66.19 15.34 -22.76
N ASP A 284 -67.22 16.17 -22.52
CA ASP A 284 -68.56 15.99 -23.09
C ASP A 284 -68.63 16.82 -24.35
N GLU A 285 -69.71 16.63 -25.10
CA GLU A 285 -69.91 17.27 -26.40
C GLU A 285 -70.53 18.69 -26.36
N ASN A 286 -70.85 19.19 -25.18
CA ASN A 286 -71.17 20.61 -25.00
C ASN A 286 -69.92 21.36 -24.45
N LEU A 287 -68.76 20.70 -24.44
CA LEU A 287 -67.50 21.40 -24.16
C LEU A 287 -67.18 22.27 -25.37
N LYS A 288 -67.29 23.59 -25.18
CA LYS A 288 -67.10 24.61 -26.22
C LYS A 288 -65.62 24.73 -26.60
N SER A 289 -65.35 25.24 -27.80
CA SER A 289 -63.99 25.37 -28.32
C SER A 289 -63.43 26.75 -28.02
N VAL A 290 -62.21 26.84 -27.51
CA VAL A 290 -61.63 28.14 -27.20
C VAL A 290 -60.81 28.52 -28.42
N CYS A 291 -61.20 29.64 -29.02
CA CYS A 291 -60.53 30.15 -30.22
C CYS A 291 -59.48 31.19 -29.91
N PHE A 292 -58.40 31.15 -30.67
CA PHE A 292 -57.38 32.22 -30.69
C PHE A 292 -57.58 33.07 -31.94
N SER A 293 -58.12 34.26 -31.75
CA SER A 293 -58.35 35.17 -32.86
C SER A 293 -57.06 35.63 -33.59
N SER A 294 -56.73 34.94 -34.69
CA SER A 294 -55.75 35.40 -35.68
C SER A 294 -56.10 36.66 -36.55
N LYS A 295 -57.21 37.32 -36.25
CA LYS A 295 -57.79 38.35 -37.14
C LYS A 295 -56.84 39.53 -37.43
N LYS A 296 -56.08 39.97 -36.42
CA LYS A 296 -55.07 41.02 -36.59
C LYS A 296 -54.14 40.73 -37.76
N LEU A 297 -53.74 39.45 -37.87
CA LEU A 297 -52.80 38.99 -38.90
C LEU A 297 -53.46 38.87 -40.26
N THR A 298 -54.70 38.34 -40.33
CA THR A 298 -55.45 38.25 -41.60
C THR A 298 -55.90 39.60 -42.21
N ASP A 299 -56.22 40.57 -41.33
CA ASP A 299 -56.46 41.97 -41.70
C ASP A 299 -55.29 42.67 -42.36
N LEU A 300 -54.06 42.24 -42.09
CA LEU A 300 -52.89 42.76 -42.82
C LEU A 300 -52.87 42.26 -44.24
N GLY A 301 -53.50 41.12 -44.53
CA GLY A 301 -53.36 40.45 -45.81
C GLY A 301 -52.75 39.05 -45.76
N PHE A 302 -52.12 38.65 -44.65
CA PHE A 302 -51.70 37.26 -44.46
C PHE A 302 -52.86 36.31 -44.70
N GLU A 303 -52.60 35.23 -45.44
CA GLU A 303 -53.59 34.22 -45.81
C GLU A 303 -53.09 32.84 -45.39
N PHE A 304 -53.78 32.16 -44.48
CA PHE A 304 -53.49 30.75 -44.18
C PHE A 304 -53.77 29.78 -45.33
N LYS A 305 -52.84 28.87 -45.56
CA LYS A 305 -52.91 27.98 -46.70
C LYS A 305 -53.24 26.53 -46.36
N TYR A 306 -53.27 26.14 -45.08
CA TYR A 306 -53.44 24.71 -44.75
C TYR A 306 -54.46 24.40 -43.66
N SER A 307 -55.26 23.37 -43.90
CA SER A 307 -56.33 22.91 -43.00
C SER A 307 -55.83 22.04 -41.85
N LEU A 308 -56.70 21.86 -40.85
CA LEU A 308 -56.42 20.94 -39.73
C LEU A 308 -55.87 19.61 -40.29
N GLU A 309 -56.53 19.07 -41.31
CA GLU A 309 -56.18 17.76 -41.87
C GLU A 309 -54.78 17.77 -42.49
N ASP A 310 -54.42 18.87 -43.14
CA ASP A 310 -53.14 18.97 -43.83
C ASP A 310 -52.03 18.77 -42.81
N MET A 311 -52.07 19.58 -41.75
CA MET A 311 -51.12 19.45 -40.62
C MET A 311 -51.01 18.01 -40.13
N PHE A 312 -52.12 17.39 -39.74
CA PHE A 312 -52.04 16.03 -39.21
C PHE A 312 -51.70 14.95 -40.27
N THR A 313 -51.79 15.22 -41.57
CA THR A 313 -51.29 14.26 -42.56
C THR A 313 -49.82 14.56 -42.89
N GLY A 314 -49.37 15.79 -42.71
CA GLY A 314 -47.92 16.08 -42.73
C GLY A 314 -47.12 15.49 -41.58
N ALA A 315 -47.70 15.55 -40.38
CA ALA A 315 -47.05 15.05 -39.17
C ALA A 315 -47.11 13.53 -39.16
N VAL A 316 -48.29 12.95 -39.39
CA VAL A 316 -48.38 11.47 -39.56
C VAL A 316 -47.48 10.84 -40.66
N ASP A 317 -47.58 11.31 -41.90
CA ASP A 317 -46.65 10.88 -42.95
C ASP A 317 -45.19 11.04 -42.54
N THR A 318 -44.72 12.26 -42.26
CA THR A 318 -43.28 12.48 -41.94
C THR A 318 -42.79 11.54 -40.83
N CYS A 319 -43.60 11.32 -39.80
CA CYS A 319 -43.30 10.35 -38.74
C CYS A 319 -43.24 8.89 -39.22
N ARG A 320 -44.29 8.38 -39.85
CA ARG A 320 -44.21 7.06 -40.48
C ARG A 320 -42.92 6.86 -41.31
N ALA A 321 -42.62 7.78 -42.21
CA ALA A 321 -41.41 7.72 -43.05
C ALA A 321 -40.17 7.52 -42.18
N LYS A 322 -39.95 8.51 -41.32
CA LYS A 322 -38.82 8.55 -40.40
C LYS A 322 -38.83 7.45 -39.30
N GLY A 323 -40.01 6.87 -39.03
CA GLY A 323 -40.17 5.73 -38.12
C GLY A 323 -40.31 5.98 -36.62
N LEU A 324 -41.03 7.04 -36.24
CA LEU A 324 -41.25 7.49 -34.85
C LEU A 324 -42.69 7.26 -34.36
N LEU A 325 -43.61 7.22 -35.32
CA LEU A 325 -44.94 6.60 -35.19
C LEU A 325 -44.91 5.28 -35.93
N PRO A 326 -45.50 4.21 -35.34
CA PRO A 326 -45.66 2.92 -36.03
C PRO A 326 -46.59 3.05 -37.22
N PRO A 327 -46.55 2.12 -38.19
CA PRO A 327 -47.59 2.09 -39.24
C PRO A 327 -49.06 1.81 -38.82
N SER A 328 -49.28 1.14 -37.69
CA SER A 328 -50.61 0.69 -37.30
C SER A 328 -50.74 0.24 -35.82
N HIS A 329 -51.95 -0.15 -35.41
CA HIS A 329 -52.14 -0.80 -34.13
C HIS A 329 -52.68 -2.20 -34.36
N GLU B 6 17.32 35.74 -4.95
CA GLU B 6 16.96 34.54 -5.75
C GLU B 6 15.78 33.79 -5.11
N THR B 7 14.95 33.21 -5.97
CA THR B 7 13.64 32.73 -5.61
C THR B 7 13.55 31.22 -5.75
N VAL B 8 13.08 30.60 -4.67
CA VAL B 8 13.00 29.16 -4.55
C VAL B 8 11.62 28.70 -4.10
N CYS B 9 10.99 27.81 -4.85
CA CYS B 9 9.74 27.18 -4.44
C CYS B 9 9.88 26.11 -3.32
N VAL B 10 8.96 26.10 -2.37
CA VAL B 10 8.90 25.03 -1.35
C VAL B 10 7.52 24.38 -1.27
N THR B 11 7.39 23.16 -1.77
CA THR B 11 6.08 22.54 -1.84
C THR B 11 5.67 21.97 -0.47
N GLY B 12 4.42 22.22 -0.10
CA GLY B 12 3.91 21.75 1.17
C GLY B 12 4.40 22.56 2.35
N ALA B 13 4.42 23.89 2.22
CA ALA B 13 5.01 24.72 3.26
C ALA B 13 4.23 24.74 4.55
N SER B 14 2.97 24.30 4.58
CA SER B 14 2.28 24.32 5.87
C SER B 14 2.90 23.29 6.79
N GLY B 15 3.36 22.16 6.25
CA GLY B 15 3.90 21.05 7.07
C GLY B 15 5.07 21.23 8.06
N PHE B 16 5.45 20.13 8.69
CA PHE B 16 6.39 20.11 9.82
C PHE B 16 7.80 20.40 9.32
N ILE B 17 8.21 19.76 8.23
CA ILE B 17 9.49 20.03 7.58
C ILE B 17 9.34 21.35 6.76
N GLY B 18 8.40 21.42 5.83
CA GLY B 18 8.09 22.62 5.01
C GLY B 18 8.09 24.01 5.66
N SER B 19 7.44 24.14 6.80
CA SER B 19 7.38 25.42 7.49
C SER B 19 8.78 25.81 7.93
N TRP B 20 9.40 25.00 8.77
CA TRP B 20 10.78 25.22 9.22
C TRP B 20 11.76 25.44 8.07
N LEU B 21 11.67 24.64 7.02
CA LEU B 21 12.47 24.93 5.83
C LEU B 21 12.25 26.35 5.31
N VAL B 22 10.99 26.79 5.36
CA VAL B 22 10.60 28.08 4.80
C VAL B 22 11.09 29.17 5.72
N MET B 23 10.96 28.93 7.03
CA MET B 23 11.53 29.83 8.00
C MET B 23 13.00 30.03 7.76
N ARG B 24 13.73 28.94 7.51
CA ARG B 24 15.22 28.98 7.41
C ARG B 24 15.72 29.63 6.12
N LEU B 25 15.12 29.23 5.01
CA LEU B 25 15.31 29.88 3.72
C LEU B 25 14.98 31.38 3.68
N LEU B 26 14.09 31.87 4.56
CA LEU B 26 13.86 33.30 4.66
C LEU B 26 15.00 33.92 5.44
N GLU B 27 15.29 33.35 6.62
CA GLU B 27 16.26 33.98 7.53
C GLU B 27 17.55 34.25 6.77
N ARG B 28 17.75 33.55 5.66
CA ARG B 28 19.00 33.56 4.89
C ARG B 28 18.88 34.35 3.58
N GLY B 29 17.95 35.29 3.54
CA GLY B 29 17.75 36.10 2.34
C GLY B 29 17.26 35.44 1.05
N TYR B 30 16.49 34.37 1.12
CA TYR B 30 15.81 33.96 -0.12
C TYR B 30 14.42 34.58 -0.21
N THR B 31 13.81 34.40 -1.37
CA THR B 31 12.41 34.72 -1.62
C THR B 31 11.74 33.38 -1.93
N VAL B 32 10.85 32.95 -1.03
CA VAL B 32 10.18 31.65 -1.14
C VAL B 32 8.80 31.80 -1.75
N ARG B 33 8.42 30.85 -2.60
CA ARG B 33 7.04 30.68 -3.00
C ARG B 33 6.47 29.40 -2.37
N ALA B 34 5.65 29.55 -1.34
CA ALA B 34 5.09 28.41 -0.63
C ALA B 34 3.85 27.89 -1.34
N THR B 35 3.79 26.59 -1.61
CA THR B 35 2.52 25.98 -2.03
C THR B 35 1.78 25.31 -0.86
N VAL B 36 0.47 25.36 -0.90
CA VAL B 36 -0.37 24.66 0.08
C VAL B 36 -1.60 24.25 -0.70
N ARG B 37 -2.33 23.28 -0.17
CA ARG B 37 -3.57 22.90 -0.81
C ARG B 37 -4.67 23.86 -0.51
N ASP B 38 -4.63 24.46 0.67
CA ASP B 38 -5.73 25.27 1.03
C ASP B 38 -5.29 26.49 1.82
N PRO B 39 -5.27 27.63 1.13
CA PRO B 39 -4.83 28.86 1.75
C PRO B 39 -5.79 29.48 2.77
N THR B 40 -7.05 29.05 2.77
CA THR B 40 -8.04 29.61 3.68
C THR B 40 -7.95 29.04 5.07
N ASN B 41 -7.03 28.12 5.33
CA ASN B 41 -6.90 27.40 6.60
C ASN B 41 -5.86 28.03 7.51
N VAL B 42 -6.31 28.65 8.58
CA VAL B 42 -5.45 29.45 9.44
C VAL B 42 -4.49 28.56 10.22
N LYS B 43 -4.93 27.34 10.52
CA LYS B 43 -4.04 26.35 11.13
C LYS B 43 -2.88 26.01 10.24
N LYS B 44 -3.09 26.09 8.92
CA LYS B 44 -2.06 25.79 7.95
C LYS B 44 -1.22 26.96 7.45
N VAL B 45 -1.67 28.21 7.54
CA VAL B 45 -0.91 29.35 7.03
C VAL B 45 -0.46 30.40 8.06
N LYS B 46 -1.12 30.58 9.19
CA LYS B 46 -0.62 31.57 10.16
C LYS B 46 0.89 31.44 10.43
N HIS B 47 1.31 30.29 10.93
CA HIS B 47 2.72 30.10 11.20
C HIS B 47 3.60 30.64 10.06
N LEU B 48 3.31 30.31 8.80
CA LEU B 48 4.13 30.83 7.70
C LEU B 48 4.13 32.35 7.79
N LEU B 49 2.96 32.96 7.65
CA LEU B 49 2.84 34.39 7.78
C LEU B 49 3.32 35.05 9.07
N ASP B 50 3.57 34.34 10.15
CA ASP B 50 4.21 34.97 11.31
C ASP B 50 5.71 34.95 11.17
N LEU B 51 6.23 34.29 10.14
CA LEU B 51 7.67 34.32 9.93
C LEU B 51 8.08 35.76 9.62
N PRO B 52 9.09 36.29 10.32
CA PRO B 52 9.55 37.63 9.96
C PRO B 52 10.09 37.59 8.54
N LYS B 53 9.93 38.70 7.83
CA LYS B 53 10.13 38.82 6.38
C LYS B 53 8.98 38.25 5.53
N ALA B 54 7.88 37.82 6.16
CA ALA B 54 6.80 37.18 5.40
C ALA B 54 6.19 38.12 4.37
N GLU B 55 6.08 39.40 4.70
CA GLU B 55 5.48 40.37 3.77
C GLU B 55 6.33 40.56 2.52
N THR B 56 7.62 40.79 2.72
CA THR B 56 8.50 41.16 1.61
C THR B 56 8.81 39.98 0.73
N HIS B 57 9.13 38.84 1.35
CA HIS B 57 9.76 37.73 0.62
C HIS B 57 8.90 36.50 0.33
N LEU B 58 7.98 36.20 1.23
CA LEU B 58 7.12 35.04 1.10
C LEU B 58 5.84 35.32 0.33
N THR B 59 5.57 34.55 -0.72
CA THR B 59 4.31 34.57 -1.44
C THR B 59 3.70 33.15 -1.32
N LEU B 60 2.38 32.96 -1.42
CA LEU B 60 1.73 31.65 -1.28
C LEU B 60 0.99 31.29 -2.54
N TRP B 61 0.72 29.99 -2.72
CA TRP B 61 0.25 29.42 -3.97
C TRP B 61 -0.57 28.19 -3.69
N LYS B 62 -1.56 27.92 -4.53
CA LYS B 62 -2.50 26.81 -4.35
C LYS B 62 -2.25 25.68 -5.36
N ALA B 63 -1.63 24.59 -4.94
CA ALA B 63 -1.45 23.39 -5.79
C ALA B 63 -1.69 22.13 -4.98
N ASP B 64 -2.10 21.10 -5.71
CA ASP B 64 -2.37 19.78 -5.16
C ASP B 64 -1.74 18.78 -6.13
N LEU B 65 -0.83 17.94 -5.65
CA LEU B 65 -0.24 16.87 -6.41
C LEU B 65 -1.27 16.07 -7.18
N ALA B 66 -2.44 15.84 -6.61
CA ALA B 66 -3.48 15.13 -7.38
C ALA B 66 -4.01 15.89 -8.60
N ASP B 67 -3.73 17.20 -8.74
CA ASP B 67 -4.13 17.98 -9.92
C ASP B 67 -2.97 18.17 -10.93
N GLU B 68 -3.18 17.68 -12.13
CA GLU B 68 -2.19 17.86 -13.19
C GLU B 68 -1.70 19.30 -13.50
N GLY B 69 -0.40 19.46 -13.51
CA GLY B 69 0.19 20.75 -13.80
C GLY B 69 -0.23 21.89 -12.91
N SER B 70 -0.73 21.61 -11.70
CA SER B 70 -1.13 22.64 -10.75
C SER B 70 0.00 23.41 -10.08
N PHE B 71 1.26 23.07 -10.36
CA PHE B 71 2.44 23.69 -9.73
C PHE B 71 3.22 24.64 -10.63
N ASP B 72 2.86 24.72 -11.91
CA ASP B 72 3.53 25.54 -12.91
C ASP B 72 3.74 26.97 -12.41
N GLU B 73 2.67 27.59 -11.91
CA GLU B 73 2.68 29.02 -11.62
C GLU B 73 3.60 29.40 -10.47
N ALA B 74 3.83 28.44 -9.57
CA ALA B 74 4.67 28.68 -8.43
C ALA B 74 6.10 28.28 -8.74
N ILE B 75 6.34 27.57 -9.84
CA ILE B 75 7.70 27.18 -10.19
C ILE B 75 8.36 28.18 -11.13
N LYS B 76 7.59 28.67 -12.12
CA LYS B 76 8.03 29.78 -12.97
C LYS B 76 8.93 30.78 -12.24
N GLY B 77 10.08 31.09 -12.83
CA GLY B 77 10.96 32.12 -12.29
C GLY B 77 11.78 31.80 -11.06
N CYS B 78 11.70 30.56 -10.59
CA CYS B 78 12.52 30.08 -9.47
C CYS B 78 13.90 29.56 -9.93
N THR B 79 14.89 29.61 -9.04
CA THR B 79 16.20 29.01 -9.29
C THR B 79 16.16 27.58 -8.77
N GLY B 80 15.60 27.42 -7.57
CA GLY B 80 15.34 26.13 -6.93
C GLY B 80 13.91 25.83 -6.48
N VAL B 81 13.64 24.54 -6.35
CA VAL B 81 12.34 24.02 -5.98
C VAL B 81 12.55 22.85 -5.07
N PHE B 82 12.16 22.98 -3.81
CA PHE B 82 12.15 21.87 -2.85
C PHE B 82 10.77 21.22 -2.78
N HIS B 83 10.65 19.99 -3.29
CA HIS B 83 9.41 19.23 -3.21
C HIS B 83 9.28 18.40 -1.91
N VAL B 84 8.82 19.05 -0.82
CA VAL B 84 8.58 18.46 0.50
C VAL B 84 7.15 17.89 0.80
N ALA B 85 6.25 17.95 -0.18
CA ALA B 85 4.85 17.58 -0.01
C ALA B 85 4.56 16.14 -0.33
N THR B 86 3.62 15.55 0.36
CA THR B 86 3.26 14.16 0.04
C THR B 86 1.86 13.88 0.57
N PRO B 87 1.05 13.13 -0.15
CA PRO B 87 -0.26 12.72 0.36
C PRO B 87 -0.18 11.73 1.52
N MET B 88 -1.21 11.71 2.37
CA MET B 88 -1.34 10.79 3.50
C MET B 88 -2.43 9.76 3.08
N ASP B 89 -2.88 8.80 3.89
CA ASP B 89 -3.94 7.82 3.46
C ASP B 89 -5.11 8.23 4.34
N PHE B 90 -5.70 9.39 4.02
CA PHE B 90 -6.73 10.09 4.83
C PHE B 90 -8.17 9.53 4.74
N GLU B 91 -8.66 9.28 3.53
CA GLU B 91 -10.02 8.76 3.32
C GLU B 91 -10.00 7.25 3.52
N SER B 92 -8.84 6.65 3.26
CA SER B 92 -8.57 5.25 3.53
C SER B 92 -9.54 4.26 2.90
N LYS B 93 -9.95 4.58 1.68
CA LYS B 93 -10.78 3.67 0.93
C LYS B 93 -9.89 3.10 -0.17
N ASP B 94 -9.08 3.90 -0.84
CA ASP B 94 -8.30 3.44 -2.01
C ASP B 94 -6.92 4.06 -2.15
N PRO B 95 -5.90 3.48 -1.51
CA PRO B 95 -4.59 4.09 -1.44
C PRO B 95 -3.75 4.13 -2.70
N GLU B 96 -3.86 3.16 -3.61
CA GLU B 96 -3.23 3.32 -4.94
C GLU B 96 -3.66 4.64 -5.59
N ASN B 97 -4.97 4.90 -5.67
CA ASN B 97 -5.51 6.12 -6.23
C ASN B 97 -5.35 7.35 -5.35
N GLU B 98 -5.62 7.24 -4.05
CA GLU B 98 -5.38 8.39 -3.15
C GLU B 98 -3.92 8.74 -2.85
N VAL B 99 -3.02 7.75 -2.80
CA VAL B 99 -1.68 8.00 -2.27
C VAL B 99 -0.58 7.75 -3.29
N ILE B 100 -0.53 6.50 -3.76
CA ILE B 100 0.56 6.03 -4.60
C ILE B 100 0.48 6.86 -5.86
N LYS B 101 -0.68 6.86 -6.51
CA LYS B 101 -0.85 7.49 -7.83
C LYS B 101 -0.47 8.98 -7.91
N PRO B 102 -1.05 9.82 -7.04
CA PRO B 102 -0.63 11.21 -6.97
C PRO B 102 0.79 11.50 -6.57
N THR B 103 1.46 10.63 -5.84
CA THR B 103 2.85 10.90 -5.37
C THR B 103 3.77 10.68 -6.56
N ILE B 104 3.54 9.60 -7.30
CA ILE B 104 4.34 9.26 -8.49
C ILE B 104 4.06 10.30 -9.58
N GLU B 105 2.80 10.40 -10.04
CA GLU B 105 2.40 11.36 -11.07
C GLU B 105 2.44 12.83 -10.69
N GLY B 106 2.41 13.10 -9.39
CA GLY B 106 2.80 14.41 -8.84
C GLY B 106 4.25 14.74 -9.11
N MET B 107 5.18 13.95 -8.55
CA MET B 107 6.63 14.11 -8.65
C MET B 107 7.08 14.45 -10.08
N LEU B 108 6.59 13.64 -11.04
CA LEU B 108 6.89 13.81 -12.46
C LEU B 108 6.32 15.11 -13.03
N GLY B 109 5.13 15.48 -12.55
CA GLY B 109 4.54 16.78 -12.81
C GLY B 109 5.47 17.91 -12.43
N ILE B 110 6.05 17.85 -11.23
CA ILE B 110 6.82 18.95 -10.69
C ILE B 110 8.16 19.02 -11.38
N MET B 111 8.74 17.85 -11.62
CA MET B 111 9.93 17.73 -12.45
C MET B 111 9.68 18.37 -13.82
N LYS B 112 8.80 17.84 -14.67
CA LYS B 112 8.41 18.49 -15.93
C LYS B 112 8.38 20.04 -15.81
N SER B 113 7.49 20.57 -14.97
CA SER B 113 7.43 22.00 -14.68
C SER B 113 8.78 22.61 -14.37
N CYS B 114 9.63 21.91 -13.63
CA CYS B 114 10.99 22.42 -13.45
C CYS B 114 11.72 22.60 -14.79
N ALA B 115 11.88 21.54 -15.59
CA ALA B 115 12.46 21.65 -16.93
C ALA B 115 11.85 22.78 -17.74
N ALA B 116 10.52 22.75 -17.89
CA ALA B 116 9.81 23.76 -18.64
C ALA B 116 10.16 25.18 -18.20
N ALA B 117 10.04 25.47 -16.91
CA ALA B 117 10.37 26.78 -16.37
C ALA B 117 11.67 27.42 -16.87
N LYS B 118 12.65 26.63 -17.28
CA LYS B 118 13.91 27.15 -17.81
C LYS B 118 14.71 27.99 -16.82
N THR B 119 14.39 28.06 -15.53
CA THR B 119 15.19 28.91 -14.65
C THR B 119 15.76 28.06 -13.53
N VAL B 120 15.16 26.87 -13.38
CA VAL B 120 15.34 25.98 -12.23
C VAL B 120 16.69 25.27 -12.35
N ARG B 121 17.67 25.75 -11.59
CA ARG B 121 18.96 25.13 -11.64
C ARG B 121 18.96 23.80 -10.87
N ARG B 122 18.02 23.55 -9.97
CA ARG B 122 18.03 22.30 -9.20
C ARG B 122 16.72 22.01 -8.47
N LEU B 123 16.29 20.75 -8.54
CA LEU B 123 15.16 20.21 -7.79
C LEU B 123 15.77 19.38 -6.66
N VAL B 124 15.43 19.70 -5.42
CA VAL B 124 15.67 18.82 -4.27
C VAL B 124 14.37 18.09 -3.94
N PHE B 125 14.42 16.77 -3.89
CA PHE B 125 13.23 15.98 -3.57
C PHE B 125 13.42 15.40 -2.16
N THR B 126 12.50 15.70 -1.24
CA THR B 126 12.53 15.10 0.09
C THR B 126 11.92 13.73 -0.01
N SER B 127 12.71 12.68 0.25
CA SER B 127 12.26 11.29 0.11
C SER B 127 11.98 10.67 1.49
N SER B 128 12.00 9.34 1.61
CA SER B 128 11.71 8.66 2.88
C SER B 128 12.59 7.44 3.21
N ALA B 129 12.86 7.32 4.51
CA ALA B 129 13.62 6.22 5.10
C ALA B 129 13.14 4.91 4.56
N GLY B 130 11.82 4.75 4.50
CA GLY B 130 11.18 3.52 4.02
C GLY B 130 11.17 3.24 2.54
N THR B 131 11.94 4.04 1.79
CA THR B 131 12.41 3.77 0.41
C THR B 131 13.74 2.98 0.50
N VAL B 132 14.37 3.01 1.66
CA VAL B 132 15.64 2.31 1.88
C VAL B 132 15.49 0.87 2.43
N ASN B 133 14.88 0.78 3.61
CA ASN B 133 15.01 -0.35 4.47
C ASN B 133 13.74 -1.15 4.78
N ILE B 134 12.85 -1.29 3.79
CA ILE B 134 11.67 -2.12 3.95
C ILE B 134 11.91 -3.39 3.16
N GLN B 135 12.41 -4.37 3.90
CA GLN B 135 12.74 -5.70 3.39
C GLN B 135 12.76 -6.66 4.57
N GLU B 136 12.61 -7.95 4.25
CA GLU B 136 12.35 -8.98 5.22
C GLU B 136 13.41 -8.96 6.31
N HIS B 137 14.69 -9.08 5.94
CA HIS B 137 15.80 -9.00 6.92
C HIS B 137 16.63 -7.70 6.79
N GLN B 138 17.01 -7.15 7.93
CA GLN B 138 17.61 -5.83 8.01
C GLN B 138 19.11 -5.90 7.92
N LEU B 139 19.66 -5.10 7.03
CA LEU B 139 21.07 -4.87 7.02
C LEU B 139 21.46 -4.15 8.31
N PRO B 140 22.66 -4.42 8.82
CA PRO B 140 23.07 -3.66 10.00
C PRO B 140 23.41 -2.25 9.68
N VAL B 141 23.61 -1.91 8.42
CA VAL B 141 23.76 -0.51 8.01
C VAL B 141 23.28 -0.32 6.57
N TYR B 142 22.63 0.82 6.38
CA TYR B 142 22.00 1.17 5.13
C TYR B 142 22.74 2.40 4.56
N ASP B 143 22.94 2.39 3.24
CA ASP B 143 23.45 3.57 2.52
C ASP B 143 22.61 3.84 1.27
N GLU B 144 23.02 4.83 0.49
CA GLU B 144 22.23 5.36 -0.62
C GLU B 144 21.97 4.36 -1.76
N SER B 145 22.68 3.24 -1.86
CA SER B 145 22.46 2.33 -2.99
C SER B 145 21.30 1.37 -2.75
N CYS B 146 20.80 1.32 -1.52
CA CYS B 146 19.74 0.41 -1.07
C CYS B 146 18.34 0.99 -1.24
N TRP B 147 17.51 0.26 -1.99
CA TRP B 147 16.11 0.56 -2.24
C TRP B 147 15.28 -0.48 -1.53
N SER B 148 14.09 -0.10 -1.09
CA SER B 148 13.22 -1.05 -0.43
C SER B 148 12.73 -2.14 -1.38
N ASP B 149 12.25 -3.25 -0.86
CA ASP B 149 11.89 -4.40 -1.68
C ASP B 149 10.40 -4.29 -1.98
N MET B 150 10.10 -3.87 -3.20
CA MET B 150 8.73 -3.72 -3.63
C MET B 150 7.97 -5.02 -3.80
N GLU B 151 8.63 -6.14 -4.08
CA GLU B 151 7.92 -7.43 -4.07
C GLU B 151 7.40 -7.79 -2.67
N PHE B 152 8.24 -7.53 -1.67
CA PHE B 152 7.94 -7.82 -0.30
C PHE B 152 6.83 -6.92 0.22
N CYS B 153 6.84 -5.67 -0.23
CA CYS B 153 5.78 -4.76 0.20
C CYS B 153 4.45 -5.26 -0.31
N ARG B 154 4.38 -5.65 -1.57
CA ARG B 154 3.12 -6.03 -2.21
C ARG B 154 2.62 -7.41 -1.75
N ALA B 155 3.54 -8.31 -1.41
CA ALA B 155 3.26 -9.63 -0.81
C ALA B 155 2.67 -9.53 0.59
N LYS B 156 3.19 -8.64 1.43
CA LYS B 156 2.83 -8.68 2.84
C LYS B 156 1.69 -7.72 3.16
N LYS B 157 1.70 -6.57 2.52
CA LYS B 157 0.73 -5.51 2.75
C LYS B 157 0.69 -5.04 4.20
N MET B 158 1.82 -4.61 4.74
CA MET B 158 1.94 -4.29 6.15
C MET B 158 1.40 -2.89 6.43
N THR B 159 1.15 -2.53 7.69
CA THR B 159 0.77 -1.16 8.01
C THR B 159 1.76 -0.21 7.36
N ALA B 160 1.24 0.89 6.85
CA ALA B 160 2.02 1.88 6.12
C ALA B 160 2.61 1.44 4.78
N TRP B 161 2.16 0.33 4.23
CA TRP B 161 2.72 -0.11 2.98
C TRP B 161 2.61 0.94 1.92
N MET B 162 1.50 1.67 1.88
CA MET B 162 1.30 2.73 0.91
C MET B 162 2.39 3.79 1.00
N TYR B 163 2.77 4.15 2.23
CA TYR B 163 3.81 5.14 2.39
C TYR B 163 5.15 4.63 1.83
N PHE B 164 5.42 3.32 1.89
CA PHE B 164 6.70 2.84 1.42
C PHE B 164 6.66 2.80 -0.08
N VAL B 165 5.68 2.10 -0.65
CA VAL B 165 5.65 1.91 -2.09
C VAL B 165 5.55 3.27 -2.79
N SER B 166 4.80 4.22 -2.24
CA SER B 166 4.55 5.45 -2.96
C SER B 166 5.85 6.22 -3.15
N LYS B 167 6.57 6.41 -2.04
CA LYS B 167 7.80 7.17 -2.07
C LYS B 167 8.81 6.42 -2.87
N THR B 168 8.83 5.11 -2.75
CA THR B 168 9.80 4.35 -3.51
C THR B 168 9.55 4.48 -5.00
N LEU B 169 8.28 4.39 -5.41
CA LEU B 169 7.98 4.32 -6.85
C LEU B 169 8.16 5.65 -7.50
N ALA B 170 7.98 6.68 -6.67
CA ALA B 170 8.03 8.06 -7.09
C ALA B 170 9.48 8.41 -7.29
N GLU B 171 10.30 8.15 -6.27
CA GLU B 171 11.70 8.54 -6.29
C GLU B 171 12.41 7.81 -7.43
N GLN B 172 12.13 6.52 -7.60
CA GLN B 172 12.73 5.75 -8.67
C GLN B 172 12.31 6.32 -10.04
N ALA B 173 11.02 6.63 -10.22
CA ALA B 173 10.49 7.21 -11.46
C ALA B 173 11.13 8.57 -11.80
N ALA B 174 11.45 9.32 -10.75
CA ALA B 174 12.09 10.61 -10.88
C ALA B 174 13.54 10.55 -11.37
N TRP B 175 14.30 9.54 -10.97
CA TRP B 175 15.67 9.34 -11.45
C TRP B 175 15.65 8.87 -12.90
N LYS B 176 14.84 7.86 -13.21
CA LYS B 176 14.65 7.45 -14.59
C LYS B 176 14.54 8.71 -15.45
N TYR B 177 13.68 9.64 -15.02
CA TYR B 177 13.41 10.90 -15.72
C TYR B 177 14.53 11.92 -15.65
N ALA B 178 15.15 12.09 -14.49
CA ALA B 178 16.21 13.10 -14.38
C ALA B 178 17.40 12.76 -15.28
N LYS B 179 17.89 11.54 -15.15
CA LYS B 179 19.02 11.08 -15.93
C LYS B 179 18.71 11.09 -17.44
N GLU B 180 17.53 10.63 -17.84
CA GLU B 180 17.06 10.68 -19.23
C GLU B 180 16.98 12.07 -19.91
N ASN B 181 16.89 13.15 -19.14
CA ASN B 181 16.79 14.49 -19.69
C ASN B 181 17.95 15.37 -19.17
N ASN B 182 18.82 14.80 -18.36
CA ASN B 182 19.81 15.54 -17.53
C ASN B 182 19.27 16.82 -16.86
N ILE B 183 18.32 16.57 -15.98
CA ILE B 183 17.81 17.53 -15.02
C ILE B 183 18.74 17.32 -13.85
N ASP B 184 19.28 18.41 -13.32
CA ASP B 184 20.10 18.33 -12.16
C ASP B 184 19.25 18.10 -10.90
N PHE B 185 19.46 16.97 -10.22
CA PHE B 185 18.51 16.47 -9.22
C PHE B 185 19.20 15.80 -8.03
N ILE B 186 18.79 16.17 -6.82
CA ILE B 186 19.17 15.50 -5.58
C ILE B 186 17.93 14.92 -4.89
N THR B 187 18.04 13.82 -4.15
CA THR B 187 17.00 13.46 -3.20
C THR B 187 17.60 13.51 -1.80
N ILE B 188 16.79 13.65 -0.77
CA ILE B 188 17.28 13.56 0.60
C ILE B 188 16.45 12.53 1.32
N ILE B 189 17.05 11.44 1.80
CA ILE B 189 16.31 10.50 2.69
C ILE B 189 16.46 10.86 4.17
N PRO B 190 15.41 11.44 4.79
CA PRO B 190 15.45 11.60 6.22
C PRO B 190 14.87 10.35 6.88
N THR B 191 15.31 10.20 8.12
CA THR B 191 14.85 9.15 8.99
C THR B 191 13.91 10.00 9.83
N LEU B 192 13.58 9.55 11.02
CA LEU B 192 12.49 10.13 11.77
C LEU B 192 12.75 11.54 12.26
N VAL B 193 11.98 12.48 11.74
CA VAL B 193 12.30 13.88 11.98
C VAL B 193 11.73 14.25 13.34
N VAL B 194 12.60 14.55 14.31
CA VAL B 194 12.16 14.97 15.63
C VAL B 194 12.78 16.30 15.96
N GLY B 195 12.06 17.15 16.69
CA GLY B 195 12.61 18.43 17.12
C GLY B 195 11.56 19.41 17.59
N PRO B 196 11.93 20.67 17.79
CA PRO B 196 10.88 21.61 18.17
C PRO B 196 10.25 21.89 16.83
N PHE B 197 9.21 22.72 16.79
CA PHE B 197 8.52 23.04 15.53
C PHE B 197 7.77 24.38 15.57
N ILE B 198 7.23 24.83 14.44
CA ILE B 198 6.44 26.04 14.52
C ILE B 198 5.01 25.90 14.17
N MET B 199 4.58 24.87 13.46
CA MET B 199 3.14 24.71 13.22
C MET B 199 2.38 24.61 14.56
N SER B 200 1.06 24.74 14.55
CA SER B 200 0.26 24.75 15.79
C SER B 200 -0.33 23.42 16.20
N SER B 201 -0.18 22.40 15.33
CA SER B 201 -0.77 21.09 15.53
C SER B 201 0.25 19.95 15.53
N MET B 202 -0.05 18.91 16.29
CA MET B 202 0.92 17.85 16.51
C MET B 202 1.42 17.28 15.17
N PRO B 203 2.73 17.17 15.00
CA PRO B 203 3.32 16.61 13.79
C PRO B 203 3.40 15.11 13.64
N PRO B 204 2.88 14.58 12.53
CA PRO B 204 2.78 13.14 12.34
C PRO B 204 3.98 12.30 12.73
N SER B 205 5.19 12.84 12.64
CA SER B 205 6.37 12.10 13.07
C SER B 205 6.55 12.16 14.58
N LEU B 206 6.09 13.19 15.27
CA LEU B 206 6.23 13.19 16.73
C LEU B 206 5.13 12.36 17.42
N ILE B 207 4.02 12.10 16.74
CA ILE B 207 3.10 11.10 17.28
C ILE B 207 3.93 9.84 17.50
N THR B 208 4.88 9.56 16.58
CA THR B 208 5.76 8.38 16.57
C THR B 208 7.01 8.53 17.44
N ALA B 209 7.66 9.67 17.32
CA ALA B 209 8.77 9.98 18.20
C ALA B 209 8.29 9.93 19.65
N LEU B 210 7.15 10.55 19.95
CA LEU B 210 6.69 10.51 21.33
C LEU B 210 5.96 9.24 21.79
N SER B 211 5.87 8.20 20.96
CA SER B 211 5.11 7.05 21.35
C SER B 211 5.54 6.43 22.65
N PRO B 212 6.83 6.42 22.96
CA PRO B 212 7.15 5.88 24.28
C PRO B 212 6.46 6.56 25.48
N ILE B 213 6.19 7.85 25.33
CA ILE B 213 5.62 8.64 26.39
C ILE B 213 4.09 8.56 26.34
N THR B 214 3.49 8.45 25.14
CA THR B 214 2.04 8.36 25.09
C THR B 214 1.61 6.92 25.01
N GLY B 215 2.53 5.98 24.86
CA GLY B 215 2.15 4.57 24.78
C GLY B 215 1.52 4.06 23.50
N ASN B 216 1.05 4.92 22.62
CA ASN B 216 0.56 4.56 21.27
C ASN B 216 1.47 3.47 20.68
N GLU B 217 0.92 2.29 20.37
CA GLU B 217 1.75 1.14 20.03
C GLU B 217 1.71 0.87 18.55
N ALA B 218 0.72 1.36 17.80
CA ALA B 218 0.79 1.35 16.31
C ALA B 218 2.13 1.69 15.78
N HIS B 219 2.73 2.70 16.39
CA HIS B 219 4.00 3.33 16.07
C HIS B 219 5.29 2.71 16.63
N TYR B 220 5.18 1.73 17.51
CA TYR B 220 6.37 1.17 18.12
C TYR B 220 7.28 0.60 17.05
N SER B 221 6.73 -0.06 16.05
CA SER B 221 7.55 -0.71 15.04
C SER B 221 8.46 0.17 14.18
N ILE B 222 8.09 1.43 13.98
CA ILE B 222 8.96 2.39 13.23
C ILE B 222 10.22 2.76 14.03
N ILE B 223 10.09 2.99 15.34
CA ILE B 223 11.23 3.21 16.25
C ILE B 223 11.80 2.01 16.99
N ARG B 224 11.32 0.79 16.70
CA ARG B 224 11.82 -0.48 17.26
C ARG B 224 13.32 -0.51 17.17
N GLN B 225 13.80 -0.38 15.95
CA GLN B 225 15.22 -0.20 15.64
C GLN B 225 15.30 1.11 14.90
N GLY B 226 15.16 2.19 15.66
CA GLY B 226 15.07 3.49 15.04
C GLY B 226 16.38 4.20 14.76
N GLN B 227 16.24 5.25 13.96
CA GLN B 227 17.28 6.16 13.52
C GLN B 227 16.58 7.47 13.35
N PHE B 228 17.23 8.58 13.71
CA PHE B 228 16.59 9.90 13.84
C PHE B 228 17.45 11.05 13.34
N VAL B 229 16.85 12.22 13.19
CA VAL B 229 17.55 13.43 12.75
C VAL B 229 16.85 14.60 13.41
N HIS B 230 17.59 15.67 13.70
CA HIS B 230 16.96 16.86 14.25
C HIS B 230 16.33 17.51 13.04
N LEU B 231 15.25 18.27 13.25
CA LEU B 231 14.58 18.96 12.15
C LEU B 231 15.36 20.13 11.59
N ASP B 232 16.11 20.81 12.47
CA ASP B 232 16.93 21.94 12.06
C ASP B 232 18.08 21.47 11.20
N ASP B 233 18.64 20.30 11.50
CA ASP B 233 19.72 19.77 10.69
C ASP B 233 19.24 19.34 9.32
N LEU B 234 18.08 18.68 9.26
CA LEU B 234 17.54 18.14 8.01
C LEU B 234 17.25 19.31 7.10
N CYS B 235 16.70 20.38 7.67
CA CYS B 235 16.38 21.55 6.85
C CYS B 235 17.64 22.21 6.32
N ASN B 236 18.60 22.49 7.20
CA ASN B 236 19.97 22.90 6.85
C ASN B 236 20.67 21.99 5.81
N ALA B 237 20.55 20.68 5.92
CA ALA B 237 21.12 19.83 4.91
C ALA B 237 20.42 20.06 3.57
N HIS B 238 19.12 20.36 3.58
CA HIS B 238 18.37 20.57 2.33
C HIS B 238 18.95 21.80 1.65
N ILE B 239 19.31 22.80 2.45
CA ILE B 239 19.84 24.02 1.87
C ILE B 239 21.24 23.69 1.37
N TYR B 240 22.07 23.16 2.26
CA TYR B 240 23.42 22.81 1.92
C TYR B 240 23.41 22.08 0.58
N LEU B 241 22.63 21.00 0.47
CA LEU B 241 22.58 20.24 -0.77
C LEU B 241 21.96 20.90 -2.01
N PHE B 242 21.56 22.17 -1.93
CA PHE B 242 21.04 22.90 -3.09
C PHE B 242 22.13 23.87 -3.50
N GLU B 243 22.71 24.52 -2.50
CA GLU B 243 23.86 25.42 -2.65
C GLU B 243 25.19 24.77 -3.02
N ASN B 244 25.51 23.59 -2.46
CA ASN B 244 26.80 22.95 -2.74
C ASN B 244 26.84 22.25 -4.10
N PRO B 245 27.53 22.85 -5.09
CA PRO B 245 27.30 22.50 -6.49
C PRO B 245 27.79 21.11 -6.83
N LYS B 246 28.74 20.57 -6.07
CA LYS B 246 29.29 19.26 -6.38
C LYS B 246 28.63 18.07 -5.64
N ALA B 247 27.30 18.00 -5.76
CA ALA B 247 26.46 17.05 -5.06
C ALA B 247 25.60 16.35 -6.09
N GLU B 248 25.60 15.03 -6.07
CA GLU B 248 24.79 14.22 -6.98
C GLU B 248 24.10 13.09 -6.25
N GLY B 249 23.09 12.52 -6.89
CA GLY B 249 22.43 11.33 -6.35
C GLY B 249 21.69 11.58 -5.06
N ARG B 250 21.51 10.52 -4.29
CA ARG B 250 20.66 10.52 -3.09
C ARG B 250 21.51 10.89 -1.91
N TYR B 251 20.88 11.33 -0.82
CA TYR B 251 21.61 11.59 0.39
C TYR B 251 20.80 11.10 1.59
N ILE B 252 21.38 10.24 2.44
CA ILE B 252 20.77 9.91 3.74
C ILE B 252 20.93 11.10 4.70
N CYS B 253 20.05 11.21 5.69
CA CYS B 253 20.16 12.27 6.68
C CYS B 253 19.65 11.85 8.06
N SER B 254 20.35 10.82 8.55
CA SER B 254 20.20 10.24 9.87
C SER B 254 21.48 10.63 10.63
N SER B 255 21.29 11.22 11.81
CA SER B 255 22.38 11.52 12.72
C SER B 255 22.45 10.52 13.88
N HIS B 256 21.35 9.83 14.21
CA HIS B 256 21.37 8.84 15.29
C HIS B 256 20.65 7.52 14.96
N ASP B 257 21.01 6.45 15.69
CA ASP B 257 20.31 5.18 15.65
C ASP B 257 20.42 4.37 16.91
N CYS B 258 19.32 4.22 17.62
CA CYS B 258 19.24 3.27 18.73
C CYS B 258 17.92 2.50 18.76
N ILE B 259 17.93 1.35 19.42
CA ILE B 259 16.74 0.49 19.51
C ILE B 259 15.71 1.19 20.38
N ILE B 260 14.51 0.61 20.49
CA ILE B 260 13.45 1.22 21.31
C ILE B 260 13.73 1.33 22.83
N LEU B 261 14.20 0.28 23.51
CA LEU B 261 14.78 0.38 24.89
C LEU B 261 15.63 1.62 25.18
N ASP B 262 16.70 1.77 24.39
CA ASP B 262 17.64 2.89 24.52
C ASP B 262 16.96 4.24 24.39
N LEU B 263 16.21 4.54 23.33
CA LEU B 263 15.40 5.75 23.34
C LEU B 263 14.55 5.89 24.58
N ALA B 264 13.93 4.80 25.05
CA ALA B 264 13.12 4.87 26.26
C ALA B 264 14.02 5.27 27.44
N LYS B 265 15.04 4.48 27.72
CA LYS B 265 16.01 4.72 28.80
C LYS B 265 16.38 6.19 28.88
N MET B 266 16.70 6.77 27.73
CA MET B 266 17.07 8.16 27.65
C MET B 266 15.95 9.05 28.18
N LEU B 267 14.71 8.76 27.79
CA LEU B 267 13.56 9.57 28.16
C LEU B 267 13.08 9.32 29.58
N ARG B 268 13.31 8.12 30.09
CA ARG B 268 12.90 7.77 31.45
C ARG B 268 13.72 8.57 32.47
N GLU B 269 15.02 8.67 32.22
CA GLU B 269 15.94 9.46 33.03
C GLU B 269 15.74 10.94 32.79
N LYS B 270 15.54 11.35 31.55
CA LYS B 270 15.32 12.77 31.27
C LYS B 270 13.97 13.32 31.76
N TYR B 271 12.92 12.51 31.72
CA TYR B 271 11.56 12.91 32.10
C TYR B 271 10.93 11.89 33.06
N PRO B 272 11.29 11.92 34.34
CA PRO B 272 10.72 10.98 35.33
C PRO B 272 9.23 11.14 35.64
N GLU B 273 8.77 12.38 35.61
CA GLU B 273 7.35 12.72 35.78
C GLU B 273 6.39 12.02 34.84
N TYR B 274 6.92 11.34 33.81
CA TYR B 274 6.15 10.52 32.86
C TYR B 274 6.33 9.04 33.13
N ASN B 275 5.27 8.29 33.42
CA ASN B 275 5.36 6.82 33.58
C ASN B 275 5.61 6.09 32.24
N ILE B 276 6.90 6.00 31.90
CA ILE B 276 7.46 5.30 30.73
C ILE B 276 8.03 3.90 31.03
N PRO B 277 7.73 2.92 30.17
CA PRO B 277 8.18 1.54 30.38
C PRO B 277 9.67 1.26 30.18
N THR B 278 10.17 0.43 31.07
CA THR B 278 11.51 -0.09 31.06
C THR B 278 11.54 -1.41 30.30
N GLU B 279 10.41 -2.03 29.98
CA GLU B 279 10.44 -3.24 29.15
C GLU B 279 9.54 -3.06 27.93
N PHE B 280 9.84 -3.73 26.82
CA PHE B 280 9.01 -3.73 25.60
C PHE B 280 8.86 -5.12 24.97
N LYS B 281 7.66 -5.47 24.53
CA LYS B 281 7.41 -6.78 23.93
C LYS B 281 8.19 -7.00 22.65
N GLY B 282 8.62 -8.25 22.52
CA GLY B 282 9.42 -8.72 21.42
C GLY B 282 10.78 -8.06 21.35
N VAL B 283 11.11 -7.16 22.28
CA VAL B 283 12.40 -6.49 22.25
C VAL B 283 13.19 -7.18 23.35
N ASP B 284 14.23 -7.85 22.89
CA ASP B 284 15.36 -8.29 23.68
C ASP B 284 16.29 -7.08 23.84
N GLU B 285 17.48 -7.29 24.41
CA GLU B 285 18.58 -6.29 24.44
C GLU B 285 19.88 -6.59 23.64
N ASN B 286 19.86 -7.75 22.98
CA ASN B 286 20.86 -8.20 22.00
C ASN B 286 20.41 -7.95 20.55
N LEU B 287 19.22 -7.37 20.41
CA LEU B 287 18.69 -6.90 19.13
C LEU B 287 19.56 -5.73 18.69
N LYS B 288 20.07 -5.84 17.48
CA LYS B 288 21.18 -4.98 17.04
C LYS B 288 20.53 -3.69 16.55
N SER B 289 21.23 -2.57 16.67
CA SER B 289 20.70 -1.34 16.11
C SER B 289 20.85 -1.44 14.61
N VAL B 290 20.02 -0.72 13.90
CA VAL B 290 20.23 -0.49 12.48
C VAL B 290 20.60 0.96 12.28
N CYS B 291 21.52 1.17 11.37
CA CYS B 291 22.14 2.46 11.16
C CYS B 291 21.91 3.01 9.75
N PHE B 292 21.40 4.22 9.61
CA PHE B 292 21.34 4.85 8.30
C PHE B 292 22.60 5.71 8.29
N SER B 293 23.53 5.43 7.37
CA SER B 293 24.83 6.07 7.30
C SER B 293 24.73 7.39 6.58
N SER B 294 25.14 8.48 7.21
CA SER B 294 25.11 9.79 6.56
C SER B 294 26.43 10.12 5.88
N LYS B 295 27.38 9.18 5.91
CA LYS B 295 28.74 9.37 5.43
C LYS B 295 28.87 10.19 4.16
N LYS B 296 28.19 9.83 3.08
CA LYS B 296 28.24 10.62 1.83
C LYS B 296 28.03 12.14 2.06
N LEU B 297 27.02 12.48 2.85
CA LEU B 297 26.73 13.85 3.25
C LEU B 297 27.80 14.49 4.12
N THR B 298 28.37 13.78 5.09
CA THR B 298 29.41 14.41 5.91
C THR B 298 30.75 14.45 5.19
N ASP B 299 30.88 13.63 4.16
CA ASP B 299 32.05 13.62 3.32
C ASP B 299 32.23 14.94 2.58
N LEU B 300 31.21 15.77 2.52
CA LEU B 300 31.31 17.04 1.83
C LEU B 300 31.46 18.16 2.82
N GLY B 301 31.33 17.93 4.11
CA GLY B 301 31.53 19.05 5.01
C GLY B 301 30.32 19.44 5.80
N PHE B 302 29.11 19.02 5.40
CA PHE B 302 27.95 19.26 6.25
C PHE B 302 28.26 18.67 7.61
N GLU B 303 27.88 19.36 8.66
CA GLU B 303 28.01 18.90 10.03
C GLU B 303 26.68 18.84 10.79
N PHE B 304 26.46 17.74 11.49
CA PHE B 304 25.31 17.57 12.38
C PHE B 304 25.57 18.25 13.71
N LYS B 305 24.79 19.30 14.01
CA LYS B 305 24.99 20.07 15.23
C LYS B 305 24.16 19.64 16.43
N TYR B 306 23.36 18.59 16.34
CA TYR B 306 22.39 18.26 17.40
C TYR B 306 22.43 16.79 17.75
N SER B 307 22.02 16.49 18.97
CA SER B 307 22.04 15.13 19.49
C SER B 307 20.63 14.55 19.62
N LEU B 308 20.54 13.25 19.89
CA LEU B 308 19.29 12.62 20.32
C LEU B 308 18.63 13.38 21.47
N GLU B 309 19.43 13.88 22.39
CA GLU B 309 18.85 14.48 23.60
C GLU B 309 18.17 15.77 23.15
N ASP B 310 18.87 16.55 22.33
CA ASP B 310 18.35 17.81 21.82
C ASP B 310 16.99 17.57 21.20
N MET B 311 16.95 16.62 20.26
CA MET B 311 15.75 16.30 19.47
C MET B 311 14.56 16.21 20.39
N PHE B 312 14.60 15.21 21.24
CA PHE B 312 13.49 14.92 22.09
C PHE B 312 13.22 16.02 23.12
N THR B 313 14.24 16.73 23.57
CA THR B 313 13.94 17.86 24.45
C THR B 313 13.22 18.96 23.66
N GLY B 314 13.52 19.10 22.38
CA GLY B 314 12.84 20.10 21.53
C GLY B 314 11.36 19.81 21.27
N ALA B 315 11.07 18.51 21.19
CA ALA B 315 9.75 17.97 20.91
C ALA B 315 8.90 18.05 22.14
N VAL B 316 9.37 17.47 23.23
CA VAL B 316 8.57 17.53 24.44
C VAL B 316 8.36 19.01 24.75
N ASP B 317 9.44 19.79 24.85
CA ASP B 317 9.35 21.21 25.14
C ASP B 317 8.30 21.93 24.33
N THR B 318 8.25 21.76 23.00
CA THR B 318 7.28 22.51 22.16
C THR B 318 5.83 22.02 22.28
N CYS B 319 5.71 20.69 22.36
CA CYS B 319 4.45 20.03 22.63
C CYS B 319 3.86 20.43 23.95
N ARG B 320 4.63 20.34 25.03
CA ARG B 320 4.15 20.81 26.34
C ARG B 320 3.61 22.23 26.20
N ALA B 321 4.45 23.13 25.70
CA ALA B 321 4.07 24.52 25.48
C ALA B 321 2.75 24.68 24.69
N LYS B 322 2.54 23.88 23.67
CA LYS B 322 1.42 24.14 22.79
C LYS B 322 0.21 23.37 23.26
N GLY B 323 0.28 22.73 24.41
CA GLY B 323 -0.89 22.01 24.90
C GLY B 323 -1.14 20.72 24.14
N LEU B 324 -0.10 20.19 23.50
CA LEU B 324 -0.28 18.95 22.78
C LEU B 324 -0.06 17.82 23.74
N LEU B 325 1.06 17.80 24.46
CA LEU B 325 1.42 16.69 25.36
C LEU B 325 1.27 17.15 26.82
N PRO B 326 0.62 16.36 27.69
CA PRO B 326 0.52 16.75 29.10
C PRO B 326 1.84 17.11 29.80
N PRO B 327 1.80 17.92 30.85
CA PRO B 327 3.03 18.16 31.59
C PRO B 327 3.61 16.97 32.34
N SER B 328 2.86 15.88 32.49
CA SER B 328 3.30 14.71 33.26
C SER B 328 2.18 13.69 33.34
N HIS B 329 2.52 12.49 33.78
CA HIS B 329 1.53 11.52 34.26
C HIS B 329 1.71 11.52 35.80
N GLU C 6 -21.41 -19.21 39.82
CA GLU C 6 -20.98 -19.74 38.49
C GLU C 6 -19.83 -18.95 37.90
N THR C 7 -18.97 -19.66 37.18
CA THR C 7 -17.66 -19.19 36.81
C THR C 7 -17.60 -19.01 35.33
N VAL C 8 -17.15 -17.86 34.86
CA VAL C 8 -17.14 -17.56 33.44
C VAL C 8 -15.76 -17.04 33.10
N CYS C 9 -15.38 -17.25 31.84
CA CYS C 9 -14.10 -16.82 31.27
C CYS C 9 -14.22 -15.58 30.42
N VAL C 10 -13.18 -14.75 30.45
CA VAL C 10 -13.20 -13.40 29.91
C VAL C 10 -11.78 -13.22 29.40
N THR C 11 -11.56 -13.56 28.13
CA THR C 11 -10.26 -13.49 27.47
C THR C 11 -9.85 -12.05 27.15
N GLY C 12 -8.54 -11.82 27.16
CA GLY C 12 -7.94 -10.48 27.05
C GLY C 12 -8.49 -9.56 28.11
N ALA C 13 -8.74 -10.08 29.31
CA ALA C 13 -9.26 -9.28 30.43
C ALA C 13 -8.54 -7.98 30.67
N SER C 14 -7.28 -7.92 30.27
CA SER C 14 -6.45 -6.74 30.51
C SER C 14 -6.93 -5.52 29.75
N GLY C 15 -7.55 -5.68 28.59
CA GLY C 15 -7.94 -4.54 27.80
C GLY C 15 -8.99 -3.59 28.36
N PHE C 16 -9.33 -2.63 27.51
CA PHE C 16 -10.41 -1.64 27.72
C PHE C 16 -11.78 -2.24 28.08
N ILE C 17 -12.19 -3.21 27.26
CA ILE C 17 -13.51 -3.81 27.40
C ILE C 17 -13.39 -4.87 28.46
N GLY C 18 -12.60 -5.89 28.16
CA GLY C 18 -12.34 -6.98 29.06
C GLY C 18 -12.25 -6.58 30.53
N SER C 19 -11.57 -5.49 30.86
CA SER C 19 -11.35 -5.18 32.26
C SER C 19 -12.66 -4.67 32.83
N TRP C 20 -13.29 -3.66 32.25
CA TRP C 20 -14.64 -3.27 32.68
C TRP C 20 -15.60 -4.47 32.80
N LEU C 21 -15.56 -5.43 31.87
CA LEU C 21 -16.42 -6.63 31.88
C LEU C 21 -16.17 -7.49 33.08
N VAL C 22 -14.90 -7.61 33.45
CA VAL C 22 -14.53 -8.46 34.56
C VAL C 22 -15.10 -7.77 35.82
N MET C 23 -14.97 -6.44 35.87
CA MET C 23 -15.52 -5.65 36.94
C MET C 23 -17.03 -5.89 37.07
N ARG C 24 -17.76 -5.84 35.97
CA ARG C 24 -19.21 -5.94 36.05
C ARG C 24 -19.71 -7.35 36.46
N LEU C 25 -18.95 -8.37 36.07
CA LEU C 25 -19.31 -9.77 36.35
C LEU C 25 -19.06 -10.09 37.83
N LEU C 26 -17.86 -9.76 38.32
CA LEU C 26 -17.58 -9.89 39.73
C LEU C 26 -18.70 -9.16 40.46
N GLU C 27 -18.87 -7.86 40.18
CA GLU C 27 -19.81 -6.99 40.90
C GLU C 27 -21.19 -7.58 41.07
N ARG C 28 -21.54 -8.45 40.14
CA ARG C 28 -22.82 -9.13 40.08
C ARG C 28 -22.69 -10.53 40.65
N GLY C 29 -21.68 -10.72 41.49
CA GLY C 29 -21.37 -12.04 42.07
C GLY C 29 -20.98 -13.17 41.14
N TYR C 30 -20.54 -12.91 39.91
CA TYR C 30 -19.91 -13.98 39.15
C TYR C 30 -18.52 -14.16 39.77
N THR C 31 -17.87 -15.27 39.41
CA THR C 31 -16.53 -15.70 39.83
C THR C 31 -15.83 -15.68 38.47
N VAL C 32 -14.69 -15.01 38.35
CA VAL C 32 -14.05 -14.82 37.02
C VAL C 32 -12.64 -15.40 36.72
N ARG C 33 -12.52 -15.97 35.52
CA ARG C 33 -11.26 -16.48 35.01
C ARG C 33 -10.80 -15.63 33.83
N ALA C 34 -9.85 -14.73 34.10
CA ALA C 34 -9.36 -13.78 33.10
C ALA C 34 -8.13 -14.34 32.41
N THR C 35 -8.00 -14.15 31.11
CA THR C 35 -6.75 -14.52 30.45
C THR C 35 -5.94 -13.28 30.03
N VAL C 36 -4.68 -13.23 30.45
CA VAL C 36 -3.70 -12.25 29.97
C VAL C 36 -2.69 -13.01 29.18
N ARG C 37 -1.96 -12.33 28.32
CA ARG C 37 -0.87 -12.98 27.59
C ARG C 37 0.42 -13.00 28.39
N ASP C 38 0.50 -12.09 29.36
CA ASP C 38 1.66 -11.92 30.19
C ASP C 38 1.27 -11.33 31.54
N PRO C 39 1.14 -12.18 32.59
CA PRO C 39 0.69 -11.76 33.92
C PRO C 39 1.73 -11.02 34.78
N THR C 40 2.99 -10.98 34.36
CA THR C 40 4.00 -10.13 35.04
C THR C 40 4.04 -8.67 34.57
N ASN C 41 3.27 -8.37 33.54
CA ASN C 41 3.17 -7.00 33.07
C ASN C 41 2.23 -6.29 34.04
N VAL C 42 2.79 -5.46 34.89
CA VAL C 42 2.05 -4.79 35.94
C VAL C 42 0.96 -3.89 35.39
N LYS C 43 1.31 -3.14 34.34
CA LYS C 43 0.39 -2.32 33.56
C LYS C 43 -0.84 -3.11 33.14
N LYS C 44 -0.61 -4.35 32.74
CA LYS C 44 -1.68 -5.20 32.25
C LYS C 44 -2.56 -5.67 33.41
N VAL C 45 -2.01 -6.03 34.57
CA VAL C 45 -2.84 -6.68 35.60
C VAL C 45 -3.23 -5.81 36.79
N LYS C 46 -2.53 -4.70 36.99
CA LYS C 46 -2.71 -4.00 38.25
C LYS C 46 -4.14 -3.65 38.51
N HIS C 47 -4.77 -3.04 37.51
CA HIS C 47 -6.17 -2.63 37.63
C HIS C 47 -7.13 -3.80 37.82
N LEU C 48 -6.78 -5.00 37.36
CA LEU C 48 -7.61 -6.16 37.65
C LEU C 48 -7.48 -6.61 39.08
N LEU C 49 -6.33 -6.40 39.73
CA LEU C 49 -6.19 -6.94 41.09
C LEU C 49 -6.73 -6.03 42.20
N ASP C 50 -6.99 -4.74 41.96
CA ASP C 50 -7.75 -3.93 42.93
C ASP C 50 -9.26 -4.01 42.78
N LEU C 51 -9.78 -4.77 41.83
CA LEU C 51 -11.23 -4.86 41.83
C LEU C 51 -11.64 -5.48 43.16
N PRO C 52 -12.52 -4.81 43.92
CA PRO C 52 -12.91 -5.45 45.19
C PRO C 52 -13.43 -6.85 44.85
N LYS C 53 -13.23 -7.82 45.73
CA LYS C 53 -13.61 -9.20 45.45
C LYS C 53 -12.60 -9.88 44.52
N ALA C 54 -11.48 -9.24 44.23
CA ALA C 54 -10.47 -9.81 43.36
C ALA C 54 -9.89 -11.02 44.02
N GLU C 55 -9.44 -10.78 45.25
CA GLU C 55 -8.89 -11.83 46.10
C GLU C 55 -9.82 -13.03 46.14
N THR C 56 -11.10 -12.79 46.42
CA THR C 56 -12.09 -13.85 46.60
C THR C 56 -12.46 -14.58 45.28
N HIS C 57 -12.94 -13.83 44.29
CA HIS C 57 -13.60 -14.42 43.13
C HIS C 57 -12.87 -14.40 41.77
N LEU C 58 -11.73 -13.73 41.65
CA LEU C 58 -10.98 -13.60 40.38
C LEU C 58 -9.72 -14.45 40.37
N THR C 59 -9.52 -15.21 39.30
CA THR C 59 -8.27 -15.90 39.04
C THR C 59 -7.78 -15.47 37.67
N LEU C 60 -6.48 -15.57 37.40
CA LEU C 60 -5.79 -15.03 36.24
C LEU C 60 -5.16 -16.21 35.50
N TRP C 61 -5.13 -16.15 34.17
CA TRP C 61 -4.66 -17.26 33.33
C TRP C 61 -3.79 -16.75 32.20
N LYS C 62 -2.83 -17.56 31.74
CA LYS C 62 -1.86 -17.14 30.72
C LYS C 62 -2.17 -17.92 29.45
N ALA C 63 -2.60 -17.19 28.42
CA ALA C 63 -2.82 -17.79 27.11
C ALA C 63 -2.49 -16.77 26.03
N ASP C 64 -2.48 -17.25 24.79
CA ASP C 64 -2.24 -16.45 23.57
C ASP C 64 -2.94 -17.10 22.38
N LEU C 65 -3.82 -16.34 21.75
CA LEU C 65 -4.44 -16.74 20.48
C LEU C 65 -3.48 -17.41 19.52
N ALA C 66 -2.21 -17.03 19.50
CA ALA C 66 -1.26 -17.69 18.61
C ALA C 66 -0.93 -19.12 19.05
N ASP C 67 -0.92 -19.40 20.34
CA ASP C 67 -0.65 -20.76 20.86
C ASP C 67 -1.93 -21.62 20.93
N GLU C 68 -2.09 -22.55 20.01
CA GLU C 68 -3.16 -23.56 20.05
C GLU C 68 -3.34 -24.29 21.38
N GLY C 69 -4.60 -24.52 21.77
CA GLY C 69 -4.95 -25.12 23.05
C GLY C 69 -4.82 -24.22 24.27
N SER C 70 -4.15 -23.09 24.14
CA SER C 70 -3.71 -22.35 25.29
C SER C 70 -4.82 -21.86 26.21
N PHE C 71 -6.06 -21.79 25.73
CA PHE C 71 -7.20 -21.48 26.61
C PHE C 71 -8.02 -22.70 27.13
N ASP C 72 -7.57 -23.95 26.90
CA ASP C 72 -8.22 -25.10 27.54
C ASP C 72 -8.41 -24.90 29.05
N GLU C 73 -7.30 -24.74 29.77
CA GLU C 73 -7.30 -24.69 31.23
C GLU C 73 -8.34 -23.73 31.77
N ALA C 74 -8.39 -22.58 31.12
CA ALA C 74 -9.16 -21.45 31.59
C ALA C 74 -10.65 -21.73 31.47
N ILE C 75 -11.03 -22.38 30.37
CA ILE C 75 -12.44 -22.58 30.02
C ILE C 75 -13.08 -23.76 30.76
N LYS C 76 -12.22 -24.73 31.09
CA LYS C 76 -12.52 -25.83 31.99
C LYS C 76 -13.37 -25.38 33.17
N GLY C 77 -14.54 -25.98 33.32
CA GLY C 77 -15.39 -25.60 34.40
C GLY C 77 -16.08 -24.24 34.30
N CYS C 78 -16.02 -23.49 33.20
CA CYS C 78 -16.82 -22.27 33.14
C CYS C 78 -18.17 -22.52 32.49
N THR C 79 -19.26 -21.97 33.03
CA THR C 79 -20.57 -21.99 32.34
C THR C 79 -20.69 -21.01 31.17
N GLY C 80 -20.04 -19.85 31.29
CA GLY C 80 -19.89 -18.87 30.21
C GLY C 80 -18.48 -18.82 29.64
N VAL C 81 -18.31 -18.19 28.47
CA VAL C 81 -17.00 -17.70 27.98
C VAL C 81 -17.09 -16.37 27.23
N PHE C 82 -16.65 -15.25 27.82
CA PHE C 82 -16.61 -13.99 27.07
C PHE C 82 -15.32 -13.80 26.29
N HIS C 83 -15.23 -14.25 25.03
CA HIS C 83 -14.01 -14.15 24.22
C HIS C 83 -13.80 -12.74 23.66
N VAL C 84 -12.97 -11.93 24.32
CA VAL C 84 -12.80 -10.52 23.96
C VAL C 84 -11.44 -10.18 23.27
N ALA C 85 -10.38 -10.93 23.58
CA ALA C 85 -9.06 -10.68 23.04
C ALA C 85 -9.06 -10.66 21.51
N THR C 86 -8.19 -9.84 20.92
CA THR C 86 -7.87 -9.86 19.50
C THR C 86 -6.41 -9.37 19.32
N PRO C 87 -5.66 -9.86 18.33
CA PRO C 87 -4.35 -9.32 18.04
C PRO C 87 -4.31 -7.95 17.39
N MET C 88 -3.25 -7.21 17.71
CA MET C 88 -2.93 -5.94 17.08
C MET C 88 -1.81 -6.27 16.08
N ASP C 89 -1.79 -5.54 14.97
CA ASP C 89 -0.70 -5.62 14.00
C ASP C 89 0.51 -4.91 14.63
N PHE C 90 1.11 -5.53 15.64
CA PHE C 90 2.15 -4.88 16.45
C PHE C 90 3.50 -5.00 15.74
N GLU C 91 3.82 -6.18 15.25
CA GLU C 91 5.12 -6.31 14.62
C GLU C 91 5.06 -5.49 13.32
N SER C 92 3.92 -5.50 12.64
CA SER C 92 3.73 -4.72 11.41
C SER C 92 4.70 -5.18 10.33
N LYS C 93 5.06 -6.45 10.33
CA LYS C 93 5.87 -7.02 9.26
C LYS C 93 4.99 -7.94 8.41
N ASP C 94 3.94 -8.55 8.95
CA ASP C 94 3.26 -9.67 8.27
C ASP C 94 1.84 -9.94 8.73
N PRO C 95 0.86 -9.19 8.21
CA PRO C 95 -0.46 -9.24 8.84
C PRO C 95 -1.17 -10.56 8.73
N GLU C 96 -0.98 -11.27 7.63
CA GLU C 96 -1.63 -12.57 7.49
C GLU C 96 -1.27 -13.46 8.68
N ASN C 97 0.03 -13.53 8.99
CA ASN C 97 0.55 -14.37 10.07
C ASN C 97 0.48 -13.78 11.46
N GLU C 98 0.66 -12.49 11.61
CA GLU C 98 0.65 -11.95 12.95
C GLU C 98 -0.76 -11.83 13.50
N VAL C 99 -1.67 -11.34 12.64
CA VAL C 99 -3.02 -10.92 12.95
C VAL C 99 -4.17 -11.78 12.41
N ILE C 100 -4.09 -12.30 11.19
CA ILE C 100 -5.30 -12.87 10.56
C ILE C 100 -5.43 -14.33 10.91
N LYS C 101 -4.39 -15.11 10.64
CA LYS C 101 -4.29 -16.51 11.05
C LYS C 101 -4.75 -16.79 12.49
N PRO C 102 -4.12 -16.18 13.50
CA PRO C 102 -4.50 -16.47 14.88
C PRO C 102 -5.78 -15.87 15.43
N THR C 103 -6.38 -14.85 14.82
CA THR C 103 -7.73 -14.40 15.20
C THR C 103 -8.68 -15.48 14.75
N ILE C 104 -8.42 -16.02 13.56
CA ILE C 104 -9.26 -17.09 13.05
C ILE C 104 -9.09 -18.30 13.97
N GLU C 105 -7.88 -18.90 13.91
CA GLU C 105 -7.65 -20.15 14.60
C GLU C 105 -7.84 -20.01 16.08
N GLY C 106 -7.43 -18.87 16.63
CA GLY C 106 -7.71 -18.55 18.02
C GLY C 106 -9.14 -18.88 18.38
N MET C 107 -10.04 -18.14 17.75
CA MET C 107 -11.49 -18.22 17.86
C MET C 107 -11.91 -19.67 17.84
N LEU C 108 -11.43 -20.40 16.84
CA LEU C 108 -11.83 -21.79 16.64
C LEU C 108 -11.30 -22.69 17.76
N GLY C 109 -10.08 -22.43 18.22
CA GLY C 109 -9.55 -23.04 19.45
C GLY C 109 -10.48 -22.86 20.65
N ILE C 110 -10.77 -21.60 20.93
CA ILE C 110 -11.69 -21.20 21.98
C ILE C 110 -13.07 -21.82 21.81
N MET C 111 -13.48 -22.09 20.56
CA MET C 111 -14.74 -22.80 20.29
C MET C 111 -14.66 -24.27 20.64
N LYS C 112 -13.56 -24.90 20.25
CA LYS C 112 -13.32 -26.31 20.59
C LYS C 112 -13.08 -26.44 22.10
N SER C 113 -12.16 -25.63 22.62
CA SER C 113 -11.93 -25.55 24.06
C SER C 113 -13.21 -25.51 24.91
N CYS C 114 -14.25 -24.83 24.42
CA CYS C 114 -15.58 -24.75 25.06
C CYS C 114 -16.40 -26.04 24.97
N ALA C 115 -16.28 -26.79 23.87
CA ALA C 115 -16.97 -28.09 23.75
C ALA C 115 -16.27 -29.13 24.65
N ALA C 116 -14.94 -29.12 24.68
CA ALA C 116 -14.17 -29.98 25.58
C ALA C 116 -14.58 -29.81 27.06
N ALA C 117 -14.96 -28.60 27.45
CA ALA C 117 -15.36 -28.32 28.82
C ALA C 117 -16.56 -29.19 29.22
N LYS C 118 -17.58 -29.26 28.38
CA LYS C 118 -18.86 -29.86 28.71
C LYS C 118 -19.64 -29.09 29.79
N THR C 119 -19.18 -27.91 30.17
CA THR C 119 -19.75 -27.14 31.26
C THR C 119 -20.26 -25.86 30.62
N VAL C 120 -19.63 -25.42 29.54
CA VAL C 120 -19.94 -24.12 28.92
C VAL C 120 -21.31 -24.25 28.26
N ARG C 121 -22.26 -23.43 28.68
CA ARG C 121 -23.60 -23.42 28.08
C ARG C 121 -23.81 -22.32 27.02
N ARG C 122 -22.93 -21.33 27.02
CA ARG C 122 -22.97 -20.25 26.01
C ARG C 122 -21.63 -19.53 25.85
N LEU C 123 -21.15 -19.48 24.60
CA LEU C 123 -19.95 -18.72 24.24
C LEU C 123 -20.36 -17.39 23.61
N VAL C 124 -19.76 -16.32 24.09
CA VAL C 124 -19.96 -15.00 23.52
C VAL C 124 -18.66 -14.48 22.88
N PHE C 125 -18.71 -14.20 21.57
CA PHE C 125 -17.66 -13.50 20.82
C PHE C 125 -17.90 -11.99 20.76
N THR C 126 -16.80 -11.24 20.82
CA THR C 126 -16.84 -9.78 20.64
C THR C 126 -16.31 -9.59 19.22
N SER C 127 -17.25 -9.37 18.31
CA SER C 127 -16.91 -9.02 16.95
C SER C 127 -16.62 -7.54 16.88
N SER C 128 -16.60 -7.02 15.67
CA SER C 128 -16.21 -5.63 15.41
C SER C 128 -17.08 -5.05 14.30
N ALA C 129 -17.34 -3.74 14.34
CA ALA C 129 -18.16 -3.08 13.31
C ALA C 129 -17.60 -3.32 11.90
N GLY C 130 -16.27 -3.45 11.79
CA GLY C 130 -15.60 -3.67 10.52
C GLY C 130 -15.97 -4.97 9.83
N THR C 131 -16.67 -5.84 10.55
CA THR C 131 -17.22 -7.06 9.93
C THR C 131 -18.48 -6.76 9.12
N VAL C 132 -18.99 -5.54 9.28
CA VAL C 132 -20.34 -5.17 8.89
C VAL C 132 -20.34 -4.19 7.73
N ASN C 133 -19.83 -2.99 7.96
CA ASN C 133 -20.03 -1.91 6.99
C ASN C 133 -18.83 -1.44 6.20
N ILE C 134 -17.89 -2.33 5.85
CA ILE C 134 -16.67 -1.95 5.14
C ILE C 134 -16.96 -2.35 3.70
N GLN C 135 -17.30 -1.40 2.83
CA GLN C 135 -17.53 -1.71 1.40
C GLN C 135 -17.55 -0.50 0.51
N GLU C 136 -17.56 -0.67 -0.81
CA GLU C 136 -17.37 0.49 -1.69
C GLU C 136 -18.35 1.63 -1.40
N HIS C 137 -19.59 1.32 -1.03
CA HIS C 137 -20.57 2.35 -0.69
C HIS C 137 -21.35 2.03 0.55
N GLN C 138 -21.65 3.04 1.36
CA GLN C 138 -22.32 2.87 2.63
C GLN C 138 -23.83 2.78 2.52
N LEU C 139 -24.44 1.74 3.07
CA LEU C 139 -25.89 1.70 3.21
C LEU C 139 -26.29 2.70 4.28
N PRO C 140 -27.47 3.33 4.21
CA PRO C 140 -27.82 4.28 5.28
C PRO C 140 -28.16 3.63 6.62
N VAL C 141 -28.34 2.32 6.66
CA VAL C 141 -28.55 1.61 7.92
C VAL C 141 -28.04 0.20 7.79
N TYR C 142 -27.30 -0.22 8.80
CA TYR C 142 -26.76 -1.57 8.85
C TYR C 142 -27.36 -2.35 10.01
N ASP C 143 -27.52 -3.66 9.80
CA ASP C 143 -28.10 -4.58 10.78
C ASP C 143 -27.22 -5.84 10.72
N GLU C 144 -27.61 -6.83 11.52
CA GLU C 144 -26.98 -8.14 11.63
C GLU C 144 -26.93 -9.00 10.35
N SER C 145 -27.51 -8.55 9.24
CA SER C 145 -27.51 -9.32 8.00
C SER C 145 -26.35 -8.92 7.10
N CYS C 146 -25.75 -7.75 7.38
CA CYS C 146 -24.71 -7.18 6.54
C CYS C 146 -23.32 -7.61 7.01
N TRP C 147 -22.55 -8.14 6.07
CA TRP C 147 -21.22 -8.62 6.27
C TRP C 147 -20.36 -7.78 5.38
N SER C 148 -19.10 -7.57 5.80
CA SER C 148 -18.15 -6.75 5.05
C SER C 148 -17.70 -7.46 3.77
N ASP C 149 -17.36 -6.68 2.77
CA ASP C 149 -17.05 -7.13 1.42
C ASP C 149 -15.57 -7.56 1.30
N MET C 150 -15.23 -8.81 1.60
CA MET C 150 -13.82 -9.20 1.53
C MET C 150 -13.20 -9.04 0.15
N GLU C 151 -13.99 -8.98 -0.92
CA GLU C 151 -13.40 -8.77 -2.25
C GLU C 151 -12.96 -7.33 -2.36
N PHE C 152 -13.67 -6.43 -1.71
CA PHE C 152 -13.26 -5.02 -1.62
C PHE C 152 -12.02 -4.75 -0.74
N CYS C 153 -12.01 -5.21 0.49
CA CYS C 153 -10.81 -5.14 1.32
C CYS C 153 -9.57 -5.77 0.66
N ARG C 154 -9.73 -6.89 -0.02
CA ARG C 154 -8.59 -7.59 -0.59
C ARG C 154 -8.02 -6.84 -1.78
N ALA C 155 -8.87 -6.21 -2.58
CA ALA C 155 -8.38 -5.44 -3.72
C ALA C 155 -7.83 -4.07 -3.39
N LYS C 156 -8.23 -3.42 -2.29
CA LYS C 156 -7.74 -2.08 -1.99
C LYS C 156 -6.56 -2.08 -1.00
N LYS C 157 -6.67 -2.86 0.06
CA LYS C 157 -5.66 -2.89 1.08
C LYS C 157 -5.52 -1.58 1.84
N MET C 158 -6.62 -0.96 2.24
CA MET C 158 -6.65 0.35 2.86
C MET C 158 -6.11 0.35 4.25
N THR C 159 -5.81 1.51 4.83
CA THR C 159 -5.33 1.48 6.22
C THR C 159 -6.28 0.60 7.05
N ALA C 160 -5.77 -0.28 7.91
CA ALA C 160 -6.63 -1.12 8.76
C ALA C 160 -7.29 -2.32 8.11
N TRP C 161 -6.86 -2.67 6.90
CA TRP C 161 -7.46 -3.82 6.26
C TRP C 161 -7.42 -5.03 7.11
N MET C 162 -6.27 -5.35 7.68
CA MET C 162 -6.11 -6.57 8.48
C MET C 162 -7.16 -6.70 9.55
N TYR C 163 -7.48 -5.56 10.17
CA TYR C 163 -8.39 -5.57 11.29
C TYR C 163 -9.75 -6.03 10.84
N PHE C 164 -10.14 -5.62 9.63
CA PHE C 164 -11.44 -5.94 9.08
C PHE C 164 -11.43 -7.41 8.71
N VAL C 165 -10.49 -7.81 7.87
CA VAL C 165 -10.46 -9.19 7.33
C VAL C 165 -10.19 -10.28 8.38
N SER C 166 -9.52 -9.97 9.49
CA SER C 166 -9.26 -10.96 10.50
C SER C 166 -10.51 -11.19 11.29
N LYS C 167 -11.32 -10.14 11.42
CA LYS C 167 -12.50 -10.28 12.27
C LYS C 167 -13.59 -10.92 11.47
N THR C 168 -13.83 -10.46 10.25
CA THR C 168 -14.89 -11.00 9.44
C THR C 168 -14.79 -12.49 9.21
N LEU C 169 -13.60 -13.02 8.97
CA LEU C 169 -13.42 -14.45 8.70
C LEU C 169 -13.40 -15.19 10.02
N ALA C 170 -12.77 -14.61 11.03
CA ALA C 170 -12.88 -15.23 12.32
C ALA C 170 -14.34 -15.41 12.68
N GLU C 171 -15.20 -14.39 12.57
CA GLU C 171 -16.60 -14.48 12.99
C GLU C 171 -17.37 -15.49 12.17
N GLN C 172 -17.17 -15.41 10.85
CA GLN C 172 -17.78 -16.34 9.90
C GLN C 172 -17.37 -17.78 10.15
N ALA C 173 -16.06 -18.07 10.15
CA ALA C 173 -15.50 -19.41 10.40
C ALA C 173 -16.10 -19.93 11.68
N ALA C 174 -16.25 -19.01 12.63
CA ALA C 174 -16.99 -19.20 13.87
C ALA C 174 -18.34 -19.81 13.73
N TRP C 175 -19.18 -19.20 12.90
CA TRP C 175 -20.60 -19.56 12.75
C TRP C 175 -20.72 -20.87 12.02
N LYS C 176 -19.88 -21.06 11.01
CA LYS C 176 -19.92 -22.30 10.25
C LYS C 176 -19.64 -23.47 11.16
N TYR C 177 -18.74 -23.28 12.12
CA TYR C 177 -18.40 -24.34 13.05
C TYR C 177 -19.56 -24.48 14.04
N ALA C 178 -19.88 -23.40 14.74
CA ALA C 178 -20.95 -23.41 15.72
C ALA C 178 -22.21 -24.05 15.16
N LYS C 179 -22.62 -23.59 13.97
CA LYS C 179 -23.80 -24.11 13.31
C LYS C 179 -23.63 -25.61 13.17
N GLU C 180 -22.56 -26.05 12.54
CA GLU C 180 -22.35 -27.49 12.34
C GLU C 180 -22.52 -28.27 13.65
N ASN C 181 -21.74 -27.90 14.67
CA ASN C 181 -21.65 -28.71 15.89
C ASN C 181 -22.69 -28.33 16.95
N ASN C 182 -23.73 -27.59 16.55
CA ASN C 182 -24.72 -26.99 17.46
C ASN C 182 -24.35 -26.31 18.78
N ILE C 183 -23.19 -25.65 18.79
CA ILE C 183 -22.73 -24.82 19.91
C ILE C 183 -23.51 -23.54 20.13
N ASP C 184 -23.81 -23.22 21.39
CA ASP C 184 -24.57 -22.01 21.70
C ASP C 184 -23.63 -20.82 21.60
N PHE C 185 -23.81 -20.08 20.50
CA PHE C 185 -22.94 -18.94 20.16
C PHE C 185 -23.76 -17.65 20.05
N ILE C 186 -23.25 -16.57 20.62
CA ILE C 186 -23.83 -15.25 20.47
C ILE C 186 -22.61 -14.32 20.25
N THR C 187 -22.65 -13.45 19.23
CA THR C 187 -21.55 -12.52 18.94
C THR C 187 -22.16 -11.13 19.06
N ILE C 188 -21.46 -10.20 19.70
CA ILE C 188 -21.92 -8.80 19.74
C ILE C 188 -21.03 -7.96 18.86
N ILE C 189 -21.67 -7.02 18.18
CA ILE C 189 -20.95 -6.11 17.32
C ILE C 189 -21.03 -4.70 17.87
N PRO C 190 -19.97 -4.17 18.48
CA PRO C 190 -19.94 -2.76 18.85
C PRO C 190 -19.52 -1.85 17.69
N THR C 191 -19.73 -0.57 17.92
CA THR C 191 -19.26 0.46 17.03
C THR C 191 -18.22 1.13 17.94
N LEU C 192 -17.89 2.42 17.79
CA LEU C 192 -16.78 2.96 18.57
C LEU C 192 -17.06 3.10 20.06
N VAL C 193 -16.44 2.24 20.84
CA VAL C 193 -16.71 2.14 22.28
C VAL C 193 -15.91 3.19 23.01
N VAL C 194 -16.66 4.12 23.59
CA VAL C 194 -16.16 5.32 24.26
C VAL C 194 -16.68 5.38 25.70
N GLY C 195 -16.04 6.08 26.63
CA GLY C 195 -16.50 6.14 28.04
C GLY C 195 -15.35 6.45 29.02
N PRO C 196 -15.44 5.99 30.29
CA PRO C 196 -14.30 6.06 31.19
C PRO C 196 -13.67 4.68 31.16
N PHE C 197 -12.59 4.44 31.90
CA PHE C 197 -11.89 3.14 31.94
C PHE C 197 -11.05 3.00 33.20
N ILE C 198 -10.66 1.77 33.50
CA ILE C 198 -10.00 1.46 34.77
C ILE C 198 -8.55 1.11 34.58
N MET C 199 -8.10 1.15 33.34
CA MET C 199 -6.77 0.68 32.96
C MET C 199 -5.71 1.80 33.05
N SER C 200 -4.44 1.43 33.02
CA SER C 200 -3.37 2.42 33.22
C SER C 200 -3.04 3.34 32.03
N SER C 201 -3.25 2.86 30.82
CA SER C 201 -2.83 3.58 29.64
C SER C 201 -4.00 3.99 28.75
N MET C 202 -3.69 4.34 27.49
CA MET C 202 -4.66 4.90 26.54
C MET C 202 -5.39 3.80 25.76
N PRO C 203 -6.72 3.77 25.89
CA PRO C 203 -7.34 2.70 25.16
C PRO C 203 -7.28 3.06 23.69
N PRO C 204 -6.92 2.10 22.85
CA PRO C 204 -6.84 2.33 21.43
C PRO C 204 -8.03 3.06 20.83
N SER C 205 -9.23 2.75 21.29
CA SER C 205 -10.41 3.38 20.69
C SER C 205 -10.52 4.84 21.05
N LEU C 206 -10.00 5.25 22.20
CA LEU C 206 -10.01 6.65 22.52
C LEU C 206 -9.03 7.46 21.69
N ILE C 207 -8.03 6.81 21.08
CA ILE C 207 -7.07 7.52 20.24
C ILE C 207 -7.86 8.07 19.07
N THR C 208 -8.76 7.22 18.56
CA THR C 208 -9.77 7.57 17.55
C THR C 208 -10.91 8.50 18.01
N ALA C 209 -11.62 8.15 19.07
CA ALA C 209 -12.73 8.97 19.59
C ALA C 209 -12.30 10.38 19.89
N LEU C 210 -11.13 10.53 20.50
CA LEU C 210 -10.65 11.85 20.92
C LEU C 210 -9.82 12.56 19.86
N SER C 211 -9.90 12.06 18.63
CA SER C 211 -9.10 12.59 17.53
C SER C 211 -9.46 14.02 17.17
N PRO C 212 -10.74 14.36 17.22
CA PRO C 212 -11.02 15.75 16.94
C PRO C 212 -10.31 16.74 17.89
N ILE C 213 -10.01 16.30 19.10
CA ILE C 213 -9.22 17.08 20.07
C ILE C 213 -7.73 17.04 19.71
N THR C 214 -7.23 15.87 19.34
CA THR C 214 -5.81 15.71 19.16
C THR C 214 -5.36 16.17 17.74
N GLY C 215 -6.26 16.15 16.79
CA GLY C 215 -5.87 16.44 15.40
C GLY C 215 -5.17 15.26 14.76
N ASN C 216 -5.47 14.07 15.29
CA ASN C 216 -4.88 12.83 14.78
C ASN C 216 -5.60 12.36 13.51
N GLU C 217 -5.26 13.06 12.43
CA GLU C 217 -6.04 12.96 11.23
C GLU C 217 -6.11 11.54 10.68
N ALA C 218 -5.14 10.64 10.88
CA ALA C 218 -5.37 9.26 10.40
C ALA C 218 -6.62 8.53 10.99
N HIS C 219 -7.08 8.93 12.15
CA HIS C 219 -8.31 8.35 12.69
C HIS C 219 -9.59 9.05 12.23
N TYR C 220 -9.49 10.06 11.37
CA TYR C 220 -10.72 10.75 10.97
C TYR C 220 -11.70 9.83 10.27
N SER C 221 -11.21 9.04 9.33
CA SER C 221 -11.97 8.12 8.52
C SER C 221 -12.95 7.20 9.27
N ILE C 222 -12.64 6.75 10.47
CA ILE C 222 -13.57 5.85 11.17
C ILE C 222 -14.75 6.55 11.81
N ILE C 223 -14.58 7.81 12.19
CA ILE C 223 -15.61 8.69 12.73
C ILE C 223 -16.10 9.79 11.75
N ARG C 224 -15.70 9.74 10.50
CA ARG C 224 -16.18 10.71 9.54
C ARG C 224 -17.70 10.61 9.56
N GLN C 225 -18.16 9.41 9.23
CA GLN C 225 -19.50 8.95 9.49
C GLN C 225 -19.39 7.98 10.66
N GLY C 226 -19.42 8.52 11.88
CA GLY C 226 -19.26 7.73 13.11
C GLY C 226 -20.46 7.11 13.81
N GLN C 227 -20.29 5.94 14.45
CA GLN C 227 -21.24 5.30 15.35
C GLN C 227 -20.53 4.95 16.67
N PHE C 228 -21.25 5.01 17.78
CA PHE C 228 -20.63 4.97 19.08
C PHE C 228 -21.46 4.22 20.08
N VAL C 229 -20.82 3.85 21.19
CA VAL C 229 -21.47 3.11 22.26
C VAL C 229 -20.68 3.37 23.52
N HIS C 230 -21.32 3.35 24.65
CA HIS C 230 -20.67 3.70 25.89
C HIS C 230 -20.22 2.34 26.33
N LEU C 231 -19.10 2.30 27.02
CA LEU C 231 -18.45 1.06 27.40
C LEU C 231 -19.46 0.34 28.30
N ASP C 232 -19.90 1.02 29.35
CA ASP C 232 -20.83 0.45 30.29
C ASP C 232 -22.11 -0.16 29.73
N ASP C 233 -22.80 0.47 28.75
CA ASP C 233 -23.93 -0.24 28.11
C ASP C 233 -23.40 -1.53 27.47
N LEU C 234 -22.28 -1.39 26.78
CA LEU C 234 -21.65 -2.45 26.04
C LEU C 234 -21.35 -3.66 26.89
N CYS C 235 -20.81 -3.43 28.09
CA CYS C 235 -20.46 -4.53 29.00
C CYS C 235 -21.71 -5.14 29.58
N ASN C 236 -22.60 -4.29 30.07
CA ASN C 236 -23.93 -4.65 30.53
C ASN C 236 -24.67 -5.38 29.47
N ALA C 237 -24.51 -4.97 28.23
CA ALA C 237 -25.03 -5.77 27.11
C ALA C 237 -24.48 -7.20 26.97
N HIS C 238 -23.21 -7.46 27.28
CA HIS C 238 -22.64 -8.80 27.12
C HIS C 238 -23.19 -9.78 28.16
N ILE C 239 -23.36 -9.28 29.37
CA ILE C 239 -23.98 -10.05 30.43
C ILE C 239 -25.39 -10.46 30.04
N TYR C 240 -26.13 -9.50 29.48
CA TYR C 240 -27.54 -9.64 29.14
C TYR C 240 -27.58 -10.74 28.15
N LEU C 241 -26.92 -10.56 27.01
CA LEU C 241 -27.03 -11.55 25.96
C LEU C 241 -26.56 -12.93 26.38
N PHE C 242 -25.84 -13.01 27.50
CA PHE C 242 -25.42 -14.28 28.09
C PHE C 242 -26.50 -14.92 28.96
N GLU C 243 -27.15 -14.09 29.76
CA GLU C 243 -28.27 -14.50 30.63
C GLU C 243 -29.67 -14.55 30.01
N ASN C 244 -29.84 -14.01 28.81
CA ASN C 244 -31.16 -13.99 28.19
C ASN C 244 -31.25 -15.32 27.48
N PRO C 245 -32.21 -16.16 27.85
CA PRO C 245 -32.24 -17.46 27.14
C PRO C 245 -32.63 -17.37 25.65
N LYS C 246 -33.44 -16.38 25.30
CA LYS C 246 -34.03 -16.16 23.96
C LYS C 246 -33.11 -15.67 22.83
N ALA C 247 -31.87 -15.29 23.15
CA ALA C 247 -30.95 -14.68 22.18
C ALA C 247 -30.37 -15.71 21.22
N GLU C 248 -30.39 -15.41 19.91
CA GLU C 248 -29.64 -16.19 18.91
C GLU C 248 -28.89 -15.28 17.94
N GLY C 249 -27.90 -15.87 17.26
CA GLY C 249 -27.14 -15.16 16.24
C GLY C 249 -26.43 -13.92 16.72
N ARG C 250 -26.43 -12.86 15.90
CA ARG C 250 -25.62 -11.66 16.05
C ARG C 250 -26.42 -10.50 16.66
N TYR C 251 -25.73 -9.49 17.19
CA TYR C 251 -26.33 -8.34 17.84
C TYR C 251 -25.47 -7.09 17.73
N ILE C 252 -25.91 -6.12 16.94
CA ILE C 252 -25.28 -4.82 16.94
C ILE C 252 -25.55 -4.04 18.21
N CYS C 253 -24.53 -3.37 18.74
CA CYS C 253 -24.64 -2.71 20.03
C CYS C 253 -24.07 -1.32 19.95
N SER C 254 -24.63 -0.51 19.06
CA SER C 254 -24.36 0.93 18.88
C SER C 254 -25.57 1.71 19.34
N SER C 255 -25.35 2.72 20.18
CA SER C 255 -26.41 3.59 20.68
C SER C 255 -26.53 4.98 20.03
N HIS C 256 -25.61 5.38 19.16
CA HIS C 256 -25.64 6.73 18.59
C HIS C 256 -24.97 6.76 17.27
N ASP C 257 -25.36 7.68 16.39
CA ASP C 257 -24.60 7.90 15.17
C ASP C 257 -24.60 9.31 14.57
N CYS C 258 -23.41 9.80 14.22
CA CYS C 258 -23.29 11.10 13.59
C CYS C 258 -21.95 11.36 12.90
N ILE C 259 -21.96 12.42 12.09
CA ILE C 259 -20.89 12.75 11.17
C ILE C 259 -19.83 13.51 11.92
N ILE C 260 -18.62 13.56 11.39
CA ILE C 260 -17.53 14.15 12.19
C ILE C 260 -17.85 15.55 12.66
N LEU C 261 -18.51 16.41 11.87
CA LEU C 261 -18.85 17.79 12.32
C LEU C 261 -19.72 17.91 13.56
N ASP C 262 -20.75 17.05 13.60
CA ASP C 262 -21.68 17.01 14.74
C ASP C 262 -20.93 16.63 15.99
N LEU C 263 -20.23 15.50 15.95
CA LEU C 263 -19.36 15.10 17.05
C LEU C 263 -18.42 16.20 17.48
N ALA C 264 -17.81 16.86 16.51
CA ALA C 264 -16.91 17.99 16.77
C ALA C 264 -17.73 19.05 17.48
N LYS C 265 -18.85 19.45 16.87
CA LYS C 265 -19.75 20.49 17.37
C LYS C 265 -20.14 20.28 18.85
N MET C 266 -20.58 19.07 19.15
CA MET C 266 -20.87 18.66 20.51
C MET C 266 -19.64 18.96 21.37
N LEU C 267 -18.47 18.52 20.94
CA LEU C 267 -17.26 18.66 21.77
C LEU C 267 -16.79 20.08 22.01
N ARG C 268 -16.98 20.95 21.01
CA ARG C 268 -16.55 22.36 21.03
C ARG C 268 -17.34 23.16 22.07
N GLU C 269 -18.66 22.92 22.11
CA GLU C 269 -19.53 23.52 23.12
C GLU C 269 -19.19 23.06 24.54
N LYS C 270 -18.74 21.82 24.73
CA LYS C 270 -18.41 21.33 26.08
C LYS C 270 -17.00 21.63 26.55
N TYR C 271 -16.02 21.68 25.64
CA TYR C 271 -14.64 21.98 26.01
C TYR C 271 -14.15 23.14 25.13
N PRO C 272 -14.62 24.38 25.41
CA PRO C 272 -14.03 25.51 24.67
C PRO C 272 -12.50 25.66 24.79
N GLU C 273 -11.87 25.20 25.87
CA GLU C 273 -10.42 25.27 26.04
C GLU C 273 -9.62 24.41 25.08
N TYR C 274 -10.29 23.45 24.44
CA TYR C 274 -9.74 22.69 23.35
C TYR C 274 -10.09 23.40 22.04
N ASN C 275 -9.06 23.62 21.22
CA ASN C 275 -9.17 24.19 19.89
C ASN C 275 -9.47 23.03 18.93
N ILE C 276 -10.75 22.70 18.91
CA ILE C 276 -11.31 21.67 18.07
C ILE C 276 -11.81 22.31 16.81
N PRO C 277 -11.31 21.89 15.65
CA PRO C 277 -11.65 22.59 14.43
C PRO C 277 -13.14 22.59 14.11
N THR C 278 -13.67 23.70 13.58
CA THR C 278 -15.08 23.77 13.17
C THR C 278 -15.25 23.25 11.73
N GLU C 279 -14.16 22.90 11.07
CA GLU C 279 -14.23 22.52 9.67
C GLU C 279 -13.39 21.28 9.40
N PHE C 280 -13.90 20.38 8.56
CA PHE C 280 -13.20 19.17 8.25
C PHE C 280 -13.18 18.89 6.78
N LYS C 281 -12.07 18.35 6.32
CA LYS C 281 -11.81 18.25 4.89
C LYS C 281 -12.78 17.20 4.43
N GLY C 282 -13.17 17.29 3.17
CA GLY C 282 -14.01 16.31 2.53
C GLY C 282 -15.38 16.06 3.13
N VAL C 283 -15.81 16.91 4.06
CA VAL C 283 -17.08 16.76 4.76
C VAL C 283 -17.87 18.07 4.82
N ASP C 284 -18.94 18.14 4.07
CA ASP C 284 -19.90 19.24 4.19
C ASP C 284 -21.00 18.80 5.13
N GLU C 285 -21.92 19.69 5.44
CA GLU C 285 -23.08 19.35 6.26
C GLU C 285 -24.16 18.52 5.59
N ASN C 286 -24.12 18.32 4.27
CA ASN C 286 -25.08 17.45 3.62
C ASN C 286 -24.65 15.98 3.58
N LEU C 287 -23.70 15.56 4.42
CA LEU C 287 -23.21 14.19 4.43
C LEU C 287 -24.00 13.45 5.47
N LYS C 288 -24.87 12.57 4.97
CA LYS C 288 -25.74 11.67 5.74
C LYS C 288 -24.95 10.88 6.79
N SER C 289 -25.52 10.81 7.99
CA SER C 289 -25.04 9.90 9.03
C SER C 289 -25.34 8.42 8.69
N VAL C 290 -24.45 7.50 9.01
CA VAL C 290 -24.70 6.12 8.65
C VAL C 290 -24.99 5.43 9.96
N CYS C 291 -26.15 4.80 10.06
CA CYS C 291 -26.57 4.33 11.35
C CYS C 291 -26.45 2.82 11.49
N PHE C 292 -26.01 2.37 12.67
CA PHE C 292 -26.02 0.94 13.02
C PHE C 292 -27.27 0.60 13.86
N SER C 293 -28.14 -0.28 13.37
CA SER C 293 -29.39 -0.55 14.07
C SER C 293 -29.20 -1.55 15.20
N SER C 294 -29.36 -1.04 16.42
CA SER C 294 -29.43 -1.86 17.60
C SER C 294 -30.85 -2.41 17.87
N LYS C 295 -31.66 -2.63 16.82
CA LYS C 295 -33.07 -3.00 16.98
C LYS C 295 -33.27 -4.42 17.50
N LYS C 296 -32.47 -5.37 17.05
CA LYS C 296 -32.58 -6.74 17.55
C LYS C 296 -32.38 -6.77 19.05
N LEU C 297 -31.36 -6.08 19.56
CA LEU C 297 -31.15 -6.00 20.99
C LEU C 297 -32.24 -5.27 21.82
N THR C 298 -32.62 -4.07 21.40
CA THR C 298 -33.62 -3.24 22.12
C THR C 298 -35.03 -3.87 22.25
N ASP C 299 -35.47 -4.57 21.20
CA ASP C 299 -36.71 -5.37 21.18
C ASP C 299 -36.69 -6.39 22.31
N LEU C 300 -35.50 -6.91 22.60
CA LEU C 300 -35.37 -7.95 23.60
C LEU C 300 -35.59 -7.41 25.00
N GLY C 301 -35.46 -6.10 25.20
CA GLY C 301 -35.68 -5.53 26.53
C GLY C 301 -34.49 -4.73 27.00
N PHE C 302 -33.34 -4.92 26.38
CA PHE C 302 -32.15 -4.15 26.75
C PHE C 302 -32.42 -2.68 26.51
N GLU C 303 -32.05 -1.82 27.45
CA GLU C 303 -32.18 -0.37 27.38
C GLU C 303 -30.84 0.33 27.67
N PHE C 304 -30.35 1.10 26.71
CA PHE C 304 -29.13 1.88 26.85
C PHE C 304 -29.25 2.94 27.91
N LYS C 305 -28.33 3.05 28.85
CA LYS C 305 -28.49 4.05 29.89
C LYS C 305 -27.77 5.37 29.63
N TYR C 306 -26.96 5.49 28.57
CA TYR C 306 -26.19 6.72 28.33
C TYR C 306 -26.15 7.30 26.92
N SER C 307 -25.77 8.57 26.86
CA SER C 307 -25.73 9.42 25.67
C SER C 307 -24.35 9.77 25.12
N LEU C 308 -24.26 10.02 23.83
CA LEU C 308 -22.99 10.46 23.28
C LEU C 308 -22.27 11.39 24.24
N GLU C 309 -22.97 12.36 24.80
CA GLU C 309 -22.34 13.35 25.67
C GLU C 309 -21.70 12.59 26.83
N ASP C 310 -22.44 11.61 27.35
CA ASP C 310 -22.00 10.84 28.51
C ASP C 310 -20.68 10.09 28.35
N MET C 311 -20.56 9.38 27.22
CA MET C 311 -19.36 8.63 26.89
C MET C 311 -18.19 9.60 26.87
N PHE C 312 -18.36 10.65 26.07
CA PHE C 312 -17.27 11.58 25.82
C PHE C 312 -16.91 12.45 27.02
N THR C 313 -17.75 12.60 28.05
CA THR C 313 -17.30 13.31 29.26
C THR C 313 -16.47 12.32 30.10
N GLY C 314 -16.90 11.06 30.14
CA GLY C 314 -16.16 9.99 30.84
C GLY C 314 -14.76 9.67 30.30
N ALA C 315 -14.66 9.65 28.97
CA ALA C 315 -13.39 9.51 28.27
C ALA C 315 -12.52 10.72 28.51
N VAL C 316 -13.06 11.91 28.27
CA VAL C 316 -12.30 13.14 28.50
C VAL C 316 -11.93 13.34 29.96
N ASP C 317 -12.85 13.11 30.89
CA ASP C 317 -12.47 13.31 32.28
C ASP C 317 -11.49 12.24 32.78
N THR C 318 -11.73 10.96 32.47
CA THR C 318 -10.80 9.89 32.86
C THR C 318 -9.43 10.19 32.27
N CYS C 319 -9.36 10.61 31.01
CA CYS C 319 -8.07 10.82 30.36
C CYS C 319 -7.28 11.98 30.98
N ARG C 320 -8.00 12.92 31.61
CA ARG C 320 -7.40 14.05 32.31
C ARG C 320 -6.99 13.66 33.73
N ALA C 321 -7.84 12.90 34.41
CA ALA C 321 -7.52 12.33 35.72
C ALA C 321 -6.17 11.59 35.66
N LYS C 322 -6.08 10.67 34.71
CA LYS C 322 -4.99 9.71 34.66
C LYS C 322 -3.79 10.30 33.98
N GLY C 323 -3.83 11.54 33.50
CA GLY C 323 -2.68 12.20 32.90
C GLY C 323 -2.39 11.94 31.44
N LEU C 324 -3.36 11.42 30.68
CA LEU C 324 -3.23 11.10 29.26
C LEU C 324 -3.66 12.13 28.21
N LEU C 325 -4.38 13.17 28.59
CA LEU C 325 -4.83 14.23 27.68
C LEU C 325 -4.62 15.55 28.43
N PRO C 326 -4.15 16.60 27.76
CA PRO C 326 -3.86 17.77 28.55
C PRO C 326 -5.13 18.51 28.91
N PRO C 327 -5.14 19.25 30.02
CA PRO C 327 -6.36 19.96 30.38
C PRO C 327 -6.83 20.99 29.34
N SER C 328 -5.92 21.77 28.77
CA SER C 328 -6.30 22.82 27.83
C SER C 328 -5.34 22.97 26.66
N HIS C 329 -5.70 23.76 25.65
CA HIS C 329 -4.78 24.16 24.60
C HIS C 329 -4.41 25.64 24.69
N GLU D 6 -59.08 -18.06 -0.72
CA GLU D 6 -59.41 -16.77 -0.04
C GLU D 6 -59.45 -15.57 -0.97
N THR D 7 -60.33 -14.59 -0.68
CA THR D 7 -60.45 -13.31 -1.40
C THR D 7 -59.45 -12.21 -1.04
N VAL D 8 -58.99 -11.47 -2.07
CA VAL D 8 -58.28 -10.18 -1.93
C VAL D 8 -58.87 -9.09 -2.87
N CYS D 9 -58.83 -7.83 -2.41
CA CYS D 9 -58.98 -6.66 -3.27
C CYS D 9 -57.66 -6.25 -3.98
N VAL D 10 -57.78 -5.56 -5.11
CA VAL D 10 -56.67 -4.90 -5.81
C VAL D 10 -57.27 -3.64 -6.41
N THR D 11 -56.85 -2.47 -5.96
CA THR D 11 -57.28 -1.22 -6.59
C THR D 11 -56.39 -0.73 -7.77
N GLY D 12 -57.03 -0.16 -8.78
CA GLY D 12 -56.33 0.27 -10.00
C GLY D 12 -56.06 -0.94 -10.88
N ALA D 13 -57.06 -1.82 -10.91
CA ALA D 13 -56.92 -3.14 -11.52
C ALA D 13 -56.62 -2.97 -12.98
N SER D 14 -57.15 -1.90 -13.58
CA SER D 14 -57.00 -1.68 -15.02
C SER D 14 -55.54 -1.44 -15.43
N GLY D 15 -54.84 -0.61 -14.65
CA GLY D 15 -53.42 -0.29 -14.91
C GLY D 15 -52.31 -1.34 -14.93
N PHE D 16 -51.16 -0.85 -15.38
CA PHE D 16 -49.95 -1.63 -15.67
C PHE D 16 -49.49 -2.61 -14.60
N ILE D 17 -49.33 -2.13 -13.37
CA ILE D 17 -48.86 -3.05 -12.34
C ILE D 17 -50.00 -3.95 -11.99
N GLY D 18 -51.09 -3.34 -11.49
CA GLY D 18 -52.26 -4.03 -10.91
C GLY D 18 -52.91 -5.12 -11.76
N SER D 19 -52.95 -4.89 -13.08
CA SER D 19 -53.38 -5.90 -14.05
C SER D 19 -52.61 -7.21 -13.92
N TRP D 20 -51.31 -7.16 -14.22
CA TRP D 20 -50.34 -8.23 -13.97
C TRP D 20 -50.46 -8.79 -12.55
N LEU D 21 -50.48 -7.91 -11.55
CA LEU D 21 -50.80 -8.36 -10.20
C LEU D 21 -52.07 -9.23 -10.23
N VAL D 22 -53.15 -8.80 -10.90
CA VAL D 22 -54.38 -9.60 -10.94
C VAL D 22 -54.23 -10.96 -11.66
N MET D 23 -53.79 -10.98 -12.90
CA MET D 23 -53.42 -12.24 -13.58
C MET D 23 -52.56 -13.21 -12.74
N ARG D 24 -51.56 -12.69 -12.01
CA ARG D 24 -50.74 -13.54 -11.15
C ARG D 24 -51.50 -13.99 -9.91
N LEU D 25 -52.33 -13.11 -9.34
CA LEU D 25 -53.18 -13.43 -8.20
C LEU D 25 -54.18 -14.56 -8.51
N LEU D 26 -54.83 -14.55 -9.68
CA LEU D 26 -55.67 -15.69 -10.16
C LEU D 26 -54.97 -16.81 -10.97
N GLU D 27 -53.63 -16.83 -10.99
CA GLU D 27 -52.81 -17.93 -11.52
C GLU D 27 -52.21 -18.69 -10.33
N ARG D 28 -52.91 -18.60 -9.20
CA ARG D 28 -52.47 -19.13 -7.91
C ARG D 28 -53.66 -19.81 -7.17
N GLY D 29 -54.85 -19.22 -7.18
CA GLY D 29 -55.98 -19.68 -6.39
C GLY D 29 -56.70 -18.67 -5.50
N TYR D 30 -56.31 -17.41 -5.63
CA TYR D 30 -57.10 -16.34 -5.07
C TYR D 30 -58.32 -16.15 -5.99
N THR D 31 -59.27 -15.46 -5.37
CA THR D 31 -60.50 -15.03 -5.96
C THR D 31 -60.43 -13.54 -5.64
N VAL D 32 -60.52 -12.67 -6.66
CA VAL D 32 -60.17 -11.28 -6.44
C VAL D 32 -61.31 -10.30 -6.72
N ARG D 33 -61.22 -9.14 -6.06
CA ARG D 33 -62.15 -8.03 -6.24
C ARG D 33 -61.47 -6.84 -6.94
N ALA D 34 -61.47 -6.80 -8.27
CA ALA D 34 -60.80 -5.73 -9.00
C ALA D 34 -61.58 -4.42 -8.80
N THR D 35 -60.90 -3.32 -8.49
CA THR D 35 -61.58 -2.02 -8.53
C THR D 35 -60.99 -1.11 -9.61
N VAL D 36 -61.91 -0.54 -10.38
CA VAL D 36 -61.73 0.45 -11.45
C VAL D 36 -62.72 1.63 -11.30
N ARG D 37 -62.65 2.62 -12.17
CA ARG D 37 -63.45 3.84 -12.01
C ARG D 37 -64.59 3.89 -13.01
N ASP D 38 -64.33 3.53 -14.27
CA ASP D 38 -65.33 3.43 -15.33
C ASP D 38 -65.35 1.95 -15.82
N PRO D 39 -66.13 1.07 -15.17
CA PRO D 39 -66.27 -0.30 -15.68
C PRO D 39 -66.60 -0.55 -17.17
N THR D 40 -67.13 0.45 -17.86
CA THR D 40 -67.49 0.36 -19.28
C THR D 40 -66.45 0.82 -20.30
N ASN D 41 -65.18 0.86 -19.90
CA ASN D 41 -64.14 1.45 -20.75
C ASN D 41 -63.35 0.25 -21.32
N VAL D 42 -63.96 -0.42 -22.29
CA VAL D 42 -63.41 -1.67 -22.82
C VAL D 42 -61.87 -1.71 -22.78
N LYS D 43 -61.19 -0.61 -23.06
CA LYS D 43 -59.74 -0.58 -22.90
C LYS D 43 -59.34 -0.99 -21.50
N LYS D 44 -59.89 -0.34 -20.49
CA LYS D 44 -59.50 -0.60 -19.11
C LYS D 44 -59.86 -1.99 -18.53
N VAL D 45 -60.71 -2.75 -19.22
CA VAL D 45 -61.37 -3.92 -18.65
C VAL D 45 -61.20 -5.24 -19.41
N LYS D 46 -61.18 -5.21 -20.74
CA LYS D 46 -61.10 -6.43 -21.55
C LYS D 46 -59.95 -7.35 -21.11
N HIS D 47 -58.78 -6.77 -20.84
CA HIS D 47 -57.60 -7.54 -20.48
C HIS D 47 -57.74 -8.31 -19.16
N LEU D 48 -58.52 -7.74 -18.23
CA LEU D 48 -58.88 -8.34 -16.92
C LEU D 48 -59.88 -9.51 -16.96
N LEU D 49 -60.74 -9.53 -17.97
CA LEU D 49 -61.82 -10.51 -18.12
C LEU D 49 -61.43 -11.66 -19.03
N ASP D 50 -60.58 -11.37 -20.02
CA ASP D 50 -59.90 -12.38 -20.82
C ASP D 50 -58.96 -13.27 -19.99
N LEU D 51 -58.65 -12.85 -18.76
CA LEU D 51 -57.72 -13.59 -17.93
C LEU D 51 -58.31 -14.95 -17.59
N PRO D 52 -57.60 -16.06 -17.89
CA PRO D 52 -58.13 -17.38 -17.52
C PRO D 52 -58.65 -17.39 -16.09
N LYS D 53 -59.80 -18.02 -15.88
CA LYS D 53 -60.41 -18.13 -14.56
C LYS D 53 -61.04 -16.83 -14.08
N ALA D 54 -61.48 -16.00 -15.01
CA ALA D 54 -62.19 -14.74 -14.68
C ALA D 54 -63.67 -14.98 -14.32
N GLU D 55 -64.32 -15.87 -15.08
CA GLU D 55 -65.75 -16.14 -14.93
C GLU D 55 -66.12 -16.64 -13.53
N THR D 56 -65.25 -17.46 -12.95
CA THR D 56 -65.51 -18.14 -11.68
C THR D 56 -64.93 -17.44 -10.47
N HIS D 57 -63.92 -16.60 -10.68
CA HIS D 57 -63.20 -15.92 -9.58
C HIS D 57 -63.06 -14.38 -9.64
N LEU D 58 -63.17 -13.75 -10.80
CA LEU D 58 -62.98 -12.32 -10.81
C LEU D 58 -64.28 -11.57 -10.66
N THR D 59 -64.26 -10.51 -9.86
CA THR D 59 -65.36 -9.59 -9.75
C THR D 59 -64.79 -8.15 -9.88
N LEU D 60 -65.59 -7.21 -10.36
CA LEU D 60 -65.20 -5.82 -10.56
C LEU D 60 -66.04 -4.95 -9.63
N TRP D 61 -65.48 -3.82 -9.18
CA TRP D 61 -66.18 -2.84 -8.30
C TRP D 61 -65.84 -1.40 -8.77
N LYS D 62 -66.76 -0.46 -8.58
CA LYS D 62 -66.61 0.88 -9.18
C LYS D 62 -66.31 1.93 -8.10
N ALA D 63 -65.02 2.24 -7.91
CA ALA D 63 -64.51 3.17 -6.88
C ALA D 63 -63.43 4.17 -7.37
N ASP D 64 -63.46 5.36 -6.74
CA ASP D 64 -62.57 6.52 -6.98
C ASP D 64 -61.99 7.04 -5.63
N LEU D 65 -60.70 7.33 -5.63
CA LEU D 65 -60.00 7.78 -4.45
C LEU D 65 -60.56 9.12 -3.98
N ALA D 66 -61.02 9.92 -4.94
CA ALA D 66 -61.56 11.23 -4.68
C ALA D 66 -62.92 11.10 -4.02
N ASP D 67 -63.62 9.96 -4.11
CA ASP D 67 -64.95 9.77 -3.47
C ASP D 67 -64.96 9.02 -2.14
N GLU D 68 -64.97 9.81 -1.06
CA GLU D 68 -64.95 9.32 0.32
C GLU D 68 -65.95 8.18 0.47
N GLY D 69 -65.53 7.09 1.12
CA GLY D 69 -66.39 5.92 1.32
C GLY D 69 -66.38 4.84 0.26
N SER D 70 -66.17 5.22 -1.00
CA SER D 70 -66.27 4.34 -2.17
C SER D 70 -65.69 2.92 -2.13
N PHE D 71 -64.74 2.65 -1.24
CA PHE D 71 -64.07 1.36 -1.20
C PHE D 71 -64.61 0.30 -0.22
N ASP D 72 -65.51 0.69 0.69
CA ASP D 72 -66.04 -0.22 1.72
C ASP D 72 -66.34 -1.61 1.16
N GLU D 73 -67.25 -1.68 0.19
CA GLU D 73 -67.75 -2.98 -0.30
C GLU D 73 -66.65 -3.86 -0.90
N ALA D 74 -65.78 -3.25 -1.70
CA ALA D 74 -64.66 -3.99 -2.26
C ALA D 74 -64.06 -4.71 -1.11
N ILE D 75 -63.79 -3.95 -0.06
CA ILE D 75 -62.93 -4.40 1.04
C ILE D 75 -63.67 -5.32 2.02
N LYS D 76 -64.98 -5.13 2.22
CA LYS D 76 -65.87 -6.12 2.88
C LYS D 76 -65.55 -7.55 2.42
N GLY D 77 -65.30 -8.46 3.36
CA GLY D 77 -64.94 -9.84 3.04
C GLY D 77 -63.48 -10.28 2.93
N CYS D 78 -62.59 -9.55 2.25
CA CYS D 78 -61.23 -10.06 1.95
C CYS D 78 -60.25 -10.15 3.13
N THR D 79 -59.20 -10.93 2.93
CA THR D 79 -58.08 -11.02 3.88
C THR D 79 -56.96 -10.05 3.52
N GLY D 80 -57.03 -9.50 2.31
CA GLY D 80 -56.07 -8.54 1.77
C GLY D 80 -56.63 -7.46 0.86
N VAL D 81 -55.93 -6.33 0.82
CA VAL D 81 -56.22 -5.29 -0.14
C VAL D 81 -54.83 -4.97 -0.66
N PHE D 82 -54.60 -5.02 -1.97
CA PHE D 82 -53.38 -4.45 -2.56
C PHE D 82 -53.70 -3.09 -3.19
N HIS D 83 -53.67 -1.99 -2.41
CA HIS D 83 -53.81 -0.62 -2.97
C HIS D 83 -52.65 -0.34 -3.94
N VAL D 84 -52.90 -0.53 -5.24
CA VAL D 84 -51.96 -0.21 -6.31
C VAL D 84 -52.29 1.15 -7.00
N ALA D 85 -53.58 1.46 -7.11
CA ALA D 85 -54.16 2.71 -7.69
C ALA D 85 -53.57 4.09 -7.24
N THR D 86 -53.64 5.09 -8.11
CA THR D 86 -53.07 6.43 -7.85
C THR D 86 -53.57 7.48 -8.89
N PRO D 87 -53.94 8.68 -8.42
CA PRO D 87 -54.29 9.72 -9.38
C PRO D 87 -53.12 10.28 -10.17
N MET D 88 -53.33 10.50 -11.47
CA MET D 88 -52.41 11.21 -12.37
C MET D 88 -52.71 12.73 -12.20
N ASP D 89 -52.10 13.63 -12.98
CA ASP D 89 -52.38 15.10 -12.94
C ASP D 89 -52.94 15.42 -14.34
N PHE D 90 -54.14 14.86 -14.58
CA PHE D 90 -54.79 14.76 -15.90
C PHE D 90 -55.27 16.09 -16.40
N GLU D 91 -56.18 16.69 -15.63
CA GLU D 91 -56.82 17.97 -15.97
C GLU D 91 -55.84 19.18 -15.85
N SER D 92 -54.77 18.99 -15.08
CA SER D 92 -53.60 19.89 -14.98
C SER D 92 -53.88 21.38 -14.78
N LYS D 93 -54.89 21.68 -13.97
CA LYS D 93 -55.11 23.04 -13.48
C LYS D 93 -54.62 23.12 -12.02
N ASP D 94 -55.07 22.22 -11.15
CA ASP D 94 -54.97 22.40 -9.69
C ASP D 94 -54.50 21.16 -8.90
N PRO D 95 -53.19 20.80 -9.00
CA PRO D 95 -52.71 19.52 -8.46
C PRO D 95 -53.00 19.27 -6.98
N GLU D 96 -52.84 20.28 -6.11
CA GLU D 96 -53.26 20.18 -4.70
C GLU D 96 -54.64 19.53 -4.52
N ASN D 97 -55.60 19.89 -5.38
CA ASN D 97 -56.95 19.33 -5.35
C ASN D 97 -57.07 18.10 -6.29
N GLU D 98 -56.32 18.10 -7.39
CA GLU D 98 -56.32 16.93 -8.30
C GLU D 98 -55.54 15.71 -7.81
N VAL D 99 -54.25 15.84 -7.53
CA VAL D 99 -53.35 14.71 -7.25
C VAL D 99 -53.05 14.39 -5.76
N ILE D 100 -52.79 15.41 -4.92
CA ILE D 100 -52.43 15.27 -3.49
C ILE D 100 -53.57 15.01 -2.51
N LYS D 101 -54.56 15.92 -2.45
CA LYS D 101 -55.72 15.67 -1.58
C LYS D 101 -56.29 14.28 -1.76
N PRO D 102 -56.49 13.84 -3.02
CA PRO D 102 -57.05 12.52 -3.23
C PRO D 102 -56.11 11.40 -2.88
N THR D 103 -54.84 11.51 -3.29
CA THR D 103 -53.90 10.43 -2.94
C THR D 103 -53.76 10.36 -1.41
N ILE D 104 -53.83 11.49 -0.70
CA ILE D 104 -53.75 11.38 0.75
C ILE D 104 -55.04 10.83 1.32
N GLU D 105 -56.16 11.51 1.07
CA GLU D 105 -57.45 11.19 1.73
C GLU D 105 -57.98 9.81 1.38
N GLY D 106 -57.78 9.44 0.11
CA GLY D 106 -58.20 8.16 -0.43
C GLY D 106 -57.46 7.06 0.29
N MET D 107 -56.12 7.16 0.32
CA MET D 107 -55.29 6.21 1.10
C MET D 107 -55.86 6.00 2.52
N LEU D 108 -55.89 7.06 3.34
CA LEU D 108 -56.45 6.99 4.71
C LEU D 108 -57.85 6.43 4.65
N GLY D 109 -58.59 6.86 3.61
CA GLY D 109 -59.90 6.31 3.30
C GLY D 109 -59.81 4.81 3.33
N ILE D 110 -59.01 4.24 2.43
CA ILE D 110 -58.94 2.80 2.34
C ILE D 110 -58.53 2.16 3.67
N MET D 111 -57.65 2.79 4.45
CA MET D 111 -57.24 2.24 5.76
C MET D 111 -58.41 2.13 6.75
N LYS D 112 -59.30 3.13 6.72
CA LYS D 112 -60.51 3.15 7.56
C LYS D 112 -61.35 1.95 7.17
N SER D 113 -61.84 1.99 5.94
CA SER D 113 -62.59 0.88 5.37
C SER D 113 -62.02 -0.54 5.60
N CYS D 114 -60.69 -0.67 5.74
CA CYS D 114 -60.00 -1.95 6.00
C CYS D 114 -60.22 -2.44 7.43
N ALA D 115 -60.24 -1.51 8.38
CA ALA D 115 -60.68 -1.76 9.74
C ALA D 115 -62.18 -2.15 9.76
N ALA D 116 -63.03 -1.29 9.19
CA ALA D 116 -64.50 -1.48 9.18
C ALA D 116 -64.88 -2.92 8.81
N ALA D 117 -64.15 -3.48 7.84
CA ALA D 117 -64.34 -4.86 7.35
C ALA D 117 -64.32 -5.92 8.45
N LYS D 118 -63.41 -5.81 9.42
CA LYS D 118 -63.11 -6.84 10.44
C LYS D 118 -62.56 -8.15 9.84
N THR D 119 -62.20 -8.14 8.55
CA THR D 119 -61.76 -9.34 7.80
C THR D 119 -60.35 -9.18 7.25
N VAL D 120 -59.97 -7.92 7.02
CA VAL D 120 -58.65 -7.60 6.46
C VAL D 120 -57.61 -7.88 7.53
N ARG D 121 -56.85 -8.95 7.32
CA ARG D 121 -55.62 -9.20 8.06
C ARG D 121 -54.43 -8.32 7.64
N ARG D 122 -54.30 -7.91 6.36
CA ARG D 122 -53.19 -7.05 5.93
C ARG D 122 -53.31 -6.24 4.62
N LEU D 123 -52.95 -4.95 4.73
CA LEU D 123 -52.93 -3.94 3.64
C LEU D 123 -51.50 -3.76 3.02
N VAL D 124 -51.35 -3.87 1.70
CA VAL D 124 -50.11 -3.61 0.98
C VAL D 124 -50.25 -2.37 0.08
N PHE D 125 -49.67 -1.26 0.52
CA PHE D 125 -49.69 -0.04 -0.26
C PHE D 125 -48.62 -0.24 -1.32
N THR D 126 -48.95 -0.03 -2.59
CA THR D 126 -47.90 0.21 -3.60
C THR D 126 -47.59 1.71 -3.63
N SER D 127 -46.33 2.02 -3.31
CA SER D 127 -45.86 3.40 -3.13
C SER D 127 -44.93 3.73 -4.28
N SER D 128 -44.24 4.86 -4.19
CA SER D 128 -43.40 5.40 -5.26
C SER D 128 -42.01 5.76 -4.72
N ALA D 129 -41.02 5.49 -5.57
CA ALA D 129 -39.59 5.68 -5.36
C ALA D 129 -39.28 7.14 -5.07
N GLY D 130 -40.02 8.02 -5.73
CA GLY D 130 -40.02 9.47 -5.38
C GLY D 130 -40.39 9.87 -3.97
N THR D 131 -40.78 8.92 -3.13
CA THR D 131 -40.88 9.19 -1.70
C THR D 131 -39.55 8.98 -0.99
N VAL D 132 -38.59 8.35 -1.68
CA VAL D 132 -37.28 8.13 -1.06
C VAL D 132 -36.32 9.25 -1.43
N ASN D 133 -36.04 9.39 -2.72
CA ASN D 133 -34.80 10.03 -3.15
C ASN D 133 -34.88 11.37 -3.86
N ILE D 134 -35.92 12.15 -3.55
CA ILE D 134 -36.01 13.56 -4.01
C ILE D 134 -35.42 14.49 -2.93
N GLN D 135 -34.12 14.75 -3.10
CA GLN D 135 -33.39 15.78 -2.36
C GLN D 135 -32.26 16.34 -3.23
N GLU D 136 -31.76 17.51 -2.85
CA GLU D 136 -30.84 18.22 -3.72
C GLU D 136 -29.53 17.45 -4.00
N HIS D 137 -29.20 16.43 -3.20
CA HIS D 137 -27.96 15.67 -3.36
C HIS D 137 -28.13 14.17 -3.08
N GLN D 138 -27.87 13.32 -4.08
CA GLN D 138 -28.08 11.87 -3.94
C GLN D 138 -27.11 11.22 -2.95
N LEU D 139 -27.62 10.51 -1.95
CA LEU D 139 -26.83 9.53 -1.20
C LEU D 139 -26.42 8.54 -2.27
N PRO D 140 -25.32 7.81 -2.06
CA PRO D 140 -24.96 6.82 -3.06
C PRO D 140 -25.76 5.52 -2.95
N VAL D 141 -26.46 5.32 -1.84
CA VAL D 141 -27.32 4.14 -1.66
C VAL D 141 -28.47 4.53 -0.77
N TYR D 142 -29.64 4.02 -1.12
CA TYR D 142 -30.88 4.30 -0.40
C TYR D 142 -31.51 3.03 0.19
N ASP D 143 -32.28 3.26 1.25
CA ASP D 143 -32.87 2.22 2.07
C ASP D 143 -34.10 2.78 2.79
N GLU D 144 -34.75 1.94 3.58
CA GLU D 144 -36.12 2.25 4.00
C GLU D 144 -36.25 3.23 5.17
N SER D 145 -35.15 3.83 5.60
CA SER D 145 -35.17 4.91 6.59
C SER D 145 -35.30 6.26 5.91
N CYS D 146 -35.08 6.29 4.59
CA CYS D 146 -34.95 7.52 3.82
C CYS D 146 -36.26 8.06 3.22
N TRP D 147 -36.47 9.36 3.42
CA TRP D 147 -37.64 10.07 2.95
C TRP D 147 -37.28 11.36 2.21
N SER D 148 -37.76 11.44 0.96
CA SER D 148 -37.76 12.66 0.16
C SER D 148 -38.16 13.90 0.93
N ASP D 149 -37.68 15.03 0.43
CA ASP D 149 -37.68 16.31 1.15
C ASP D 149 -38.75 17.26 0.65
N MET D 150 -39.80 17.43 1.46
CA MET D 150 -40.91 18.31 1.14
C MET D 150 -40.47 19.76 1.11
N GLU D 151 -39.58 20.16 2.01
CA GLU D 151 -39.04 21.51 2.00
C GLU D 151 -38.49 21.85 0.61
N PHE D 152 -37.61 20.96 0.12
CA PHE D 152 -36.98 21.02 -1.21
C PHE D 152 -37.98 20.86 -2.34
N CYS D 153 -38.91 19.92 -2.22
CA CYS D 153 -39.92 19.76 -3.26
C CYS D 153 -40.77 21.04 -3.38
N ARG D 154 -41.27 21.54 -2.26
CA ARG D 154 -42.11 22.73 -2.24
C ARG D 154 -41.38 23.99 -2.70
N ALA D 155 -40.19 24.23 -2.18
CA ALA D 155 -39.40 25.38 -2.62
C ALA D 155 -39.22 25.39 -4.15
N LYS D 156 -38.90 24.22 -4.71
CA LYS D 156 -38.40 24.10 -6.09
C LYS D 156 -39.45 23.90 -7.18
N LYS D 157 -40.44 23.05 -6.95
CA LYS D 157 -41.60 22.92 -7.84
C LYS D 157 -41.09 22.56 -9.24
N MET D 158 -40.27 21.51 -9.25
CA MET D 158 -39.72 20.91 -10.46
C MET D 158 -40.76 19.95 -11.01
N THR D 159 -40.56 19.55 -12.26
CA THR D 159 -41.46 18.64 -12.98
C THR D 159 -41.79 17.37 -12.19
N ALA D 160 -43.09 17.16 -12.04
CA ALA D 160 -43.56 15.93 -11.40
C ALA D 160 -43.44 16.02 -9.90
N TRP D 161 -43.37 17.23 -9.35
CA TRP D 161 -43.41 17.42 -7.91
C TRP D 161 -44.67 16.82 -7.22
N MET D 162 -45.87 16.99 -7.80
CA MET D 162 -47.15 16.46 -7.28
C MET D 162 -47.28 14.95 -7.17
N TYR D 163 -46.47 14.19 -7.91
CA TYR D 163 -46.43 12.71 -7.80
C TYR D 163 -45.37 12.20 -6.78
N PHE D 164 -44.54 13.14 -6.31
CA PHE D 164 -43.50 12.98 -5.29
C PHE D 164 -44.27 13.34 -4.03
N VAL D 165 -44.76 14.57 -3.93
CA VAL D 165 -45.33 15.08 -2.68
C VAL D 165 -46.62 14.37 -2.25
N SER D 166 -47.46 14.02 -3.23
CA SER D 166 -48.65 13.23 -2.97
C SER D 166 -48.27 11.93 -2.25
N LYS D 167 -47.50 11.06 -2.88
CA LYS D 167 -47.12 9.75 -2.31
C LYS D 167 -46.21 9.87 -1.08
N THR D 168 -45.57 11.01 -0.87
CA THR D 168 -44.81 11.12 0.37
C THR D 168 -45.74 11.54 1.47
N LEU D 169 -46.72 12.39 1.19
CA LEU D 169 -47.66 12.71 2.26
C LEU D 169 -48.63 11.56 2.47
N ALA D 170 -48.96 10.84 1.41
CA ALA D 170 -49.87 9.68 1.46
C ALA D 170 -49.30 8.48 2.20
N GLU D 171 -48.06 8.07 1.94
CA GLU D 171 -47.41 7.05 2.79
C GLU D 171 -47.13 7.51 4.22
N GLN D 172 -46.60 8.72 4.39
CA GLN D 172 -46.33 9.28 5.72
C GLN D 172 -47.59 9.16 6.56
N ALA D 173 -48.63 9.97 6.30
CA ALA D 173 -49.91 9.90 7.04
C ALA D 173 -50.45 8.46 7.23
N ALA D 174 -50.18 7.58 6.27
CA ALA D 174 -50.56 6.18 6.38
C ALA D 174 -49.95 5.52 7.65
N TRP D 175 -48.65 5.27 7.71
CA TRP D 175 -47.99 4.82 8.94
C TRP D 175 -48.48 5.55 10.20
N LYS D 176 -48.67 6.86 10.13
CA LYS D 176 -49.20 7.66 11.25
C LYS D 176 -50.51 7.09 11.78
N TYR D 177 -51.32 6.51 10.91
CA TYR D 177 -52.56 5.86 11.32
C TYR D 177 -52.22 4.42 11.78
N ALA D 178 -51.56 3.62 10.94
CA ALA D 178 -51.25 2.22 11.24
C ALA D 178 -50.63 1.96 12.63
N LYS D 179 -49.74 2.86 13.03
CA LYS D 179 -49.16 2.91 14.37
C LYS D 179 -50.24 3.28 15.39
N GLU D 180 -51.04 4.29 15.07
CA GLU D 180 -52.06 4.80 15.99
C GLU D 180 -53.23 3.86 16.24
N ASN D 181 -53.58 3.01 15.27
CA ASN D 181 -54.74 2.12 15.36
C ASN D 181 -54.43 0.65 15.08
N ASN D 182 -53.17 0.26 15.29
CA ASN D 182 -52.66 -1.12 15.17
C ASN D 182 -53.16 -1.91 13.95
N ILE D 183 -53.10 -1.25 12.80
CA ILE D 183 -53.37 -1.88 11.51
C ILE D 183 -52.07 -2.53 11.05
N ASP D 184 -52.23 -3.67 10.37
CA ASP D 184 -51.13 -4.41 9.75
C ASP D 184 -50.80 -3.93 8.31
N PHE D 185 -49.86 -2.98 8.22
CA PHE D 185 -49.47 -2.24 7.02
C PHE D 185 -48.11 -2.70 6.51
N ILE D 186 -48.07 -3.31 5.35
CA ILE D 186 -46.86 -3.30 4.54
C ILE D 186 -46.94 -2.19 3.51
N THR D 187 -45.80 -1.91 2.90
CA THR D 187 -45.75 -1.01 1.74
C THR D 187 -44.53 -1.47 0.94
N ILE D 188 -44.71 -1.65 -0.37
CA ILE D 188 -43.57 -1.85 -1.27
C ILE D 188 -43.23 -0.55 -2.01
N ILE D 189 -41.94 -0.25 -2.17
CA ILE D 189 -41.50 0.94 -2.93
C ILE D 189 -40.79 0.58 -4.23
N PRO D 190 -41.54 0.38 -5.32
CA PRO D 190 -40.93 0.11 -6.62
C PRO D 190 -40.05 1.25 -7.15
N THR D 191 -39.05 0.87 -7.93
CA THR D 191 -38.34 1.89 -8.71
C THR D 191 -39.02 1.71 -10.06
N LEU D 192 -38.44 2.26 -11.12
CA LEU D 192 -39.08 2.20 -12.44
C LEU D 192 -39.47 0.77 -12.86
N VAL D 193 -40.77 0.48 -12.85
CA VAL D 193 -41.28 -0.85 -13.18
C VAL D 193 -41.26 -1.00 -14.69
N VAL D 194 -40.60 -2.05 -15.15
CA VAL D 194 -40.45 -2.31 -16.57
C VAL D 194 -40.71 -3.82 -16.90
N GLY D 195 -41.32 -4.09 -18.06
CA GLY D 195 -41.50 -5.46 -18.48
C GLY D 195 -42.49 -5.73 -19.60
N PRO D 196 -42.78 -7.02 -19.82
CA PRO D 196 -43.94 -7.20 -20.69
C PRO D 196 -45.15 -6.70 -19.87
N PHE D 197 -46.34 -6.76 -20.47
CA PHE D 197 -47.60 -6.28 -19.89
C PHE D 197 -48.82 -6.80 -20.66
N ILE D 198 -50.00 -6.83 -20.03
CA ILE D 198 -51.23 -7.29 -20.72
C ILE D 198 -52.18 -6.17 -21.19
N MET D 199 -52.07 -4.98 -20.60
CA MET D 199 -53.03 -3.91 -20.87
C MET D 199 -53.06 -3.47 -22.35
N SER D 200 -54.12 -2.78 -22.74
CA SER D 200 -54.26 -2.30 -24.12
C SER D 200 -53.26 -1.25 -24.64
N SER D 201 -52.89 -0.24 -23.85
CA SER D 201 -52.02 0.89 -24.28
C SER D 201 -50.62 0.91 -23.65
N MET D 202 -49.71 1.69 -24.25
CA MET D 202 -48.42 2.08 -23.63
C MET D 202 -48.58 2.44 -22.13
N PRO D 203 -48.00 1.61 -21.25
CA PRO D 203 -48.09 1.95 -19.84
C PRO D 203 -47.25 3.17 -19.54
N PRO D 204 -47.74 4.08 -18.66
CA PRO D 204 -47.00 5.23 -18.16
C PRO D 204 -45.54 5.07 -17.78
N SER D 205 -45.14 3.96 -17.17
CA SER D 205 -43.73 3.79 -16.77
C SER D 205 -42.77 3.43 -17.90
N LEU D 206 -43.30 2.83 -18.98
CA LEU D 206 -42.56 2.50 -20.21
C LEU D 206 -42.46 3.65 -21.25
N ILE D 207 -43.27 4.70 -21.16
CA ILE D 207 -42.96 5.91 -21.92
C ILE D 207 -41.59 6.45 -21.43
N THR D 208 -41.30 6.29 -20.13
CA THR D 208 -40.03 6.68 -19.49
C THR D 208 -38.90 5.68 -19.69
N ALA D 209 -39.14 4.39 -19.43
CA ALA D 209 -38.05 3.42 -19.60
C ALA D 209 -37.57 3.42 -21.05
N LEU D 210 -38.47 3.44 -22.03
CA LEU D 210 -38.10 3.43 -23.45
C LEU D 210 -37.56 4.77 -24.00
N SER D 211 -37.43 5.80 -23.15
CA SER D 211 -36.99 7.10 -23.62
C SER D 211 -35.60 7.19 -24.29
N PRO D 212 -34.64 6.33 -23.93
CA PRO D 212 -33.44 6.26 -24.78
C PRO D 212 -33.63 5.71 -26.20
N ILE D 213 -34.82 5.20 -26.53
CA ILE D 213 -35.15 4.82 -27.89
C ILE D 213 -35.97 5.93 -28.54
N THR D 214 -37.16 6.20 -27.98
CA THR D 214 -38.09 7.24 -28.48
C THR D 214 -37.62 8.69 -28.36
N GLY D 215 -36.47 8.98 -27.74
CA GLY D 215 -35.99 10.36 -27.61
C GLY D 215 -36.88 11.38 -26.90
N ASN D 216 -37.84 10.93 -26.11
CA ASN D 216 -38.65 11.82 -25.31
C ASN D 216 -37.78 12.36 -24.15
N GLU D 217 -37.13 13.46 -24.50
CA GLU D 217 -36.29 14.31 -23.64
C GLU D 217 -36.83 14.50 -22.21
N ALA D 218 -38.09 14.90 -22.05
CA ALA D 218 -38.70 15.16 -20.71
C ALA D 218 -38.57 14.07 -19.68
N HIS D 219 -38.44 12.84 -20.16
CA HIS D 219 -38.18 11.70 -19.30
C HIS D 219 -36.73 11.42 -18.88
N TYR D 220 -35.78 11.86 -19.70
CA TYR D 220 -34.40 11.53 -19.38
C TYR D 220 -34.04 11.71 -17.90
N SER D 221 -34.60 12.72 -17.21
CA SER D 221 -34.20 12.98 -15.83
C SER D 221 -34.46 11.82 -14.85
N ILE D 222 -35.62 11.15 -14.97
CA ILE D 222 -35.91 9.98 -14.11
C ILE D 222 -34.99 8.76 -14.31
N ILE D 223 -34.18 8.70 -15.37
CA ILE D 223 -33.23 7.59 -15.59
C ILE D 223 -31.75 8.01 -15.72
N ARG D 224 -31.47 9.31 -15.57
CA ARG D 224 -30.11 9.86 -15.57
C ARG D 224 -29.22 9.09 -14.63
N GLN D 225 -29.81 8.74 -13.49
CA GLN D 225 -29.22 7.83 -12.53
C GLN D 225 -30.26 6.77 -12.16
N GLY D 226 -30.55 5.89 -13.12
CA GLY D 226 -31.70 4.96 -13.04
C GLY D 226 -31.67 3.88 -11.98
N GLN D 227 -32.87 3.40 -11.60
CA GLN D 227 -33.09 2.14 -10.84
C GLN D 227 -34.39 1.44 -11.30
N PHE D 228 -34.34 0.11 -11.36
CA PHE D 228 -35.34 -0.69 -12.07
C PHE D 228 -35.76 -1.98 -11.35
N VAL D 229 -36.97 -2.45 -11.65
CA VAL D 229 -37.43 -3.77 -11.26
C VAL D 229 -38.06 -4.24 -12.56
N HIS D 230 -38.43 -5.53 -12.61
CA HIS D 230 -39.19 -6.18 -13.69
C HIS D 230 -40.62 -6.23 -13.19
N LEU D 231 -41.62 -6.18 -14.08
CA LEU D 231 -43.00 -6.17 -13.62
C LEU D 231 -43.38 -7.47 -12.91
N ASP D 232 -42.88 -8.58 -13.45
CA ASP D 232 -43.01 -9.92 -12.82
C ASP D 232 -42.27 -10.21 -11.51
N ASP D 233 -41.20 -9.47 -11.16
CA ASP D 233 -40.60 -9.70 -9.84
C ASP D 233 -41.43 -8.90 -8.88
N LEU D 234 -41.59 -7.61 -9.17
CA LEU D 234 -42.42 -6.69 -8.40
C LEU D 234 -43.81 -7.28 -8.06
N CYS D 235 -44.44 -8.00 -8.97
CA CYS D 235 -45.75 -8.56 -8.65
C CYS D 235 -45.64 -9.69 -7.63
N ASN D 236 -44.94 -10.76 -8.01
CA ASN D 236 -44.65 -11.89 -7.11
C ASN D 236 -44.12 -11.42 -5.73
N ALA D 237 -43.33 -10.33 -5.77
CA ALA D 237 -42.92 -9.58 -4.58
C ALA D 237 -44.05 -9.09 -3.67
N HIS D 238 -45.21 -8.74 -4.23
CA HIS D 238 -46.35 -8.24 -3.45
C HIS D 238 -47.06 -9.34 -2.69
N ILE D 239 -47.29 -10.40 -3.46
CA ILE D 239 -47.87 -11.65 -3.00
C ILE D 239 -46.91 -12.29 -1.97
N TYR D 240 -45.61 -12.13 -2.17
CA TYR D 240 -44.68 -12.58 -1.14
C TYR D 240 -45.00 -11.87 0.18
N LEU D 241 -45.10 -10.55 0.12
CA LEU D 241 -45.22 -9.73 1.33
C LEU D 241 -46.61 -9.74 1.99
N PHE D 242 -47.62 -10.15 1.25
CA PHE D 242 -48.89 -10.49 1.88
C PHE D 242 -48.64 -11.82 2.56
N GLU D 243 -48.28 -12.84 1.80
CA GLU D 243 -48.18 -14.21 2.31
C GLU D 243 -47.13 -14.49 3.40
N ASN D 244 -46.00 -13.75 3.42
CA ASN D 244 -44.88 -14.05 4.33
C ASN D 244 -45.07 -13.41 5.69
N PRO D 245 -45.41 -14.22 6.70
CA PRO D 245 -46.05 -13.65 7.88
C PRO D 245 -45.28 -12.54 8.60
N LYS D 246 -43.97 -12.72 8.76
CA LYS D 246 -43.17 -11.82 9.61
C LYS D 246 -42.87 -10.37 9.14
N ALA D 247 -43.35 -9.97 7.96
CA ALA D 247 -43.01 -8.69 7.36
C ALA D 247 -43.51 -7.42 8.05
N GLU D 248 -42.59 -6.52 8.42
CA GLU D 248 -42.93 -5.19 8.93
C GLU D 248 -42.37 -4.07 8.05
N GLY D 249 -42.92 -2.87 8.28
CA GLY D 249 -42.37 -1.65 7.71
C GLY D 249 -42.47 -1.56 6.20
N ARG D 250 -41.45 -0.94 5.61
CA ARG D 250 -41.31 -0.70 4.17
C ARG D 250 -40.41 -1.73 3.50
N TYR D 251 -40.50 -1.80 2.18
CA TYR D 251 -39.78 -2.76 1.37
C TYR D 251 -39.44 -2.08 0.06
N ILE D 252 -38.17 -1.71 -0.17
CA ILE D 252 -37.70 -1.26 -1.49
C ILE D 252 -37.65 -2.50 -2.37
N CYS D 253 -38.04 -2.36 -3.64
CA CYS D 253 -38.04 -3.46 -4.60
C CYS D 253 -37.34 -3.02 -5.90
N SER D 254 -36.02 -2.93 -5.81
CA SER D 254 -35.16 -2.54 -6.92
C SER D 254 -34.11 -3.63 -7.15
N SER D 255 -34.08 -4.12 -8.38
CA SER D 255 -33.20 -5.22 -8.74
C SER D 255 -31.95 -4.75 -9.50
N HIS D 256 -32.02 -3.63 -10.23
CA HIS D 256 -30.86 -3.00 -10.90
C HIS D 256 -30.78 -1.49 -10.64
N ASP D 257 -29.66 -0.90 -11.03
CA ASP D 257 -29.43 0.53 -10.97
C ASP D 257 -28.32 0.92 -11.92
N CYS D 258 -28.57 1.89 -12.80
CA CYS D 258 -27.50 2.37 -13.69
C CYS D 258 -27.80 3.66 -14.44
N ILE D 259 -26.76 4.44 -14.67
CA ILE D 259 -26.92 5.76 -15.29
C ILE D 259 -27.39 5.65 -16.75
N ILE D 260 -27.91 6.78 -17.24
CA ILE D 260 -28.51 6.75 -18.55
C ILE D 260 -27.61 6.10 -19.61
N LEU D 261 -26.30 6.36 -19.55
CA LEU D 261 -25.34 5.89 -20.57
C LEU D 261 -25.23 4.36 -20.67
N ASP D 262 -25.17 3.72 -19.51
CA ASP D 262 -25.08 2.26 -19.44
C ASP D 262 -26.36 1.57 -19.89
N LEU D 263 -27.53 2.16 -19.62
CA LEU D 263 -28.79 1.63 -20.16
C LEU D 263 -28.79 1.82 -21.68
N ALA D 264 -28.31 2.99 -22.12
CA ALA D 264 -28.18 3.30 -23.56
C ALA D 264 -27.33 2.23 -24.25
N LYS D 265 -26.06 2.06 -23.84
CA LYS D 265 -25.16 0.94 -24.22
C LYS D 265 -25.87 -0.39 -24.45
N MET D 266 -26.67 -0.75 -23.44
CA MET D 266 -27.33 -2.06 -23.39
C MET D 266 -28.46 -2.18 -24.40
N LEU D 267 -29.19 -1.09 -24.65
CA LEU D 267 -30.19 -1.03 -25.72
C LEU D 267 -29.57 -1.00 -27.13
N ARG D 268 -28.42 -0.35 -27.30
CA ARG D 268 -27.71 -0.28 -28.60
C ARG D 268 -27.30 -1.68 -29.03
N GLU D 269 -26.65 -2.42 -28.14
CA GLU D 269 -26.17 -3.79 -28.40
C GLU D 269 -27.29 -4.78 -28.71
N LYS D 270 -28.45 -4.53 -28.12
CA LYS D 270 -29.58 -5.41 -28.33
C LYS D 270 -30.28 -4.91 -29.58
N TYR D 271 -30.54 -3.61 -29.63
CA TYR D 271 -31.34 -3.04 -30.70
C TYR D 271 -30.59 -2.07 -31.62
N PRO D 272 -29.80 -2.62 -32.57
CA PRO D 272 -29.14 -1.75 -33.55
C PRO D 272 -30.15 -1.00 -34.43
N GLU D 273 -31.16 -1.69 -34.96
CA GLU D 273 -32.21 -1.10 -35.80
C GLU D 273 -32.87 0.21 -35.32
N TYR D 274 -32.71 0.53 -34.04
CA TYR D 274 -33.05 1.84 -33.46
C TYR D 274 -31.79 2.71 -33.40
N ASN D 275 -31.90 4.00 -33.69
CA ASN D 275 -30.73 4.90 -33.68
C ASN D 275 -30.48 5.63 -32.33
N ILE D 276 -29.88 4.92 -31.38
CA ILE D 276 -29.79 5.36 -29.98
C ILE D 276 -28.52 6.19 -29.76
N PRO D 277 -28.64 7.36 -29.12
CA PRO D 277 -27.46 8.23 -28.97
C PRO D 277 -26.35 7.68 -28.07
N THR D 278 -25.08 7.75 -28.52
CA THR D 278 -23.92 7.43 -27.65
C THR D 278 -23.58 8.60 -26.71
N GLU D 279 -24.34 9.69 -26.75
CA GLU D 279 -24.09 10.83 -25.87
C GLU D 279 -25.39 11.38 -25.29
N PHE D 280 -25.30 11.88 -24.06
CA PHE D 280 -26.45 12.49 -23.40
C PHE D 280 -25.85 13.70 -22.65
N LYS D 281 -26.63 14.78 -22.60
CA LYS D 281 -26.15 16.07 -22.14
C LYS D 281 -26.04 15.92 -20.64
N GLY D 282 -24.98 16.52 -20.09
CA GLY D 282 -24.68 16.50 -18.65
C GLY D 282 -24.33 15.17 -17.99
N VAL D 283 -24.25 14.09 -18.76
CA VAL D 283 -23.89 12.81 -18.18
C VAL D 283 -22.48 12.48 -18.66
N ASP D 284 -21.51 12.65 -17.77
CA ASP D 284 -20.16 12.10 -18.03
C ASP D 284 -20.12 10.57 -17.74
N GLU D 285 -18.96 9.95 -17.97
CA GLU D 285 -18.74 8.53 -17.64
C GLU D 285 -18.41 8.33 -16.16
N ASN D 286 -18.05 9.41 -15.47
CA ASN D 286 -17.68 9.39 -14.05
C ASN D 286 -18.87 9.57 -13.09
N LEU D 287 -20.04 9.84 -13.65
CA LEU D 287 -21.25 10.02 -12.84
C LEU D 287 -21.67 8.72 -12.16
N LYS D 288 -21.73 8.82 -10.84
CA LYS D 288 -21.99 7.70 -9.96
C LYS D 288 -23.45 7.30 -10.12
N SER D 289 -23.63 6.04 -10.49
CA SER D 289 -24.90 5.32 -10.38
C SER D 289 -25.46 5.43 -8.95
N VAL D 290 -26.76 5.69 -8.79
CA VAL D 290 -27.40 5.64 -7.47
C VAL D 290 -28.02 4.26 -7.27
N CYS D 291 -28.10 3.82 -6.02
CA CYS D 291 -28.57 2.48 -5.69
C CYS D 291 -29.78 2.57 -4.78
N PHE D 292 -30.79 1.77 -5.13
CA PHE D 292 -31.92 1.43 -4.27
C PHE D 292 -31.74 -0.04 -3.91
N SER D 293 -31.65 -0.35 -2.61
CA SER D 293 -31.26 -1.64 -2.04
C SER D 293 -32.46 -2.44 -1.66
N SER D 294 -32.57 -3.64 -2.23
CA SER D 294 -33.62 -4.56 -1.84
C SER D 294 -33.21 -5.61 -0.80
N LYS D 295 -32.02 -5.44 -0.24
CA LYS D 295 -31.48 -6.28 0.84
C LYS D 295 -32.43 -6.74 1.94
N LYS D 296 -33.26 -5.82 2.44
CA LYS D 296 -34.38 -6.15 3.31
C LYS D 296 -35.37 -7.11 2.61
N LEU D 297 -35.65 -6.90 1.32
CA LEU D 297 -36.53 -7.83 0.64
C LEU D 297 -35.78 -9.13 0.62
N THR D 298 -34.60 -9.08 0.02
CA THR D 298 -33.91 -10.32 -0.33
C THR D 298 -33.58 -11.14 0.95
N ASP D 299 -33.49 -10.46 2.10
CA ASP D 299 -33.28 -11.04 3.41
C ASP D 299 -34.41 -11.96 3.80
N LEU D 300 -35.63 -11.66 3.37
CA LEU D 300 -36.76 -12.49 3.83
C LEU D 300 -36.79 -13.87 3.20
N GLY D 301 -36.28 -14.02 1.98
CA GLY D 301 -36.46 -15.26 1.21
C GLY D 301 -36.65 -15.05 -0.28
N PHE D 302 -37.35 -13.95 -0.63
CA PHE D 302 -37.59 -13.46 -2.02
C PHE D 302 -36.30 -13.42 -2.86
N GLU D 303 -36.44 -13.68 -4.16
CA GLU D 303 -35.30 -13.85 -5.08
C GLU D 303 -35.60 -13.41 -6.52
N PHE D 304 -35.12 -12.23 -6.88
CA PHE D 304 -35.20 -11.70 -8.24
C PHE D 304 -34.78 -12.72 -9.32
N LYS D 305 -35.74 -12.98 -10.21
CA LYS D 305 -35.61 -13.95 -11.30
C LYS D 305 -35.15 -13.27 -12.61
N TYR D 306 -35.03 -11.93 -12.59
CA TYR D 306 -34.97 -11.14 -13.82
C TYR D 306 -33.82 -10.13 -13.88
N SER D 307 -33.36 -9.85 -15.10
CA SER D 307 -32.24 -8.96 -15.32
C SER D 307 -32.65 -7.84 -16.26
N LEU D 308 -32.01 -6.66 -16.17
CA LEU D 308 -32.28 -5.47 -16.97
C LEU D 308 -32.54 -5.81 -18.42
N GLU D 309 -31.83 -6.82 -18.92
CA GLU D 309 -31.98 -7.25 -20.31
C GLU D 309 -33.38 -7.83 -20.57
N ASP D 310 -33.86 -8.63 -19.62
CA ASP D 310 -35.23 -9.15 -19.62
C ASP D 310 -36.34 -8.08 -19.60
N MET D 311 -36.39 -7.25 -18.54
CA MET D 311 -37.40 -6.19 -18.44
C MET D 311 -37.55 -5.54 -19.82
N PHE D 312 -36.43 -5.06 -20.34
CA PHE D 312 -36.42 -4.40 -21.65
C PHE D 312 -36.87 -5.24 -22.83
N THR D 313 -36.40 -6.47 -22.98
CA THR D 313 -36.89 -7.34 -24.07
C THR D 313 -38.40 -7.44 -24.04
N GLY D 314 -38.97 -7.64 -22.85
CA GLY D 314 -40.42 -7.66 -22.64
C GLY D 314 -41.14 -6.37 -23.03
N ALA D 315 -40.58 -5.25 -22.59
CA ALA D 315 -41.10 -3.92 -22.95
C ALA D 315 -41.08 -3.75 -24.46
N VAL D 316 -39.90 -3.92 -25.07
CA VAL D 316 -39.78 -3.75 -26.53
C VAL D 316 -40.66 -4.78 -27.22
N ASP D 317 -40.60 -6.05 -26.83
CA ASP D 317 -41.38 -7.09 -27.52
C ASP D 317 -42.88 -6.80 -27.48
N THR D 318 -43.41 -6.54 -26.29
CA THR D 318 -44.85 -6.30 -26.20
C THR D 318 -45.29 -5.04 -26.93
N CYS D 319 -44.56 -3.94 -26.73
CA CYS D 319 -44.85 -2.68 -27.41
C CYS D 319 -44.94 -2.95 -28.91
N ARG D 320 -43.93 -3.61 -29.49
CA ARG D 320 -43.89 -3.90 -30.93
C ARG D 320 -45.17 -4.63 -31.29
N ALA D 321 -45.42 -5.70 -30.54
CA ALA D 321 -46.54 -6.60 -30.79
C ALA D 321 -47.85 -5.81 -30.90
N LYS D 322 -48.08 -5.00 -29.86
CA LYS D 322 -49.29 -4.20 -29.73
C LYS D 322 -49.25 -2.97 -30.62
N GLY D 323 -48.16 -2.84 -31.37
CA GLY D 323 -48.01 -1.83 -32.42
C GLY D 323 -48.09 -0.47 -31.76
N LEU D 324 -47.31 -0.35 -30.69
CA LEU D 324 -47.16 0.88 -29.93
C LEU D 324 -45.81 1.50 -30.25
N LEU D 325 -44.75 0.69 -30.27
CA LEU D 325 -43.43 1.09 -30.78
C LEU D 325 -43.37 0.69 -32.26
N PRO D 326 -42.63 1.43 -33.08
CA PRO D 326 -42.26 0.93 -34.41
C PRO D 326 -41.31 -0.27 -34.32
N PRO D 327 -41.36 -1.20 -35.28
CA PRO D 327 -40.28 -2.19 -35.39
C PRO D 327 -38.87 -1.64 -35.63
N SER D 328 -38.70 -0.49 -36.27
CA SER D 328 -37.38 0.15 -36.36
C SER D 328 -37.47 1.59 -36.86
N HIS D 329 -36.35 2.30 -36.84
CA HIS D 329 -36.30 3.73 -37.19
C HIS D 329 -36.10 3.93 -38.69
N GLU E 6 31.43 -51.46 25.42
CA GLU E 6 31.37 -50.37 26.43
C GLU E 6 31.38 -48.99 25.76
N THR E 7 30.68 -48.03 26.39
CA THR E 7 30.22 -46.85 25.67
C THR E 7 30.90 -45.54 26.02
N VAL E 8 31.61 -45.03 25.02
CA VAL E 8 32.56 -43.95 25.19
C VAL E 8 32.29 -42.88 24.15
N CYS E 9 32.13 -41.64 24.60
CA CYS E 9 32.06 -40.49 23.71
C CYS E 9 33.41 -40.18 23.02
N VAL E 10 33.35 -39.41 21.95
CA VAL E 10 34.47 -38.80 21.24
C VAL E 10 33.94 -37.46 20.68
N THR E 11 34.24 -36.33 21.32
CA THR E 11 33.68 -35.04 20.88
C THR E 11 34.48 -34.46 19.72
N GLY E 12 33.76 -33.94 18.73
CA GLY E 12 34.32 -33.52 17.43
C GLY E 12 34.64 -34.64 16.46
N ALA E 13 33.75 -35.64 16.39
CA ALA E 13 34.05 -36.89 15.69
C ALA E 13 34.39 -36.72 14.23
N SER E 14 33.75 -35.74 13.57
CA SER E 14 34.04 -35.45 12.16
C SER E 14 35.51 -35.10 11.90
N GLY E 15 36.21 -34.49 12.86
CA GLY E 15 37.61 -34.13 12.69
C GLY E 15 38.67 -35.17 12.35
N PHE E 16 39.88 -34.67 12.09
CA PHE E 16 41.00 -35.44 11.58
C PHE E 16 41.48 -36.44 12.61
N ILE E 17 41.69 -35.96 13.82
CA ILE E 17 42.15 -36.87 14.85
C ILE E 17 40.84 -37.56 15.26
N GLY E 18 39.74 -36.83 15.39
CA GLY E 18 38.40 -37.42 15.67
C GLY E 18 38.02 -38.73 14.96
N SER E 19 38.02 -38.73 13.63
CA SER E 19 37.48 -39.88 12.91
C SER E 19 38.30 -41.16 13.11
N TRP E 20 39.61 -41.00 12.96
CA TRP E 20 40.62 -42.03 13.29
C TRP E 20 40.65 -42.55 14.74
N LEU E 21 40.45 -41.65 15.70
CA LEU E 21 40.18 -42.06 17.07
C LEU E 21 38.90 -42.87 17.14
N VAL E 22 37.93 -42.52 16.30
CA VAL E 22 36.65 -43.22 16.34
C VAL E 22 36.84 -44.55 15.66
N MET E 23 37.49 -44.60 14.49
CA MET E 23 37.73 -45.87 13.77
C MET E 23 38.36 -46.93 14.68
N ARG E 24 39.48 -46.59 15.33
CA ARG E 24 40.11 -47.48 16.29
C ARG E 24 39.14 -47.79 17.42
N LEU E 25 38.58 -46.77 18.06
CA LEU E 25 37.66 -47.00 19.18
C LEU E 25 36.56 -48.07 18.98
N LEU E 26 36.06 -48.27 17.75
CA LEU E 26 35.14 -49.39 17.44
C LEU E 26 35.90 -50.70 17.28
N GLU E 27 36.92 -50.70 16.41
CA GLU E 27 37.86 -51.85 16.28
C GLU E 27 38.16 -52.68 17.57
N ARG E 28 38.42 -51.95 18.66
CA ARG E 28 38.79 -52.52 19.94
C ARG E 28 37.57 -52.94 20.78
N GLY E 29 36.41 -53.03 20.14
CA GLY E 29 35.16 -53.38 20.81
C GLY E 29 34.40 -52.38 21.65
N TYR E 30 34.80 -51.11 21.69
CA TYR E 30 33.91 -50.11 22.30
C TYR E 30 32.67 -49.80 21.38
N THR E 31 31.55 -49.40 22.00
CA THR E 31 30.44 -48.69 21.35
C THR E 31 30.87 -47.22 21.34
N VAL E 32 30.28 -46.34 20.54
CA VAL E 32 30.68 -44.94 20.63
C VAL E 32 29.55 -43.90 20.55
N ARG E 33 29.83 -42.71 21.09
CA ARG E 33 28.88 -41.60 21.02
C ARG E 33 29.49 -40.44 20.24
N ALA E 34 29.64 -40.62 18.93
CA ALA E 34 30.24 -39.59 18.05
C ALA E 34 29.41 -38.31 18.15
N THR E 35 30.06 -37.16 18.21
CA THR E 35 29.35 -35.89 18.40
C THR E 35 29.92 -34.83 17.45
N VAL E 36 29.04 -34.05 16.84
CA VAL E 36 29.36 -33.06 15.81
C VAL E 36 28.44 -31.84 15.92
N ARG E 37 28.72 -30.80 15.16
CA ARG E 37 27.84 -29.64 15.20
C ARG E 37 26.68 -29.83 14.22
N ASP E 38 27.02 -30.36 13.04
CA ASP E 38 26.06 -30.48 11.94
C ASP E 38 25.97 -31.93 11.42
N PRO E 39 25.02 -32.73 11.92
CA PRO E 39 24.85 -34.10 11.38
C PRO E 39 24.54 -34.25 9.86
N THR E 40 23.87 -33.24 9.30
CA THR E 40 23.35 -33.24 7.91
C THR E 40 24.35 -32.95 6.78
N ASN E 41 25.59 -32.61 7.16
CA ASN E 41 26.65 -32.24 6.23
C ASN E 41 27.41 -33.52 5.92
N VAL E 42 27.21 -34.07 4.72
CA VAL E 42 27.81 -35.37 4.36
C VAL E 42 29.33 -35.47 4.44
N LYS E 43 30.05 -34.52 3.84
CA LYS E 43 31.49 -34.46 3.98
C LYS E 43 31.91 -34.82 5.41
N LYS E 44 31.21 -34.25 6.40
CA LYS E 44 31.55 -34.41 7.81
C LYS E 44 31.26 -35.78 8.47
N VAL E 45 30.35 -36.55 7.86
CA VAL E 45 29.76 -37.73 8.47
C VAL E 45 29.82 -39.05 7.69
N LYS E 46 29.90 -39.02 6.37
CA LYS E 46 29.91 -40.26 5.54
C LYS E 46 30.98 -41.26 6.01
N HIS E 47 32.16 -40.68 6.25
CA HIS E 47 33.38 -41.37 6.66
C HIS E 47 33.28 -41.92 8.07
N LEU E 48 32.41 -41.31 8.90
CA LEU E 48 32.14 -41.85 10.23
C LEU E 48 31.27 -43.12 10.15
N LEU E 49 30.23 -43.07 9.32
CA LEU E 49 29.28 -44.18 9.14
C LEU E 49 29.86 -45.34 8.36
N ASP E 50 30.46 -45.05 7.21
CA ASP E 50 31.14 -46.08 6.42
C ASP E 50 32.03 -47.02 7.24
N LEU E 51 32.58 -46.54 8.37
CA LEU E 51 33.38 -47.37 9.27
C LEU E 51 32.64 -48.68 9.54
N PRO E 52 33.36 -49.81 9.49
CA PRO E 52 32.68 -51.07 9.82
C PRO E 52 32.28 -51.04 11.30
N LYS E 53 31.25 -51.79 11.68
CA LYS E 53 30.71 -51.80 13.04
C LYS E 53 29.82 -50.56 13.31
N ALA E 54 29.51 -49.79 12.26
CA ALA E 54 28.76 -48.54 12.40
C ALA E 54 27.28 -48.71 12.75
N GLU E 55 26.62 -49.62 12.03
CA GLU E 55 25.22 -49.98 12.27
C GLU E 55 25.00 -50.46 13.70
N THR E 56 25.76 -51.47 14.10
CA THR E 56 25.58 -52.13 15.38
C THR E 56 26.33 -51.46 16.53
N HIS E 57 27.16 -50.45 16.25
CA HIS E 57 27.97 -49.80 17.30
C HIS E 57 28.28 -48.30 17.23
N LEU E 58 27.63 -47.53 16.36
CA LEU E 58 27.90 -46.09 16.32
C LEU E 58 26.64 -45.20 16.33
N THR E 59 26.74 -44.11 17.10
CA THR E 59 25.64 -43.20 17.34
C THR E 59 26.15 -41.75 17.27
N LEU E 60 25.49 -40.91 16.47
CA LEU E 60 25.74 -39.46 16.42
C LEU E 60 24.87 -38.64 17.39
N TRP E 61 25.42 -37.50 17.85
CA TRP E 61 24.78 -36.53 18.76
C TRP E 61 25.15 -35.10 18.42
N LYS E 62 24.17 -34.22 18.35
CA LYS E 62 24.38 -32.87 17.83
C LYS E 62 24.77 -31.93 18.97
N ALA E 63 25.94 -31.32 18.86
CA ALA E 63 26.47 -30.42 19.90
C ALA E 63 27.56 -29.43 19.42
N ASP E 64 27.79 -28.40 20.22
CA ASP E 64 28.72 -27.30 19.95
C ASP E 64 29.15 -26.65 21.26
N LEU E 65 30.47 -26.54 21.48
CA LEU E 65 31.06 -25.93 22.67
C LEU E 65 30.41 -24.58 22.97
N ALA E 66 30.22 -23.74 21.97
CA ALA E 66 29.55 -22.44 22.15
C ALA E 66 28.09 -22.50 22.60
N ASP E 67 27.48 -23.68 22.80
CA ASP E 67 26.14 -23.85 23.38
C ASP E 67 26.22 -24.67 24.68
N GLU E 68 26.00 -23.94 25.76
CA GLU E 68 25.94 -24.42 27.14
C GLU E 68 25.01 -25.61 27.28
N GLY E 69 25.54 -26.75 27.72
CA GLY E 69 24.78 -27.94 28.09
C GLY E 69 24.66 -29.00 27.03
N SER E 70 24.99 -28.60 25.79
CA SER E 70 24.65 -29.36 24.59
C SER E 70 25.26 -30.76 24.51
N PHE E 71 26.06 -31.11 25.52
CA PHE E 71 26.80 -32.37 25.58
C PHE E 71 26.23 -33.43 26.51
N ASP E 72 25.22 -33.06 27.32
CA ASP E 72 24.61 -33.99 28.31
C ASP E 72 24.14 -35.37 27.88
N GLU E 73 23.13 -35.40 27.01
CA GLU E 73 22.61 -36.61 26.39
C GLU E 73 23.64 -37.44 25.59
N ALA E 74 24.69 -36.81 25.07
CA ALA E 74 25.78 -37.55 24.46
C ALA E 74 26.77 -38.09 25.51
N ILE E 75 26.91 -37.47 26.67
CA ILE E 75 27.86 -38.04 27.62
C ILE E 75 27.25 -38.97 28.64
N LYS E 76 25.94 -38.80 28.90
CA LYS E 76 25.10 -39.64 29.75
C LYS E 76 25.30 -41.17 29.54
N GLY E 77 25.44 -41.96 30.61
CA GLY E 77 25.72 -43.40 30.48
C GLY E 77 27.15 -43.87 30.18
N CYS E 78 28.04 -42.95 29.73
CA CYS E 78 29.42 -43.31 29.31
C CYS E 78 30.31 -43.84 30.44
N THR E 79 31.17 -44.79 30.08
CA THR E 79 32.29 -45.17 30.92
C THR E 79 33.29 -44.05 30.84
N GLY E 80 33.64 -43.67 29.59
CA GLY E 80 34.65 -42.63 29.31
C GLY E 80 34.33 -41.59 28.27
N VAL E 81 35.00 -40.44 28.36
CA VAL E 81 34.85 -39.31 27.40
C VAL E 81 36.23 -39.05 26.78
N PHE E 82 36.26 -38.84 25.46
CA PHE E 82 37.41 -38.29 24.73
C PHE E 82 36.99 -36.92 24.16
N HIS E 83 37.46 -35.82 24.74
CA HIS E 83 37.25 -34.50 24.13
C HIS E 83 38.39 -34.19 23.16
N VAL E 84 38.06 -34.25 21.88
CA VAL E 84 38.99 -33.92 20.82
C VAL E 84 38.63 -32.60 20.16
N ALA E 85 37.36 -32.21 20.22
CA ALA E 85 36.85 -31.00 19.59
C ALA E 85 37.50 -29.68 20.00
N THR E 86 37.66 -28.79 19.01
CA THR E 86 38.12 -27.43 19.25
C THR E 86 37.62 -26.44 18.17
N PRO E 87 37.28 -25.22 18.62
CA PRO E 87 36.89 -24.22 17.66
C PRO E 87 38.08 -23.69 16.87
N MET E 88 37.80 -23.35 15.60
CA MET E 88 38.78 -22.86 14.62
C MET E 88 38.61 -21.34 14.81
N ASP E 89 39.04 -20.51 13.86
CA ASP E 89 38.84 -19.06 14.00
C ASP E 89 38.16 -18.54 12.75
N PHE E 90 37.18 -19.33 12.32
CA PHE E 90 36.44 -19.21 11.05
C PHE E 90 35.84 -17.84 10.67
N GLU E 91 34.91 -17.35 11.50
CA GLU E 91 34.17 -16.10 11.26
C GLU E 91 35.08 -14.84 11.33
N SER E 92 36.12 -14.90 12.17
CA SER E 92 37.28 -13.99 12.14
C SER E 92 37.13 -12.49 12.48
N LYS E 93 35.94 -12.05 12.91
CA LYS E 93 35.75 -10.67 13.36
C LYS E 93 36.22 -10.59 14.82
N ASP E 94 36.30 -11.72 15.53
CA ASP E 94 36.46 -11.73 17.00
C ASP E 94 36.96 -13.06 17.59
N PRO E 95 38.27 -13.20 17.81
CA PRO E 95 38.77 -14.48 18.34
C PRO E 95 38.54 -14.65 19.84
N GLU E 96 38.47 -13.57 20.62
CA GLU E 96 38.06 -13.71 22.03
C GLU E 96 36.65 -14.26 22.21
N ASN E 97 35.65 -13.80 21.46
CA ASN E 97 34.31 -14.33 21.61
C ASN E 97 34.09 -15.62 20.83
N GLU E 98 34.64 -15.72 19.63
CA GLU E 98 34.50 -16.91 18.79
C GLU E 98 35.52 -18.03 18.95
N VAL E 99 36.75 -17.76 19.37
CA VAL E 99 37.65 -18.87 19.79
C VAL E 99 37.84 -19.14 21.30
N ILE E 100 38.25 -18.15 22.10
CA ILE E 100 38.76 -18.44 23.47
C ILE E 100 37.61 -18.83 24.41
N LYS E 101 36.75 -17.85 24.67
CA LYS E 101 35.69 -18.01 25.66
C LYS E 101 35.06 -19.39 25.44
N PRO E 102 34.55 -19.69 24.21
CA PRO E 102 34.04 -21.05 23.93
C PRO E 102 34.95 -22.14 24.41
N THR E 103 36.20 -22.12 23.96
CA THR E 103 37.13 -23.22 24.23
C THR E 103 37.25 -23.51 25.73
N ILE E 104 37.27 -22.44 26.52
CA ILE E 104 37.42 -22.47 27.99
C ILE E 104 36.16 -22.97 28.70
N GLU E 105 35.03 -22.40 28.28
CA GLU E 105 33.72 -22.67 28.88
C GLU E 105 33.16 -24.03 28.50
N GLY E 106 33.38 -24.39 27.23
CA GLY E 106 32.92 -25.64 26.65
C GLY E 106 33.53 -26.81 27.39
N MET E 107 34.87 -26.84 27.39
CA MET E 107 35.74 -27.68 28.23
C MET E 107 35.22 -27.88 29.67
N LEU E 108 35.13 -26.81 30.47
CA LEU E 108 34.57 -26.88 31.81
C LEU E 108 33.17 -27.46 31.75
N GLY E 109 32.41 -27.01 30.75
CA GLY E 109 31.05 -27.50 30.46
C GLY E 109 31.06 -29.01 30.38
N ILE E 110 31.89 -29.54 29.50
CA ILE E 110 31.98 -30.97 29.34
C ILE E 110 32.40 -31.56 30.67
N MET E 111 33.24 -30.86 31.45
CA MET E 111 33.63 -31.32 32.79
C MET E 111 32.47 -31.31 33.79
N LYS E 112 31.66 -30.26 33.76
CA LYS E 112 30.51 -30.16 34.67
C LYS E 112 29.44 -31.19 34.41
N SER E 113 29.34 -31.63 33.16
CA SER E 113 28.50 -32.76 32.76
C SER E 113 29.09 -34.16 33.00
N CYS E 114 30.40 -34.28 33.17
CA CYS E 114 31.05 -35.57 33.41
C CYS E 114 30.87 -35.92 34.91
N ALA E 115 31.04 -34.89 35.74
CA ALA E 115 30.67 -34.94 37.15
C ALA E 115 29.25 -35.51 37.29
N ALA E 116 28.28 -34.80 36.72
CA ALA E 116 26.86 -35.18 36.72
C ALA E 116 26.58 -36.61 36.27
N ALA E 117 27.14 -37.03 35.13
CA ALA E 117 26.82 -38.34 34.53
C ALA E 117 26.88 -39.62 35.41
N LYS E 118 27.58 -39.54 36.56
CA LYS E 118 27.59 -40.57 37.63
C LYS E 118 28.23 -41.90 37.18
N THR E 119 28.95 -41.87 36.04
CA THR E 119 29.40 -43.06 35.25
C THR E 119 30.72 -42.86 34.50
N VAL E 120 31.04 -41.61 34.21
CA VAL E 120 32.36 -41.21 33.77
C VAL E 120 33.40 -41.45 34.89
N ARG E 121 34.27 -42.44 34.69
CA ARG E 121 35.44 -42.67 35.55
C ARG E 121 36.56 -41.67 35.26
N ARG E 122 36.69 -41.28 33.97
CA ARG E 122 37.81 -40.48 33.44
C ARG E 122 37.57 -39.66 32.13
N LEU E 123 38.27 -38.54 32.03
CA LEU E 123 38.24 -37.60 30.92
C LEU E 123 39.65 -37.30 30.27
N VAL E 124 39.90 -37.72 29.02
CA VAL E 124 41.09 -37.34 28.19
C VAL E 124 40.95 -36.00 27.40
N PHE E 125 41.59 -34.91 27.79
CA PHE E 125 41.48 -33.73 26.93
C PHE E 125 42.43 -34.02 25.78
N THR E 126 42.04 -33.79 24.53
CA THR E 126 43.08 -33.62 23.50
C THR E 126 43.50 -32.15 23.50
N SER E 127 44.75 -31.86 23.85
CA SER E 127 45.29 -30.48 23.97
C SER E 127 46.25 -30.21 22.82
N SER E 128 47.18 -29.28 22.96
CA SER E 128 47.95 -28.68 21.84
C SER E 128 49.33 -28.31 22.34
N ALA E 129 50.32 -28.54 21.48
CA ALA E 129 51.69 -28.05 21.65
C ALA E 129 51.76 -26.51 21.84
N GLY E 130 50.85 -25.72 21.27
CA GLY E 130 50.85 -24.30 21.55
C GLY E 130 50.68 -23.97 23.02
N THR E 131 50.27 -24.93 23.83
CA THR E 131 50.16 -24.64 25.25
C THR E 131 51.46 -24.79 26.01
N VAL E 132 52.52 -25.29 25.40
CA VAL E 132 53.76 -25.63 26.09
C VAL E 132 54.89 -24.68 25.71
N ASN E 133 55.04 -24.37 24.43
CA ASN E 133 56.30 -23.76 24.02
C ASN E 133 56.30 -22.41 23.31
N ILE E 134 55.27 -21.60 23.51
CA ILE E 134 55.26 -20.26 22.93
C ILE E 134 55.75 -19.32 24.02
N GLN E 135 57.07 -19.17 24.04
CA GLN E 135 57.81 -18.13 24.77
C GLN E 135 58.89 -17.54 23.87
N GLU E 136 59.43 -16.39 24.25
CA GLU E 136 60.35 -15.65 23.39
C GLU E 136 61.57 -16.47 22.96
N HIS E 137 62.09 -17.26 23.88
CA HIS E 137 63.30 -18.04 23.68
C HIS E 137 62.97 -19.50 23.98
N GLN E 138 63.23 -20.40 23.03
CA GLN E 138 62.88 -21.81 23.19
C GLN E 138 63.88 -22.54 24.08
N LEU E 139 63.39 -23.43 24.93
CA LEU E 139 64.25 -24.44 25.53
C LEU E 139 64.77 -25.41 24.44
N PRO E 140 65.82 -26.19 24.78
CA PRO E 140 66.19 -27.31 23.90
C PRO E 140 65.32 -28.59 24.02
N VAL E 141 64.64 -28.80 25.14
CA VAL E 141 63.75 -29.95 25.27
C VAL E 141 62.60 -29.63 26.24
N TYR E 142 61.37 -29.95 25.83
CA TYR E 142 60.22 -29.73 26.68
C TYR E 142 59.70 -31.00 27.34
N ASP E 143 59.62 -30.97 28.67
CA ASP E 143 58.89 -32.01 29.41
C ASP E 143 57.46 -31.46 29.62
N GLU E 144 56.65 -32.21 30.36
CA GLU E 144 55.24 -31.96 30.57
C GLU E 144 55.03 -30.92 31.68
N SER E 145 56.07 -30.34 32.27
CA SER E 145 55.88 -29.28 33.28
C SER E 145 55.78 -27.86 32.72
N CYS E 146 56.18 -27.67 31.47
CA CYS E 146 56.28 -26.33 30.89
C CYS E 146 54.91 -25.77 30.50
N TRP E 147 54.77 -24.46 30.41
CA TRP E 147 53.52 -23.80 30.01
C TRP E 147 53.79 -22.61 29.10
N SER E 148 52.95 -22.47 28.08
CA SER E 148 53.02 -21.30 27.22
C SER E 148 52.92 -20.03 28.06
N ASP E 149 53.37 -18.95 27.42
CA ASP E 149 53.58 -17.69 28.08
C ASP E 149 52.42 -16.79 27.68
N MET E 150 51.41 -16.72 28.55
CA MET E 150 50.31 -15.79 28.30
C MET E 150 50.65 -14.30 28.33
N GLU E 151 51.70 -13.91 29.06
CA GLU E 151 52.05 -12.49 29.18
C GLU E 151 52.70 -12.06 27.86
N PHE E 152 53.54 -12.95 27.33
CA PHE E 152 54.16 -12.87 25.99
C PHE E 152 53.19 -12.93 24.84
N CYS E 153 52.24 -13.86 24.92
CA CYS E 153 51.25 -14.05 23.83
C CYS E 153 50.27 -12.92 23.60
N ARG E 154 50.16 -12.03 24.58
CA ARG E 154 49.17 -10.97 24.59
C ARG E 154 49.81 -9.59 24.36
N ALA E 155 51.10 -9.48 24.67
CA ALA E 155 51.89 -8.33 24.27
C ALA E 155 52.04 -8.38 22.75
N LYS E 156 52.50 -9.53 22.21
CA LYS E 156 52.88 -9.65 20.79
C LYS E 156 51.72 -9.92 19.81
N LYS E 157 50.83 -10.84 20.16
CA LYS E 157 49.71 -11.17 19.32
C LYS E 157 50.22 -11.56 17.92
N MET E 158 51.04 -12.60 17.96
CA MET E 158 51.45 -13.32 16.75
C MET E 158 50.35 -14.21 16.08
N THR E 159 50.58 -14.59 14.81
CA THR E 159 49.71 -15.46 13.99
C THR E 159 49.37 -16.78 14.70
N ALA E 160 48.09 -17.12 14.62
CA ALA E 160 47.55 -18.13 15.47
C ALA E 160 47.65 -17.79 17.00
N TRP E 161 47.78 -16.54 17.45
CA TRP E 161 47.80 -16.37 18.90
C TRP E 161 46.61 -17.02 19.62
N MET E 162 45.36 -16.78 19.19
CA MET E 162 44.15 -17.31 19.84
C MET E 162 44.07 -18.83 19.97
N TYR E 163 44.85 -19.59 19.18
CA TYR E 163 44.92 -21.06 19.28
C TYR E 163 45.98 -21.59 20.27
N PHE E 164 46.79 -20.67 20.78
CA PHE E 164 47.76 -20.92 21.83
C PHE E 164 46.96 -20.51 23.09
N VAL E 165 46.65 -19.23 23.28
CA VAL E 165 45.83 -18.77 24.39
C VAL E 165 44.62 -19.67 24.82
N SER E 166 43.63 -19.81 23.96
CA SER E 166 42.45 -20.65 24.18
C SER E 166 42.79 -22.01 24.79
N LYS E 167 43.78 -22.72 24.24
CA LYS E 167 44.01 -24.08 24.69
C LYS E 167 45.04 -24.07 25.82
N THR E 168 45.66 -22.96 26.13
CA THR E 168 46.35 -22.92 27.42
C THR E 168 45.27 -22.68 28.46
N LEU E 169 44.48 -21.60 28.32
CA LEU E 169 43.45 -21.26 29.31
C LEU E 169 42.39 -22.36 29.53
N ALA E 170 41.95 -23.02 28.46
CA ALA E 170 41.08 -24.20 28.56
C ALA E 170 41.67 -25.33 29.37
N GLU E 171 42.98 -25.55 29.32
CA GLU E 171 43.62 -26.60 30.14
C GLU E 171 43.89 -26.23 31.60
N GLN E 172 44.45 -25.04 31.82
CA GLN E 172 44.70 -24.48 33.15
C GLN E 172 43.43 -24.44 34.01
N ALA E 173 42.32 -23.94 33.44
CA ALA E 173 41.00 -24.01 34.08
C ALA E 173 40.52 -25.47 34.26
N ALA E 174 40.93 -26.33 33.34
CA ALA E 174 40.53 -27.74 33.35
C ALA E 174 41.14 -28.58 34.51
N TRP E 175 42.34 -28.23 34.97
CA TRP E 175 42.93 -28.86 36.13
C TRP E 175 42.54 -28.13 37.40
N LYS E 176 42.21 -26.84 37.33
CA LYS E 176 41.67 -26.10 38.48
C LYS E 176 40.45 -26.87 39.01
N TYR E 177 39.65 -27.39 38.05
CA TYR E 177 38.50 -28.25 38.32
C TYR E 177 38.91 -29.65 38.79
N ALA E 178 39.70 -30.41 38.03
CA ALA E 178 40.12 -31.79 38.41
C ALA E 178 40.68 -31.98 39.83
N LYS E 179 41.43 -30.96 40.27
CA LYS E 179 41.86 -30.85 41.65
C LYS E 179 40.59 -30.60 42.45
N GLU E 180 39.97 -29.44 42.22
CA GLU E 180 38.92 -28.95 43.12
C GLU E 180 37.71 -29.89 43.25
N ASN E 181 37.56 -30.89 42.37
CA ASN E 181 36.38 -31.77 42.31
C ASN E 181 36.64 -33.28 42.09
N ASN E 182 37.87 -33.73 42.33
CA ASN E 182 38.29 -35.14 42.35
C ASN E 182 38.17 -35.89 41.04
N ILE E 183 38.11 -35.13 39.95
CA ILE E 183 37.78 -35.67 38.63
C ILE E 183 39.06 -36.25 38.05
N ASP E 184 38.98 -37.50 37.61
CA ASP E 184 40.14 -38.14 36.99
C ASP E 184 40.32 -37.62 35.53
N PHE E 185 41.19 -36.60 35.37
CA PHE E 185 41.47 -35.89 34.12
C PHE E 185 42.81 -36.37 33.60
N ILE E 186 42.81 -37.05 32.45
CA ILE E 186 44.00 -37.04 31.58
C ILE E 186 43.95 -35.92 30.51
N THR E 187 45.12 -35.49 30.09
CA THR E 187 45.25 -34.57 28.95
C THR E 187 46.45 -35.06 28.14
N ILE E 188 46.32 -34.94 26.83
CA ILE E 188 47.44 -35.37 26.01
C ILE E 188 47.77 -34.14 25.14
N ILE E 189 49.07 -33.79 25.09
CA ILE E 189 49.60 -32.64 24.30
C ILE E 189 50.34 -33.15 23.05
N PRO E 190 49.61 -33.28 21.92
CA PRO E 190 50.26 -33.68 20.70
C PRO E 190 50.98 -32.51 20.03
N THR E 191 51.95 -32.86 19.21
CA THR E 191 52.68 -31.93 18.41
C THR E 191 52.06 -32.22 17.03
N LEU E 192 52.72 -31.88 15.92
CA LEU E 192 52.03 -31.87 14.64
C LEU E 192 51.59 -33.25 14.21
N VAL E 193 50.30 -33.42 13.87
CA VAL E 193 49.73 -34.74 13.55
C VAL E 193 49.68 -34.89 12.03
N VAL E 194 50.47 -35.84 11.55
CA VAL E 194 50.69 -36.04 10.13
C VAL E 194 50.46 -37.53 10.04
N GLY E 195 50.54 -38.06 8.82
CA GLY E 195 50.23 -39.45 8.58
C GLY E 195 48.92 -39.49 7.85
N PRO E 196 48.44 -40.69 7.51
CA PRO E 196 47.31 -40.91 6.60
C PRO E 196 45.93 -40.69 7.27
N PHE E 197 44.87 -40.56 6.49
CA PHE E 197 43.52 -40.25 7.03
C PHE E 197 42.37 -40.97 6.34
N ILE E 198 41.22 -40.99 7.02
CA ILE E 198 39.99 -41.54 6.45
C ILE E 198 39.06 -40.40 6.06
N MET E 199 39.26 -39.24 6.69
CA MET E 199 38.37 -38.11 6.48
C MET E 199 38.38 -37.64 5.01
N SER E 200 37.56 -36.63 4.77
CA SER E 200 37.09 -36.24 3.46
C SER E 200 38.01 -35.29 2.67
N SER E 201 38.24 -34.14 3.26
CA SER E 201 38.91 -32.97 2.73
C SER E 201 40.28 -32.83 3.36
N MET E 202 41.12 -31.88 2.93
CA MET E 202 42.50 -31.77 3.45
C MET E 202 42.43 -31.29 4.89
N PRO E 203 42.93 -32.10 5.82
CA PRO E 203 42.88 -31.71 7.20
C PRO E 203 43.85 -30.58 7.58
N PRO E 204 43.40 -29.61 8.40
CA PRO E 204 44.18 -28.43 8.85
C PRO E 204 45.70 -28.57 9.06
N SER E 205 46.11 -29.58 9.84
CA SER E 205 47.53 -29.89 10.07
C SER E 205 48.30 -30.35 8.82
N LEU E 206 47.69 -31.10 7.91
CA LEU E 206 48.37 -31.38 6.63
C LEU E 206 48.52 -30.17 5.66
N ILE E 207 47.92 -29.03 5.97
CA ILE E 207 48.30 -27.84 5.22
C ILE E 207 49.71 -27.45 5.70
N THR E 208 49.95 -27.61 7.00
CA THR E 208 51.20 -27.25 7.62
C THR E 208 52.25 -28.31 7.26
N ALA E 209 52.01 -29.56 7.67
CA ALA E 209 52.94 -30.68 7.45
C ALA E 209 53.52 -30.70 6.02
N LEU E 210 52.64 -30.60 5.03
CA LEU E 210 53.01 -30.56 3.62
C LEU E 210 53.42 -29.19 3.05
N SER E 211 53.69 -28.19 3.90
CA SER E 211 53.99 -26.87 3.38
C SER E 211 55.28 -26.73 2.57
N PRO E 212 56.32 -27.55 2.85
CA PRO E 212 57.52 -27.57 2.01
C PRO E 212 57.35 -28.11 0.61
N ILE E 213 56.32 -28.93 0.37
CA ILE E 213 55.90 -29.27 -1.01
C ILE E 213 55.05 -28.15 -1.62
N THR E 214 53.93 -27.82 -0.95
CA THR E 214 52.91 -26.87 -1.46
C THR E 214 53.38 -25.41 -1.45
N GLY E 215 54.44 -25.15 -0.67
CA GLY E 215 55.17 -23.87 -0.72
C GLY E 215 54.55 -22.73 0.06
N ASN E 216 53.40 -22.98 0.70
CA ASN E 216 52.60 -21.96 1.43
C ASN E 216 53.32 -21.51 2.71
N GLU E 217 53.94 -20.34 2.67
CA GLU E 217 54.86 -19.91 3.75
C GLU E 217 54.21 -19.56 5.08
N ALA E 218 52.90 -19.29 5.14
CA ALA E 218 52.27 -18.96 6.44
C ALA E 218 52.76 -19.90 7.53
N HIS E 219 52.82 -21.17 7.12
CA HIS E 219 53.08 -22.38 7.93
C HIS E 219 54.48 -22.82 8.31
N TYR E 220 55.45 -22.23 7.64
CA TYR E 220 56.82 -22.62 7.87
C TYR E 220 57.19 -22.38 9.36
N SER E 221 56.61 -21.36 10.00
CA SER E 221 56.88 -21.08 11.43
C SER E 221 56.72 -22.29 12.40
N ILE E 222 55.53 -22.91 12.43
CA ILE E 222 55.27 -24.18 13.14
C ILE E 222 56.30 -25.31 12.92
N ILE E 223 56.76 -25.54 11.70
CA ILE E 223 57.78 -26.57 11.47
C ILE E 223 59.23 -26.06 11.30
N ARG E 224 59.47 -24.76 11.49
CA ARG E 224 60.83 -24.25 11.42
C ARG E 224 61.65 -25.09 12.39
N GLN E 225 61.17 -25.12 13.63
CA GLN E 225 61.65 -26.03 14.67
C GLN E 225 60.52 -27.01 15.01
N GLY E 226 60.27 -27.89 14.03
CA GLY E 226 59.12 -28.77 14.06
C GLY E 226 59.39 -30.06 14.80
N GLN E 227 58.40 -30.45 15.59
CA GLN E 227 58.33 -31.74 16.28
C GLN E 227 56.99 -32.42 15.93
N PHE E 228 57.04 -33.75 15.70
CA PHE E 228 55.92 -34.48 15.09
C PHE E 228 55.55 -35.78 15.79
N VAL E 229 54.36 -36.25 15.42
CA VAL E 229 53.77 -37.53 15.79
C VAL E 229 52.95 -38.10 14.61
N HIS E 230 52.67 -39.40 14.71
CA HIS E 230 51.83 -40.04 13.71
C HIS E 230 50.38 -40.01 14.24
N LEU E 231 49.41 -39.75 13.36
CA LEU E 231 47.99 -39.78 13.73
C LEU E 231 47.64 -41.02 14.51
N ASP E 232 48.13 -42.14 13.96
CA ASP E 232 47.91 -43.47 14.55
C ASP E 232 48.52 -43.65 15.93
N ASP E 233 49.83 -43.55 16.04
CA ASP E 233 50.49 -43.49 17.34
C ASP E 233 49.78 -42.48 18.26
N LEU E 234 49.34 -41.36 17.70
CA LEU E 234 48.64 -40.35 18.52
C LEU E 234 47.42 -41.02 19.10
N CYS E 235 46.67 -41.70 18.22
CA CYS E 235 45.36 -42.25 18.59
C CYS E 235 45.36 -43.43 19.54
N ASN E 236 46.24 -44.38 19.21
CA ASN E 236 46.58 -45.49 20.10
C ASN E 236 46.85 -45.01 21.53
N ALA E 237 47.59 -43.93 21.67
CA ALA E 237 47.84 -43.33 22.98
C ALA E 237 46.56 -42.85 23.64
N HIS E 238 45.59 -42.42 22.85
CA HIS E 238 44.38 -41.88 23.49
C HIS E 238 43.70 -43.05 24.17
N ILE E 239 43.75 -44.18 23.48
CA ILE E 239 43.14 -45.39 23.96
C ILE E 239 43.90 -45.79 25.24
N TYR E 240 45.21 -46.09 25.10
CA TYR E 240 46.12 -46.54 26.19
C TYR E 240 46.00 -45.74 27.50
N LEU E 241 45.90 -44.42 27.40
CA LEU E 241 45.86 -43.53 28.57
C LEU E 241 44.51 -43.59 29.30
N PHE E 242 43.42 -43.68 28.55
CA PHE E 242 42.13 -43.97 29.15
C PHE E 242 42.09 -45.34 29.82
N GLU E 243 42.71 -46.33 29.19
CA GLU E 243 42.70 -47.67 29.74
C GLU E 243 43.59 -48.05 30.96
N ASN E 244 44.86 -47.62 30.90
CA ASN E 244 45.89 -47.80 31.93
C ASN E 244 45.58 -47.06 33.26
N PRO E 245 45.22 -47.82 34.33
CA PRO E 245 44.83 -47.29 35.64
C PRO E 245 45.73 -46.24 36.26
N LYS E 246 47.04 -46.40 36.11
CA LYS E 246 48.00 -45.69 36.97
C LYS E 246 48.57 -44.42 36.30
N ALA E 247 47.73 -43.82 35.45
CA ALA E 247 48.03 -42.60 34.68
C ALA E 247 47.51 -41.32 35.38
N GLU E 248 48.36 -40.30 35.44
CA GLU E 248 48.01 -38.95 35.94
C GLU E 248 48.61 -37.82 35.14
N GLY E 249 48.05 -36.63 35.33
CA GLY E 249 48.63 -35.40 34.79
C GLY E 249 48.70 -35.36 33.27
N ARG E 250 49.58 -34.47 32.80
CA ARG E 250 49.67 -34.11 31.39
C ARG E 250 50.51 -35.15 30.71
N TYR E 251 50.44 -35.22 29.38
CA TYR E 251 51.21 -36.22 28.65
C TYR E 251 51.72 -35.76 27.29
N ILE E 252 53.03 -35.59 27.10
CA ILE E 252 53.53 -35.20 25.76
C ILE E 252 53.52 -36.39 24.80
N CYS E 253 53.20 -36.14 23.54
CA CYS E 253 53.05 -37.20 22.54
C CYS E 253 53.70 -36.74 21.23
N SER E 254 55.02 -36.61 21.26
CA SER E 254 55.85 -36.42 20.08
C SER E 254 56.91 -37.51 19.96
N SER E 255 57.13 -37.99 18.74
CA SER E 255 58.12 -39.03 18.56
C SER E 255 59.34 -38.52 17.80
N HIS E 256 59.18 -37.64 16.80
CA HIS E 256 60.37 -37.08 16.15
C HIS E 256 60.55 -35.60 16.43
N ASP E 257 61.72 -35.08 16.06
CA ASP E 257 61.95 -33.63 16.14
C ASP E 257 63.10 -33.20 15.25
N CYS E 258 62.78 -32.28 14.37
CA CYS E 258 63.72 -31.86 13.36
C CYS E 258 63.43 -30.46 12.90
N ILE E 259 64.51 -29.72 12.69
CA ILE E 259 64.38 -28.42 12.08
C ILE E 259 63.74 -28.55 10.67
N ILE E 260 63.31 -27.41 10.13
CA ILE E 260 62.66 -27.40 8.83
C ILE E 260 63.56 -28.02 7.75
N LEU E 261 64.82 -27.56 7.67
CA LEU E 261 65.74 -27.96 6.62
C LEU E 261 65.72 -29.48 6.43
N ASP E 262 65.92 -30.18 7.55
CA ASP E 262 65.98 -31.65 7.66
C ASP E 262 64.65 -32.36 7.32
N LEU E 263 63.49 -31.75 7.54
CA LEU E 263 62.25 -32.29 6.95
C LEU E 263 62.17 -32.15 5.40
N ALA E 264 62.49 -30.96 4.89
CA ALA E 264 62.59 -30.70 3.44
C ALA E 264 63.51 -31.75 2.80
N LYS E 265 64.77 -31.72 3.21
CA LYS E 265 65.78 -32.74 2.92
C LYS E 265 65.21 -34.14 2.83
N MET E 266 64.33 -34.48 3.76
CA MET E 266 63.67 -35.80 3.85
C MET E 266 62.61 -35.98 2.76
N LEU E 267 61.74 -34.98 2.60
CA LEU E 267 60.71 -34.97 1.53
C LEU E 267 61.35 -34.93 0.11
N ARG E 268 62.41 -34.14 -0.05
CA ARG E 268 63.18 -34.03 -1.29
C ARG E 268 63.60 -35.40 -1.84
N GLU E 269 64.37 -36.17 -1.07
CA GLU E 269 64.89 -37.45 -1.58
C GLU E 269 63.86 -38.59 -1.47
N LYS E 270 62.74 -38.33 -0.80
CA LYS E 270 61.59 -39.23 -0.86
C LYS E 270 60.78 -38.97 -2.15
N TYR E 271 60.65 -37.69 -2.50
CA TYR E 271 59.78 -37.22 -3.59
C TYR E 271 60.46 -36.26 -4.60
N PRO E 272 61.36 -36.79 -5.45
CA PRO E 272 61.98 -35.98 -6.51
C PRO E 272 61.05 -35.25 -7.48
N GLU E 273 59.92 -35.88 -7.83
CA GLU E 273 58.87 -35.27 -8.64
C GLU E 273 58.29 -33.92 -8.17
N TYR E 274 58.45 -33.55 -6.89
CA TYR E 274 58.12 -32.22 -6.38
C TYR E 274 59.38 -31.35 -6.21
N ASN E 275 59.46 -30.16 -6.84
CA ASN E 275 60.57 -29.21 -6.63
C ASN E 275 60.57 -28.57 -5.23
N ILE E 276 61.03 -29.34 -4.24
CA ILE E 276 61.11 -28.85 -2.87
C ILE E 276 62.39 -28.04 -2.75
N PRO E 277 62.30 -26.84 -2.14
CA PRO E 277 63.52 -26.02 -2.07
C PRO E 277 64.55 -26.65 -1.12
N THR E 278 65.83 -26.36 -1.32
CA THR E 278 66.87 -26.84 -0.43
C THR E 278 67.34 -25.73 0.51
N GLU E 279 66.81 -24.52 0.31
CA GLU E 279 67.22 -23.34 1.08
C GLU E 279 65.98 -22.73 1.70
N PHE E 280 66.13 -22.16 2.90
CA PHE E 280 65.03 -21.54 3.67
C PHE E 280 65.49 -20.24 4.36
N LYS E 281 64.62 -19.24 4.46
CA LYS E 281 65.07 -17.90 4.88
C LYS E 281 65.24 -17.74 6.39
N GLY E 282 66.50 -17.72 6.83
CA GLY E 282 66.88 -17.49 8.23
C GLY E 282 67.09 -18.81 8.95
N VAL E 283 66.72 -19.89 8.30
CA VAL E 283 66.99 -21.22 8.82
C VAL E 283 68.39 -21.52 8.31
N ASP E 284 69.34 -21.31 9.21
CA ASP E 284 70.73 -21.79 9.08
C ASP E 284 70.74 -23.33 9.30
N GLU E 285 71.93 -23.94 9.34
CA GLU E 285 72.10 -25.37 9.63
C GLU E 285 72.65 -25.64 11.03
N ASN E 286 73.21 -24.63 11.67
CA ASN E 286 73.55 -24.66 13.10
C ASN E 286 72.38 -24.25 13.98
N LEU E 287 71.20 -24.15 13.38
CA LEU E 287 69.92 -24.08 14.09
C LEU E 287 69.62 -25.41 14.80
N LYS E 288 69.61 -25.34 16.12
CA LYS E 288 69.30 -26.43 17.03
C LYS E 288 67.82 -26.81 16.90
N SER E 289 67.56 -28.11 16.72
CA SER E 289 66.20 -28.65 16.88
C SER E 289 65.71 -28.47 18.32
N VAL E 290 64.39 -28.30 18.42
CA VAL E 290 63.70 -28.33 19.70
C VAL E 290 63.08 -29.72 19.76
N CYS E 291 62.99 -30.27 20.97
CA CYS E 291 62.50 -31.63 21.24
C CYS E 291 61.34 -31.58 22.26
N PHE E 292 60.44 -32.53 22.12
CA PHE E 292 59.29 -32.61 23.01
C PHE E 292 59.46 -34.00 23.59
N SER E 293 59.74 -34.11 24.89
CA SER E 293 60.05 -35.42 25.41
C SER E 293 58.73 -36.04 25.75
N SER E 294 58.46 -37.14 25.05
CA SER E 294 57.38 -38.07 25.40
C SER E 294 58.00 -39.18 26.23
N LYS E 295 58.92 -38.84 27.15
CA LYS E 295 59.60 -39.86 27.93
C LYS E 295 58.58 -40.46 28.90
N LYS E 296 57.99 -39.57 29.68
CA LYS E 296 56.88 -39.96 30.57
C LYS E 296 56.00 -41.02 29.93
N LEU E 297 55.67 -40.84 28.64
CA LEU E 297 54.73 -41.71 27.95
C LEU E 297 55.38 -43.09 27.78
N THR E 298 56.52 -43.12 27.09
CA THR E 298 57.21 -44.39 26.90
C THR E 298 57.50 -45.07 28.26
N ASP E 299 57.79 -44.29 29.30
CA ASP E 299 57.94 -44.77 30.68
C ASP E 299 56.80 -45.62 31.19
N LEU E 300 55.59 -45.27 30.77
CA LEU E 300 54.46 -46.08 31.14
C LEU E 300 54.38 -47.39 30.38
N GLY E 301 55.04 -47.57 29.24
CA GLY E 301 54.90 -48.80 28.43
C GLY E 301 54.34 -48.73 27.00
N PHE E 302 53.95 -47.52 26.61
CA PHE E 302 53.50 -47.17 25.27
C PHE E 302 54.68 -47.25 24.31
N GLU E 303 54.45 -47.70 23.07
CA GLU E 303 55.52 -47.75 22.09
C GLU E 303 55.23 -47.07 20.72
N PHE E 304 56.14 -46.18 20.31
CA PHE E 304 56.01 -45.45 19.03
C PHE E 304 56.12 -46.37 17.82
N LYS E 305 55.01 -46.91 17.36
CA LYS E 305 55.02 -47.85 16.23
C LYS E 305 55.40 -47.28 14.83
N TYR E 306 55.79 -46.01 14.67
CA TYR E 306 55.95 -45.31 13.36
C TYR E 306 57.19 -44.37 13.24
N SER E 307 57.74 -44.22 12.04
CA SER E 307 58.87 -43.30 11.78
C SER E 307 58.52 -41.94 11.20
N LEU E 308 59.49 -41.03 11.08
CA LEU E 308 59.23 -39.72 10.46
C LEU E 308 58.88 -39.99 9.01
N GLU E 309 59.49 -41.02 8.43
CA GLU E 309 59.24 -41.41 7.03
C GLU E 309 57.82 -42.00 6.81
N ASP E 310 57.27 -42.76 7.77
CA ASP E 310 55.91 -43.32 7.69
C ASP E 310 54.81 -42.27 7.52
N MET E 311 54.73 -41.35 8.47
CA MET E 311 53.71 -40.31 8.45
C MET E 311 53.63 -39.68 7.08
N PHE E 312 54.75 -39.12 6.63
CA PHE E 312 54.73 -38.31 5.42
C PHE E 312 54.36 -39.02 4.15
N THR E 313 54.59 -40.34 4.08
CA THR E 313 54.23 -41.14 2.88
C THR E 313 52.72 -41.46 2.79
N GLY E 314 52.10 -41.72 3.94
CA GLY E 314 50.64 -41.91 4.03
C GLY E 314 49.82 -40.64 3.87
N ALA E 315 50.37 -39.49 4.30
CA ALA E 315 49.75 -38.18 4.11
C ALA E 315 49.77 -37.98 2.63
N VAL E 316 50.99 -37.90 2.09
CA VAL E 316 51.14 -37.74 0.66
C VAL E 316 50.26 -38.77 -0.07
N ASP E 317 50.41 -40.07 0.21
CA ASP E 317 49.62 -41.08 -0.49
C ASP E 317 48.14 -40.76 -0.37
N THR E 318 47.64 -40.48 0.82
CA THR E 318 46.20 -40.23 1.00
C THR E 318 45.70 -38.91 0.37
N CYS E 319 46.59 -37.93 0.22
CA CYS E 319 46.17 -36.74 -0.51
C CYS E 319 46.02 -37.08 -2.00
N ARG E 320 47.04 -37.78 -2.51
CA ARG E 320 47.06 -38.28 -3.90
C ARG E 320 45.81 -39.09 -4.25
N ALA E 321 45.57 -40.22 -3.56
CA ALA E 321 44.34 -41.00 -3.82
C ALA E 321 43.08 -40.10 -3.89
N LYS E 322 42.87 -39.20 -2.92
CA LYS E 322 41.72 -38.31 -2.93
C LYS E 322 42.00 -37.01 -3.71
N GLY E 323 42.89 -37.06 -4.70
CA GLY E 323 43.17 -35.92 -5.59
C GLY E 323 43.25 -34.58 -4.89
N LEU E 324 43.97 -34.55 -3.78
CA LEU E 324 44.17 -33.30 -3.04
C LEU E 324 45.60 -32.76 -3.19
N LEU E 325 46.58 -33.61 -3.45
CA LEU E 325 47.91 -33.11 -3.83
C LEU E 325 48.13 -33.42 -5.30
N PRO E 326 48.59 -32.43 -6.09
CA PRO E 326 49.02 -32.78 -7.44
C PRO E 326 50.00 -33.95 -7.40
N PRO E 327 49.79 -34.99 -8.21
CA PRO E 327 50.76 -36.08 -8.25
C PRO E 327 52.22 -35.65 -8.38
N SER E 328 52.49 -34.57 -9.11
CA SER E 328 53.84 -34.00 -9.17
C SER E 328 53.82 -32.53 -9.58
N HIS E 329 55.01 -31.94 -9.54
CA HIS E 329 55.23 -30.61 -10.09
C HIS E 329 55.78 -30.93 -11.46
N GLU F 6 61.49 5.71 -21.20
CA GLU F 6 61.67 6.18 -19.80
C GLU F 6 61.82 5.03 -18.78
N THR F 7 62.21 5.43 -17.57
CA THR F 7 62.76 4.55 -16.55
C THR F 7 62.02 4.55 -15.21
N VAL F 8 61.53 3.36 -14.84
CA VAL F 8 60.66 3.16 -13.67
C VAL F 8 61.13 2.01 -12.80
N CYS F 9 60.91 2.18 -11.51
CA CYS F 9 61.20 1.24 -10.43
C CYS F 9 59.93 0.51 -9.92
N VAL F 10 60.06 -0.79 -9.68
CA VAL F 10 58.95 -1.68 -9.35
C VAL F 10 59.43 -2.46 -8.15
N THR F 11 58.95 -2.10 -6.96
CA THR F 11 59.35 -2.83 -5.74
C THR F 11 58.60 -4.18 -5.61
N GLY F 12 59.22 -5.09 -4.86
CA GLY F 12 58.72 -6.45 -4.77
C GLY F 12 58.29 -6.87 -6.16
N ALA F 13 59.23 -6.73 -7.11
CA ALA F 13 59.04 -7.02 -8.53
C ALA F 13 58.85 -8.49 -8.80
N SER F 14 59.42 -9.33 -7.93
CA SER F 14 59.47 -10.77 -8.12
C SER F 14 58.17 -11.50 -7.79
N GLY F 15 57.29 -10.87 -7.00
CA GLY F 15 56.01 -11.41 -6.60
C GLY F 15 54.89 -11.26 -7.65
N PHE F 16 53.70 -11.75 -7.29
CA PHE F 16 52.53 -11.90 -8.18
C PHE F 16 51.99 -10.71 -8.96
N ILE F 17 51.75 -9.58 -8.28
CA ILE F 17 51.37 -8.33 -8.95
C ILE F 17 52.60 -7.67 -9.55
N GLY F 18 53.68 -7.58 -8.77
CA GLY F 18 54.93 -7.06 -9.27
C GLY F 18 55.44 -7.78 -10.51
N SER F 19 55.21 -9.09 -10.63
CA SER F 19 55.78 -9.81 -11.78
C SER F 19 55.15 -9.24 -13.05
N TRP F 20 53.82 -9.27 -13.00
CA TRP F 20 53.00 -8.95 -14.14
C TRP F 20 53.32 -7.51 -14.55
N LEU F 21 53.56 -6.65 -13.55
CA LEU F 21 53.72 -5.20 -13.70
C LEU F 21 55.01 -4.83 -14.42
N VAL F 22 56.09 -5.53 -14.04
CA VAL F 22 57.37 -5.42 -14.75
C VAL F 22 57.21 -5.97 -16.19
N MET F 23 56.59 -7.13 -16.37
CA MET F 23 56.23 -7.61 -17.71
C MET F 23 55.50 -6.65 -18.65
N ARG F 24 54.47 -5.99 -18.11
CA ARG F 24 53.55 -5.14 -18.90
C ARG F 24 54.21 -3.81 -19.24
N LEU F 25 54.97 -3.26 -18.30
CA LEU F 25 55.77 -2.04 -18.54
C LEU F 25 56.86 -2.25 -19.59
N LEU F 26 57.38 -3.48 -19.71
CA LEU F 26 58.42 -3.82 -20.70
C LEU F 26 57.86 -3.90 -22.12
N GLU F 27 56.78 -4.63 -22.28
CA GLU F 27 56.09 -4.70 -23.57
C GLU F 27 55.71 -3.33 -24.08
N ARG F 28 55.30 -2.44 -23.18
CA ARG F 28 54.89 -1.06 -23.50
C ARG F 28 56.02 -0.08 -23.82
N GLY F 29 57.27 -0.48 -23.59
CA GLY F 29 58.43 0.32 -23.99
C GLY F 29 59.32 0.88 -22.91
N TYR F 30 58.88 0.74 -21.66
CA TYR F 30 59.59 1.24 -20.48
C TYR F 30 60.89 0.48 -20.23
N THR F 31 61.69 1.03 -19.31
CA THR F 31 62.97 0.46 -18.88
C THR F 31 62.88 0.26 -17.38
N VAL F 32 63.02 -0.97 -16.92
CA VAL F 32 62.61 -1.27 -15.53
C VAL F 32 63.75 -1.68 -14.60
N ARG F 33 63.84 -0.95 -13.48
CA ARG F 33 64.66 -1.29 -12.34
C ARG F 33 63.87 -2.12 -11.30
N ALA F 34 63.85 -3.44 -11.43
CA ALA F 34 63.06 -4.29 -10.54
C ALA F 34 63.86 -4.42 -9.26
N THR F 35 63.20 -4.40 -8.10
CA THR F 35 63.86 -4.58 -6.79
C THR F 35 63.31 -5.80 -6.05
N VAL F 36 64.21 -6.42 -5.28
CA VAL F 36 63.92 -7.69 -4.61
C VAL F 36 64.93 -7.92 -3.49
N ARG F 37 64.47 -8.51 -2.40
CA ARG F 37 65.38 -8.80 -1.29
C ARG F 37 66.57 -9.67 -1.60
N ASP F 38 66.39 -10.62 -2.52
CA ASP F 38 67.35 -11.70 -2.69
C ASP F 38 67.44 -12.15 -4.17
N PRO F 39 68.37 -11.56 -4.94
CA PRO F 39 68.56 -11.98 -6.33
C PRO F 39 69.24 -13.33 -6.56
N THR F 40 69.75 -14.00 -5.52
CA THR F 40 70.36 -15.33 -5.68
C THR F 40 69.31 -16.42 -5.65
N ASN F 41 68.15 -16.10 -5.05
CA ASN F 41 66.95 -16.95 -5.06
C ASN F 41 66.52 -17.10 -6.53
N VAL F 42 66.66 -18.31 -7.08
CA VAL F 42 66.32 -18.61 -8.49
C VAL F 42 64.79 -18.69 -8.69
N LYS F 43 64.04 -18.97 -7.63
CA LYS F 43 62.57 -18.98 -7.68
C LYS F 43 61.96 -17.60 -7.99
N LYS F 44 62.33 -16.60 -7.19
CA LYS F 44 61.86 -15.20 -7.34
C LYS F 44 62.29 -14.61 -8.70
N VAL F 45 63.59 -14.58 -8.98
CA VAL F 45 64.06 -13.82 -10.14
C VAL F 45 63.87 -14.47 -11.51
N LYS F 46 63.83 -15.80 -11.62
CA LYS F 46 63.95 -16.42 -12.95
C LYS F 46 62.91 -15.85 -13.90
N HIS F 47 61.62 -15.97 -13.56
CA HIS F 47 60.54 -15.43 -14.39
C HIS F 47 60.73 -13.99 -14.90
N LEU F 48 61.38 -13.13 -14.11
CA LEU F 48 61.76 -11.78 -14.57
C LEU F 48 62.78 -11.75 -15.71
N LEU F 49 63.79 -12.63 -15.69
CA LEU F 49 64.85 -12.62 -16.70
C LEU F 49 64.39 -13.30 -18.01
N ASP F 50 63.49 -14.29 -17.96
CA ASP F 50 62.81 -14.87 -19.16
C ASP F 50 61.95 -13.86 -19.93
N LEU F 51 61.45 -12.81 -19.29
CA LEU F 51 60.66 -11.79 -19.97
C LEU F 51 61.34 -11.14 -21.20
N PRO F 52 60.67 -11.15 -22.35
CA PRO F 52 61.36 -10.50 -23.48
C PRO F 52 61.83 -9.07 -23.13
N LYS F 53 62.89 -8.62 -23.80
CA LYS F 53 63.47 -7.30 -23.59
C LYS F 53 64.02 -7.07 -22.17
N ALA F 54 64.10 -8.11 -21.35
CA ALA F 54 64.69 -7.99 -20.02
C ALA F 54 66.18 -7.75 -20.14
N GLU F 55 66.78 -8.34 -21.18
CA GLU F 55 68.20 -8.17 -21.45
C GLU F 55 68.46 -6.67 -21.66
N THR F 56 67.87 -6.15 -22.73
CA THR F 56 68.12 -4.76 -23.11
C THR F 56 67.56 -3.79 -22.06
N HIS F 57 66.39 -4.07 -21.49
CA HIS F 57 65.61 -3.08 -20.71
C HIS F 57 65.28 -3.31 -19.22
N LEU F 58 65.90 -4.31 -18.58
CA LEU F 58 65.70 -4.58 -17.14
C LEU F 58 67.03 -4.71 -16.37
N THR F 59 67.14 -3.97 -15.25
CA THR F 59 68.13 -4.16 -14.18
C THR F 59 67.47 -4.61 -12.86
N LEU F 60 68.22 -5.32 -12.03
CA LEU F 60 67.77 -5.93 -10.77
C LEU F 60 68.49 -5.18 -9.64
N TRP F 61 67.84 -5.01 -8.49
CA TRP F 61 68.44 -4.35 -7.34
C TRP F 61 68.03 -4.94 -5.98
N LYS F 62 68.99 -4.94 -5.05
CA LYS F 62 68.80 -5.42 -3.69
C LYS F 62 68.30 -4.27 -2.79
N ALA F 63 67.23 -4.55 -2.05
CA ALA F 63 66.54 -3.54 -1.28
C ALA F 63 65.69 -4.34 -0.34
N ASP F 64 65.35 -3.76 0.80
CA ASP F 64 64.50 -4.41 1.80
C ASP F 64 63.85 -3.28 2.61
N LEU F 65 62.51 -3.32 2.62
CA LEU F 65 61.67 -2.42 3.39
C LEU F 65 62.14 -2.22 4.83
N ALA F 66 62.76 -3.22 5.44
CA ALA F 66 63.31 -3.11 6.80
C ALA F 66 64.75 -2.53 6.92
N ASP F 67 65.28 -1.86 5.89
CA ASP F 67 66.62 -1.22 5.85
C ASP F 67 66.55 0.23 5.32
N GLU F 68 66.75 1.21 6.19
CA GLU F 68 66.64 2.61 5.82
C GLU F 68 67.56 2.96 4.65
N GLY F 69 66.98 3.55 3.60
CA GLY F 69 67.71 3.94 2.41
C GLY F 69 67.93 2.87 1.36
N SER F 70 67.44 1.65 1.57
CA SER F 70 67.77 0.55 0.66
C SER F 70 67.15 0.59 -0.74
N PHE F 71 66.34 1.62 -1.02
CA PHE F 71 65.80 1.90 -2.35
C PHE F 71 66.39 3.18 -3.02
N ASP F 72 67.34 3.85 -2.37
CA ASP F 72 67.97 5.06 -2.90
C ASP F 72 68.45 4.84 -4.32
N GLU F 73 69.32 3.83 -4.49
CA GLU F 73 69.99 3.52 -5.77
C GLU F 73 69.04 3.09 -6.87
N ALA F 74 68.09 2.23 -6.51
CA ALA F 74 67.02 1.88 -7.43
C ALA F 74 66.15 3.11 -7.82
N ILE F 75 65.81 4.02 -6.91
CA ILE F 75 64.89 5.14 -7.28
C ILE F 75 65.57 6.24 -8.13
N LYS F 76 66.88 6.43 -7.93
CA LYS F 76 67.62 7.43 -8.69
C LYS F 76 67.46 7.29 -10.20
N GLY F 77 67.32 8.43 -10.87
CA GLY F 77 67.18 8.44 -12.30
C GLY F 77 65.77 8.16 -12.75
N CYS F 78 64.98 7.40 -12.00
CA CYS F 78 63.63 7.02 -12.44
C CYS F 78 62.64 8.18 -12.54
N THR F 79 61.68 8.05 -13.47
CA THR F 79 60.60 9.04 -13.63
C THR F 79 59.28 8.63 -12.97
N GLY F 80 59.16 7.36 -12.60
CA GLY F 80 58.07 6.86 -11.76
C GLY F 80 58.54 5.77 -10.82
N VAL F 81 57.71 5.42 -9.84
CA VAL F 81 58.01 4.32 -8.90
C VAL F 81 56.76 3.59 -8.38
N PHE F 82 56.60 2.34 -8.80
CA PHE F 82 55.51 1.52 -8.32
C PHE F 82 56.04 0.81 -7.08
N HIS F 83 55.43 1.09 -5.92
CA HIS F 83 55.71 0.37 -4.67
C HIS F 83 54.75 -0.82 -4.40
N VAL F 84 55.15 -2.03 -4.81
CA VAL F 84 54.30 -3.20 -4.64
C VAL F 84 54.63 -4.09 -3.43
N ALA F 85 55.94 -4.22 -3.17
CA ALA F 85 56.49 -4.92 -2.01
C ALA F 85 55.81 -4.56 -0.70
N THR F 86 55.43 -5.58 0.07
CA THR F 86 54.97 -5.48 1.47
C THR F 86 55.46 -6.75 2.21
N PRO F 87 55.88 -6.58 3.47
CA PRO F 87 56.21 -7.71 4.35
C PRO F 87 55.06 -8.64 4.77
N MET F 88 55.39 -9.90 5.06
CA MET F 88 54.45 -10.93 5.55
C MET F 88 54.86 -11.11 7.01
N ASP F 89 54.14 -11.98 7.73
CA ASP F 89 54.40 -12.25 9.14
C ASP F 89 54.94 -13.70 9.10
N PHE F 90 56.21 -13.76 8.68
CA PHE F 90 56.97 -14.99 8.33
C PHE F 90 57.66 -15.67 9.52
N GLU F 91 58.30 -14.87 10.37
CA GLU F 91 58.88 -15.41 11.61
C GLU F 91 57.70 -15.77 12.53
N SER F 92 56.60 -15.03 12.41
CA SER F 92 55.40 -15.21 13.22
C SER F 92 55.62 -14.98 14.71
N LYS F 93 56.66 -14.23 15.10
CA LYS F 93 56.99 -14.00 16.52
C LYS F 93 56.68 -12.59 16.99
N ASP F 94 56.56 -11.61 16.08
CA ASP F 94 56.46 -10.18 16.43
C ASP F 94 56.06 -9.25 15.26
N PRO F 95 54.74 -9.04 15.06
CA PRO F 95 54.20 -8.34 13.88
C PRO F 95 54.37 -6.84 13.88
N GLU F 96 54.51 -6.24 15.05
CA GLU F 96 54.78 -4.82 15.17
C GLU F 96 56.12 -4.58 14.48
N ASN F 97 57.17 -5.30 14.90
CA ASN F 97 58.50 -5.15 14.31
C ASN F 97 58.63 -5.80 12.95
N GLU F 98 57.96 -6.91 12.69
CA GLU F 98 58.16 -7.55 11.40
C GLU F 98 57.39 -6.88 10.27
N VAL F 99 56.15 -6.47 10.57
CA VAL F 99 55.22 -5.94 9.56
C VAL F 99 54.94 -4.45 9.74
N ILE F 100 54.52 -4.05 10.94
CA ILE F 100 53.91 -2.73 11.05
C ILE F 100 54.99 -1.67 10.87
N LYS F 101 56.14 -1.88 11.52
CA LYS F 101 57.24 -0.91 11.46
C LYS F 101 57.77 -0.72 10.01
N PRO F 102 58.35 -1.77 9.39
CA PRO F 102 58.82 -1.65 7.99
C PRO F 102 57.81 -1.31 6.87
N THR F 103 56.57 -1.77 6.88
CA THR F 103 55.68 -1.28 5.83
C THR F 103 55.63 0.24 5.93
N ILE F 104 55.47 0.76 7.16
CA ILE F 104 55.31 2.18 7.41
C ILE F 104 56.60 2.88 7.02
N GLU F 105 57.68 2.52 7.72
CA GLU F 105 58.94 3.25 7.62
C GLU F 105 59.45 3.08 6.23
N GLY F 106 59.59 1.82 5.83
CA GLY F 106 59.92 1.55 4.44
C GLY F 106 59.23 2.50 3.49
N MET F 107 57.91 2.62 3.60
CA MET F 107 57.12 3.47 2.70
C MET F 107 57.67 4.88 2.66
N LEU F 108 57.82 5.43 3.86
CA LEU F 108 58.33 6.78 4.09
C LEU F 108 59.77 6.94 3.65
N GLY F 109 60.55 5.86 3.71
CA GLY F 109 61.92 5.86 3.20
C GLY F 109 61.91 6.03 1.69
N ILE F 110 61.07 5.24 1.03
CA ILE F 110 60.84 5.28 -0.42
C ILE F 110 60.38 6.67 -0.90
N MET F 111 59.48 7.32 -0.15
CA MET F 111 59.03 8.70 -0.45
C MET F 111 60.21 9.68 -0.31
N LYS F 112 60.85 9.67 0.85
CA LYS F 112 62.11 10.41 1.06
C LYS F 112 63.18 10.22 -0.02
N SER F 113 63.29 8.98 -0.53
CA SER F 113 64.13 8.63 -1.68
C SER F 113 63.64 9.03 -3.08
N CYS F 114 62.38 9.44 -3.21
CA CYS F 114 61.85 10.07 -4.44
C CYS F 114 62.15 11.56 -4.43
N ALA F 115 61.95 12.14 -3.24
CA ALA F 115 62.27 13.53 -2.96
C ALA F 115 63.66 13.92 -3.46
N ALA F 116 64.66 13.14 -3.01
CA ALA F 116 66.08 13.36 -3.32
C ALA F 116 66.61 12.66 -4.58
N ALA F 117 65.70 12.13 -5.41
CA ALA F 117 65.99 11.72 -6.77
C ALA F 117 65.91 12.96 -7.68
N LYS F 118 64.96 13.86 -7.40
CA LYS F 118 64.69 15.08 -8.21
C LYS F 118 64.19 14.81 -9.63
N THR F 119 63.89 13.56 -9.96
CA THR F 119 63.53 13.14 -11.31
C THR F 119 62.30 12.24 -11.27
N VAL F 120 61.74 11.97 -10.09
CA VAL F 120 60.50 11.20 -10.04
C VAL F 120 59.37 12.21 -10.11
N ARG F 121 58.43 11.97 -11.02
CA ARG F 121 57.24 12.82 -11.20
C ARG F 121 55.98 12.20 -10.62
N ARG F 122 56.01 10.94 -10.22
CA ARG F 122 54.84 10.32 -9.57
C ARG F 122 55.18 8.95 -8.99
N LEU F 123 54.90 8.78 -7.70
CA LEU F 123 54.94 7.47 -7.05
C LEU F 123 53.51 6.93 -6.96
N VAL F 124 53.35 5.64 -7.24
CA VAL F 124 52.07 4.93 -7.10
C VAL F 124 52.31 3.85 -6.04
N PHE F 125 51.53 3.86 -4.96
CA PHE F 125 51.57 2.80 -3.93
C PHE F 125 50.50 1.75 -4.26
N THR F 126 50.81 0.47 -4.03
CA THR F 126 49.73 -0.56 -4.08
C THR F 126 49.25 -0.65 -2.64
N SER F 127 48.02 -0.19 -2.39
CA SER F 127 47.51 -0.30 -1.03
C SER F 127 46.77 -1.65 -0.83
N SER F 128 45.90 -1.69 0.18
CA SER F 128 45.16 -2.91 0.52
C SER F 128 43.67 -2.65 0.82
N ALA F 129 42.82 -3.55 0.32
CA ALA F 129 41.36 -3.49 0.52
C ALA F 129 41.04 -3.41 1.99
N GLY F 130 41.93 -4.03 2.77
CA GLY F 130 41.78 -4.11 4.20
C GLY F 130 42.20 -2.80 4.81
N THR F 131 42.56 -1.79 4.01
CA THR F 131 42.66 -0.43 4.53
C THR F 131 41.30 0.28 4.46
N VAL F 132 40.28 -0.30 3.84
CA VAL F 132 39.01 0.43 3.69
C VAL F 132 37.91 -0.16 4.51
N ASN F 133 37.75 -1.47 4.54
CA ASN F 133 36.51 -2.10 5.02
C ASN F 133 36.61 -3.06 6.20
N ILE F 134 37.54 -2.84 7.12
CA ILE F 134 37.71 -3.76 8.25
C ILE F 134 37.08 -2.90 9.32
N GLN F 135 35.81 -3.20 9.60
CA GLN F 135 35.10 -2.49 10.66
C GLN F 135 33.93 -3.36 11.14
N GLU F 136 33.60 -3.32 12.44
CA GLU F 136 32.65 -4.30 13.01
C GLU F 136 31.41 -4.60 12.19
N HIS F 137 30.82 -3.56 11.61
CA HIS F 137 29.78 -3.80 10.63
C HIS F 137 30.18 -3.30 9.23
N GLN F 138 29.86 -4.05 8.17
CA GLN F 138 30.06 -3.60 6.78
C GLN F 138 29.02 -2.60 6.20
N LEU F 139 29.48 -1.65 5.39
CA LEU F 139 28.64 -0.81 4.53
C LEU F 139 28.33 -1.61 3.26
N PRO F 140 27.17 -1.37 2.61
CA PRO F 140 26.91 -2.13 1.39
C PRO F 140 27.97 -1.84 0.33
N VAL F 141 28.23 -0.53 0.17
CA VAL F 141 29.18 -0.02 -0.81
C VAL F 141 30.26 0.81 -0.11
N TYR F 142 31.48 0.63 -0.61
CA TYR F 142 32.71 1.23 -0.08
C TYR F 142 33.45 1.92 -1.21
N ASP F 143 33.90 3.17 -0.99
CA ASP F 143 34.62 3.96 -2.00
C ASP F 143 35.89 4.56 -1.37
N GLU F 144 36.63 5.32 -2.17
CA GLU F 144 37.92 5.93 -1.79
C GLU F 144 37.99 6.78 -0.51
N SER F 145 36.84 7.06 0.12
CA SER F 145 36.76 7.82 1.38
C SER F 145 36.67 6.96 2.65
N CYS F 146 36.63 5.64 2.53
CA CYS F 146 36.52 4.78 3.72
C CYS F 146 37.89 4.22 4.15
N TRP F 147 38.32 4.57 5.37
CA TRP F 147 39.52 4.06 6.01
C TRP F 147 39.10 3.10 7.11
N SER F 148 39.75 1.92 7.16
CA SER F 148 39.53 0.97 8.22
C SER F 148 39.73 1.57 9.61
N ASP F 149 39.15 0.89 10.58
CA ASP F 149 39.04 1.38 11.94
C ASP F 149 40.14 0.69 12.74
N MET F 150 41.23 1.40 12.97
CA MET F 150 42.30 0.85 13.79
C MET F 150 41.88 0.42 15.19
N GLU F 151 40.99 1.18 15.82
CA GLU F 151 40.58 0.94 17.19
C GLU F 151 39.85 -0.40 17.32
N PHE F 152 39.01 -0.70 16.34
CA PHE F 152 38.36 -2.02 16.26
C PHE F 152 39.36 -3.17 16.17
N CYS F 153 40.33 -3.05 15.27
CA CYS F 153 41.46 -3.97 15.06
C CYS F 153 42.38 -4.17 16.26
N ARG F 154 43.00 -3.09 16.73
CA ARG F 154 43.76 -3.21 17.97
C ARG F 154 42.95 -3.81 19.10
N ALA F 155 41.65 -3.52 19.15
CA ALA F 155 40.71 -4.17 20.08
C ALA F 155 40.69 -5.68 19.84
N LYS F 156 40.48 -6.06 18.58
CA LYS F 156 40.07 -7.41 18.24
C LYS F 156 41.22 -8.39 18.16
N LYS F 157 42.27 -8.02 17.43
CA LYS F 157 43.44 -8.90 17.17
C LYS F 157 43.06 -10.22 16.46
N MET F 158 42.17 -10.09 15.49
CA MET F 158 41.61 -11.15 14.68
C MET F 158 42.64 -11.71 13.69
N THR F 159 42.55 -12.96 13.22
CA THR F 159 43.38 -13.37 12.08
C THR F 159 43.53 -12.23 11.04
N ALA F 160 44.76 -11.97 10.58
CA ALA F 160 45.08 -11.02 9.50
C ALA F 160 45.26 -9.57 9.95
N TRP F 161 45.27 -9.34 11.25
CA TRP F 161 45.26 -7.98 11.81
C TRP F 161 46.45 -7.13 11.41
N MET F 162 47.65 -7.64 11.68
CA MET F 162 48.87 -6.90 11.41
C MET F 162 48.75 -6.39 9.99
N TYR F 163 48.36 -7.28 9.08
CA TYR F 163 48.27 -6.88 7.67
C TYR F 163 47.34 -5.67 7.38
N PHE F 164 46.25 -5.51 8.13
CA PHE F 164 45.33 -4.41 7.87
C PHE F 164 45.82 -3.06 8.38
N VAL F 165 46.62 -3.11 9.46
CA VAL F 165 47.04 -1.93 10.22
C VAL F 165 48.27 -1.31 9.60
N SER F 166 49.19 -2.19 9.23
CA SER F 166 50.45 -1.83 8.64
C SER F 166 50.24 -1.24 7.26
N LYS F 167 49.30 -1.78 6.47
CA LYS F 167 48.89 -1.11 5.20
C LYS F 167 48.26 0.27 5.48
N THR F 168 47.13 0.24 6.20
CA THR F 168 46.45 1.44 6.67
C THR F 168 47.39 2.51 7.16
N LEU F 169 48.09 2.23 8.27
CA LEU F 169 49.00 3.25 8.89
C LEU F 169 49.99 3.84 7.88
N ALA F 170 50.53 2.98 7.03
CA ALA F 170 51.47 3.34 5.97
C ALA F 170 50.85 4.21 4.89
N GLU F 171 49.65 3.84 4.45
CA GLU F 171 48.89 4.71 3.56
C GLU F 171 48.64 6.06 4.28
N GLN F 172 48.18 6.04 5.54
CA GLN F 172 47.93 7.28 6.30
C GLN F 172 49.09 8.28 6.55
N ALA F 173 50.25 7.75 6.97
CA ALA F 173 51.52 8.47 7.15
C ALA F 173 52.11 8.98 5.83
N ALA F 174 51.75 8.27 4.77
CA ALA F 174 52.19 8.60 3.42
C ALA F 174 51.44 9.84 3.00
N TRP F 175 50.11 9.82 3.09
CA TRP F 175 49.32 10.99 2.68
C TRP F 175 49.73 12.18 3.54
N LYS F 176 49.82 11.97 4.85
CA LYS F 176 50.28 13.03 5.71
C LYS F 176 51.56 13.61 5.11
N TYR F 177 52.52 12.73 4.81
CA TYR F 177 53.83 13.16 4.33
C TYR F 177 53.74 13.82 2.96
N ALA F 178 53.04 13.17 2.02
CA ALA F 178 52.91 13.65 0.64
C ALA F 178 52.46 15.11 0.62
N LYS F 179 51.25 15.31 1.14
CA LYS F 179 50.62 16.61 1.30
C LYS F 179 51.60 17.65 1.90
N GLU F 180 52.25 17.32 3.02
CA GLU F 180 53.18 18.24 3.71
C GLU F 180 54.37 18.75 2.89
N ASN F 181 54.81 17.96 1.90
CA ASN F 181 55.89 18.32 0.97
C ASN F 181 55.41 18.35 -0.48
N ASN F 182 54.10 18.36 -0.68
CA ASN F 182 53.48 18.34 -2.02
C ASN F 182 54.09 17.36 -3.04
N ILE F 183 54.43 16.16 -2.57
CA ILE F 183 54.92 15.06 -3.41
C ILE F 183 53.70 14.58 -4.20
N ASP F 184 53.90 14.29 -5.48
CA ASP F 184 52.81 13.77 -6.27
C ASP F 184 52.75 12.31 -5.87
N PHE F 185 51.55 11.84 -5.56
CA PHE F 185 51.36 10.52 -4.99
C PHE F 185 50.08 9.98 -5.57
N ILE F 186 50.02 8.66 -5.69
CA ILE F 186 48.79 7.93 -5.93
C ILE F 186 48.83 6.61 -5.13
N THR F 187 47.66 6.15 -4.68
CA THR F 187 47.55 4.80 -4.16
C THR F 187 46.46 4.10 -5.02
N ILE F 188 46.61 2.81 -5.26
CA ILE F 188 45.52 1.98 -5.79
C ILE F 188 45.22 0.99 -4.70
N ILE F 189 43.94 0.77 -4.44
CA ILE F 189 43.55 -0.31 -3.58
C ILE F 189 43.01 -1.45 -4.44
N PRO F 190 43.81 -2.53 -4.60
CA PRO F 190 43.20 -3.71 -5.18
C PRO F 190 42.23 -4.33 -4.20
N THR F 191 41.42 -5.23 -4.72
CA THR F 191 40.75 -6.23 -3.89
C THR F 191 41.42 -7.62 -4.07
N LEU F 192 40.75 -8.74 -3.79
CA LEU F 192 41.43 -10.03 -3.85
C LEU F 192 41.79 -10.35 -5.30
N VAL F 193 43.05 -10.11 -5.66
CA VAL F 193 43.52 -10.09 -7.07
C VAL F 193 43.75 -11.49 -7.65
N VAL F 194 43.02 -11.85 -8.70
CA VAL F 194 42.95 -13.22 -9.29
C VAL F 194 43.24 -13.13 -10.80
N GLY F 195 43.73 -14.19 -11.44
CA GLY F 195 44.19 -14.10 -12.85
C GLY F 195 45.08 -15.25 -13.29
N PRO F 196 45.97 -15.09 -14.26
CA PRO F 196 46.97 -16.12 -14.49
C PRO F 196 48.29 -15.59 -13.94
N PHE F 197 49.38 -16.34 -14.02
CA PHE F 197 50.65 -15.82 -13.52
C PHE F 197 51.88 -16.38 -14.23
N ILE F 198 53.00 -15.65 -14.13
CA ILE F 198 54.27 -16.04 -14.75
C ILE F 198 55.29 -16.51 -13.72
N MET F 199 55.10 -16.09 -12.47
CA MET F 199 55.83 -16.69 -11.34
C MET F 199 55.64 -18.22 -11.25
N SER F 200 56.44 -18.89 -10.43
CA SER F 200 56.59 -20.34 -10.59
C SER F 200 56.04 -21.22 -9.46
N SER F 201 55.71 -20.57 -8.36
CA SER F 201 55.01 -21.09 -7.18
C SER F 201 53.69 -20.35 -6.96
N MET F 202 52.89 -20.89 -6.03
CA MET F 202 51.49 -20.46 -5.81
C MET F 202 51.43 -19.03 -5.25
N PRO F 203 50.65 -18.12 -5.90
CA PRO F 203 50.50 -16.80 -5.28
C PRO F 203 49.65 -16.91 -4.02
N PRO F 204 49.93 -16.08 -3.01
CA PRO F 204 49.23 -16.11 -1.74
C PRO F 204 47.72 -15.82 -1.81
N SER F 205 47.34 -14.83 -2.64
CA SER F 205 45.91 -14.46 -2.82
C SER F 205 45.21 -15.46 -3.71
N LEU F 206 46.04 -16.17 -4.46
CA LEU F 206 45.55 -17.41 -5.04
C LEU F 206 45.30 -18.55 -4.03
N ILE F 207 45.95 -18.61 -2.86
CA ILE F 207 45.61 -19.64 -1.84
C ILE F 207 44.21 -19.35 -1.33
N THR F 208 43.96 -18.07 -1.03
CA THR F 208 42.62 -17.52 -0.76
C THR F 208 41.56 -17.77 -1.87
N ALA F 209 41.65 -17.10 -3.03
CA ALA F 209 40.51 -17.18 -3.99
C ALA F 209 40.14 -18.61 -4.45
N LEU F 210 41.09 -19.53 -4.28
CA LEU F 210 40.95 -20.95 -4.59
C LEU F 210 40.58 -21.81 -3.37
N SER F 211 40.24 -21.17 -2.25
CA SER F 211 39.74 -21.89 -1.06
C SER F 211 38.51 -22.79 -1.30
N PRO F 212 37.50 -22.37 -2.08
CA PRO F 212 36.32 -23.21 -2.24
C PRO F 212 36.50 -24.50 -3.10
N ILE F 213 37.68 -24.63 -3.71
CA ILE F 213 38.13 -25.79 -4.47
C ILE F 213 38.84 -26.64 -3.45
N THR F 214 39.86 -26.07 -2.80
CA THR F 214 40.75 -26.78 -1.85
C THR F 214 40.15 -27.06 -0.44
N GLY F 215 39.29 -26.19 0.07
CA GLY F 215 38.62 -26.47 1.36
C GLY F 215 39.58 -26.24 2.50
N ASN F 216 40.39 -25.22 2.24
CA ASN F 216 41.30 -24.53 3.13
C ASN F 216 40.49 -23.40 3.82
N GLU F 217 39.79 -23.74 4.90
CA GLU F 217 38.66 -22.91 5.34
C GLU F 217 38.99 -21.53 6.00
N ALA F 218 40.20 -21.36 6.56
CA ALA F 218 40.65 -20.03 7.10
C ALA F 218 40.50 -18.91 6.07
N HIS F 219 40.55 -19.26 4.79
CA HIS F 219 40.52 -18.27 3.76
C HIS F 219 39.07 -17.86 3.38
N TYR F 220 38.05 -18.41 4.05
CA TYR F 220 36.63 -18.11 3.82
C TYR F 220 36.09 -16.81 4.42
N SER F 221 36.71 -16.30 5.47
CA SER F 221 36.38 -14.96 5.94
C SER F 221 36.52 -13.94 4.82
N ILE F 222 37.71 -13.89 4.24
CA ILE F 222 38.07 -12.85 3.30
C ILE F 222 37.21 -12.86 2.00
N ILE F 223 36.59 -13.97 1.64
CA ILE F 223 35.84 -14.14 0.36
C ILE F 223 34.34 -14.50 0.55
N ARG F 224 33.86 -14.34 1.77
CA ARG F 224 32.48 -14.64 2.14
C ARG F 224 31.58 -13.59 1.50
N GLN F 225 31.99 -12.34 1.70
CA GLN F 225 31.47 -11.16 1.01
C GLN F 225 32.74 -10.60 0.36
N GLY F 226 33.11 -11.24 -0.74
CA GLY F 226 34.39 -11.03 -1.41
C GLY F 226 34.31 -9.99 -2.53
N GLN F 227 35.49 -9.42 -2.85
CA GLN F 227 35.69 -8.58 -4.03
C GLN F 227 36.97 -8.97 -4.82
N PHE F 228 36.86 -8.97 -6.16
CA PHE F 228 37.91 -9.48 -7.03
C PHE F 228 38.24 -8.59 -8.20
N VAL F 229 39.52 -8.58 -8.59
CA VAL F 229 39.94 -7.88 -9.80
C VAL F 229 40.98 -8.68 -10.56
N HIS F 230 40.85 -8.73 -11.88
CA HIS F 230 41.79 -9.48 -12.68
C HIS F 230 43.12 -8.75 -12.58
N LEU F 231 44.20 -9.55 -12.54
CA LEU F 231 45.58 -9.11 -12.33
C LEU F 231 45.93 -8.07 -13.39
N ASP F 232 45.61 -8.42 -14.64
CA ASP F 232 45.95 -7.64 -15.83
C ASP F 232 45.23 -6.29 -15.85
N ASP F 233 43.98 -6.31 -15.38
CA ASP F 233 43.27 -5.04 -15.17
C ASP F 233 43.92 -4.17 -14.13
N LEU F 234 44.22 -4.80 -12.99
CA LEU F 234 44.96 -4.11 -11.94
C LEU F 234 46.27 -3.53 -12.49
N CYS F 235 47.04 -4.34 -13.20
CA CYS F 235 48.33 -3.90 -13.68
C CYS F 235 48.21 -2.81 -14.70
N ASN F 236 47.31 -2.98 -15.66
CA ASN F 236 46.99 -1.85 -16.56
C ASN F 236 46.56 -0.59 -15.76
N ALA F 237 45.86 -0.76 -14.64
CA ALA F 237 45.41 0.39 -13.84
C ALA F 237 46.52 1.22 -13.20
N HIS F 238 47.51 0.54 -12.64
CA HIS F 238 48.79 1.10 -12.23
C HIS F 238 49.44 1.91 -13.37
N ILE F 239 49.47 1.33 -14.58
CA ILE F 239 50.05 1.96 -15.77
C ILE F 239 49.20 3.15 -16.19
N TYR F 240 47.88 2.97 -16.25
CA TYR F 240 46.93 4.08 -16.45
C TYR F 240 47.23 5.24 -15.50
N LEU F 241 47.14 4.96 -14.20
CA LEU F 241 47.27 5.99 -13.15
C LEU F 241 48.66 6.62 -12.98
N PHE F 242 49.70 6.00 -13.54
CA PHE F 242 50.98 6.68 -13.62
C PHE F 242 50.96 7.65 -14.81
N GLU F 243 50.48 7.14 -15.95
CA GLU F 243 50.37 7.88 -17.21
C GLU F 243 49.26 8.92 -17.36
N ASN F 244 48.31 9.03 -16.43
CA ASN F 244 47.15 9.95 -16.58
C ASN F 244 47.26 11.26 -15.79
N PRO F 245 47.58 12.37 -16.46
CA PRO F 245 47.79 13.59 -15.69
C PRO F 245 46.67 14.16 -14.81
N LYS F 246 45.42 13.69 -14.85
CA LYS F 246 44.42 14.23 -13.89
C LYS F 246 43.96 13.20 -12.83
N ALA F 247 44.82 12.22 -12.60
CA ALA F 247 44.66 11.33 -11.47
C ALA F 247 45.12 12.09 -10.23
N GLU F 248 44.46 11.80 -9.11
CA GLU F 248 44.86 12.34 -7.81
C GLU F 248 44.31 11.44 -6.70
N GLY F 249 44.83 11.60 -5.49
CA GLY F 249 44.38 10.83 -4.32
C GLY F 249 44.35 9.31 -4.43
N ARG F 250 43.32 8.69 -3.87
CA ARG F 250 43.14 7.24 -3.84
C ARG F 250 42.39 6.69 -5.08
N TYR F 251 42.51 5.38 -5.34
CA TYR F 251 41.69 4.75 -6.37
C TYR F 251 41.36 3.33 -6.00
N ILE F 252 40.08 2.98 -5.99
CA ILE F 252 39.69 1.59 -5.77
C ILE F 252 39.86 0.78 -7.06
N CYS F 253 40.01 -0.54 -6.94
CA CYS F 253 40.17 -1.45 -8.07
C CYS F 253 39.68 -2.84 -7.64
N SER F 254 38.35 -2.96 -7.75
CA SER F 254 37.58 -4.20 -7.65
C SER F 254 36.65 -4.10 -8.85
N SER F 255 36.59 -5.15 -9.66
CA SER F 255 35.70 -5.14 -10.82
C SER F 255 34.50 -6.08 -10.63
N HIS F 256 34.36 -6.70 -9.47
CA HIS F 256 33.31 -7.69 -9.20
C HIS F 256 33.06 -7.79 -7.69
N ASP F 257 31.80 -8.02 -7.34
CA ASP F 257 31.43 -8.24 -5.95
C ASP F 257 30.33 -9.29 -5.74
N CYS F 258 30.64 -10.39 -5.04
CA CYS F 258 29.65 -11.39 -4.61
C CYS F 258 30.02 -12.20 -3.40
N ILE F 259 29.03 -12.91 -2.84
CA ILE F 259 29.22 -13.80 -1.68
C ILE F 259 29.70 -15.21 -2.07
N ILE F 260 30.28 -15.92 -1.11
CA ILE F 260 30.95 -17.21 -1.39
C ILE F 260 30.07 -18.26 -2.11
N LEU F 261 28.75 -18.25 -1.84
CA LEU F 261 27.78 -19.15 -2.48
C LEU F 261 27.82 -19.05 -4.01
N ASP F 262 27.95 -17.82 -4.51
CA ASP F 262 27.94 -17.50 -5.96
C ASP F 262 29.21 -17.85 -6.73
N LEU F 263 30.33 -17.47 -6.12
CA LEU F 263 31.63 -17.95 -6.55
C LEU F 263 31.49 -19.47 -6.63
N ALA F 264 31.16 -20.08 -5.49
CA ALA F 264 31.10 -21.53 -5.37
C ALA F 264 30.28 -22.09 -6.50
N LYS F 265 29.06 -21.59 -6.65
CA LYS F 265 28.16 -21.98 -7.74
C LYS F 265 28.87 -21.80 -9.10
N MET F 266 29.31 -20.58 -9.35
CA MET F 266 30.04 -20.22 -10.57
C MET F 266 31.20 -21.19 -10.86
N LEU F 267 31.93 -21.62 -9.84
CA LEU F 267 33.05 -22.53 -10.03
C LEU F 267 32.57 -23.97 -10.18
N ARG F 268 31.48 -24.31 -9.47
CA ARG F 268 30.83 -25.64 -9.54
C ARG F 268 30.33 -26.05 -10.96
N GLU F 269 29.74 -25.08 -11.66
CA GLU F 269 29.30 -25.25 -13.05
C GLU F 269 30.50 -25.40 -14.00
N LYS F 270 31.49 -24.53 -13.81
CA LYS F 270 32.74 -24.57 -14.54
C LYS F 270 33.42 -25.94 -14.38
N TYR F 271 33.83 -26.26 -13.14
CA TYR F 271 34.72 -27.40 -12.87
C TYR F 271 34.04 -28.54 -12.12
N PRO F 272 33.23 -29.36 -12.83
CA PRO F 272 32.50 -30.46 -12.17
C PRO F 272 33.39 -31.51 -11.48
N GLU F 273 34.64 -31.62 -11.93
CA GLU F 273 35.58 -32.59 -11.37
C GLU F 273 36.12 -32.28 -9.96
N TYR F 274 35.86 -31.09 -9.41
CA TYR F 274 36.22 -30.75 -8.02
C TYR F 274 34.96 -30.62 -7.16
N ASN F 275 34.88 -31.39 -6.08
CA ASN F 275 33.75 -31.26 -5.15
C ASN F 275 33.76 -29.90 -4.41
N ILE F 276 33.25 -28.84 -5.06
CA ILE F 276 33.15 -27.53 -4.39
C ILE F 276 31.86 -27.58 -3.59
N PRO F 277 31.87 -27.36 -2.25
CA PRO F 277 30.63 -27.54 -1.48
C PRO F 277 29.45 -26.63 -1.87
N THR F 278 28.22 -27.15 -1.89
CA THR F 278 27.00 -26.41 -2.33
C THR F 278 26.43 -25.48 -1.23
N GLU F 279 26.67 -25.82 0.04
CA GLU F 279 26.45 -24.86 1.13
C GLU F 279 27.76 -24.61 1.91
N PHE F 280 27.77 -23.47 2.63
CA PHE F 280 28.88 -23.02 3.49
C PHE F 280 28.32 -22.57 4.81
N LYS F 281 29.03 -22.87 5.89
CA LYS F 281 28.52 -22.52 7.21
C LYS F 281 28.32 -21.01 7.33
N GLY F 282 27.36 -20.60 8.16
CA GLY F 282 27.10 -19.18 8.36
C GLY F 282 26.92 -18.25 7.16
N VAL F 283 26.56 -18.82 5.99
CA VAL F 283 26.17 -18.02 4.81
C VAL F 283 24.74 -18.31 4.31
N ASP F 284 23.85 -17.38 4.62
CA ASP F 284 22.45 -17.48 4.19
C ASP F 284 22.55 -16.82 2.80
N GLU F 285 21.68 -17.19 1.86
CA GLU F 285 21.67 -16.53 0.54
C GLU F 285 20.88 -15.19 0.54
N ASN F 286 20.39 -14.77 1.71
CA ASN F 286 19.88 -13.42 1.96
C ASN F 286 20.99 -12.50 2.53
N LEU F 287 22.25 -12.97 2.48
CA LEU F 287 23.46 -12.19 2.79
C LEU F 287 23.85 -11.34 1.57
N LYS F 288 23.81 -10.03 1.73
CA LYS F 288 24.07 -9.11 0.63
C LYS F 288 25.58 -8.91 0.48
N SER F 289 25.97 -8.73 -0.78
CA SER F 289 27.33 -8.47 -1.26
C SER F 289 27.89 -7.08 -0.87
N VAL F 290 29.16 -7.02 -0.46
CA VAL F 290 29.77 -5.73 -0.15
C VAL F 290 30.49 -5.25 -1.39
N CYS F 291 29.96 -4.18 -1.99
CA CYS F 291 30.55 -3.69 -3.21
C CYS F 291 31.65 -2.73 -2.81
N PHE F 292 32.78 -2.81 -3.52
CA PHE F 292 33.80 -1.75 -3.58
C PHE F 292 33.53 -1.01 -4.88
N SER F 293 33.35 0.30 -4.82
CA SER F 293 33.00 1.07 -6.01
C SER F 293 34.24 1.53 -6.78
N SER F 294 34.52 0.90 -7.91
CA SER F 294 35.55 1.43 -8.80
C SER F 294 35.16 2.68 -9.64
N LYS F 295 34.10 3.40 -9.25
CA LYS F 295 33.49 4.44 -10.09
C LYS F 295 34.48 5.55 -10.39
N LYS F 296 35.24 6.02 -9.40
CA LYS F 296 36.31 7.01 -9.67
C LYS F 296 37.28 6.61 -10.82
N LEU F 297 37.57 5.33 -10.96
CA LEU F 297 38.46 4.83 -12.00
C LEU F 297 37.82 4.89 -13.39
N THR F 298 36.60 4.32 -13.46
CA THR F 298 35.77 4.27 -14.67
C THR F 298 35.57 5.69 -15.25
N ASP F 299 35.30 6.66 -14.38
CA ASP F 299 34.95 8.03 -14.78
C ASP F 299 36.10 8.76 -15.49
N LEU F 300 37.33 8.32 -15.27
CA LEU F 300 38.48 8.83 -16.05
C LEU F 300 38.50 8.30 -17.49
N GLY F 301 37.94 7.13 -17.73
CA GLY F 301 38.04 6.44 -19.02
C GLY F 301 38.48 4.97 -18.94
N PHE F 302 39.14 4.61 -17.84
CA PHE F 302 39.60 3.25 -17.58
C PHE F 302 38.49 2.21 -17.70
N GLU F 303 38.64 1.25 -18.61
CA GLU F 303 37.67 0.19 -18.82
C GLU F 303 38.27 -1.16 -18.41
N PHE F 304 37.60 -1.85 -17.49
CA PHE F 304 37.87 -3.25 -17.15
C PHE F 304 37.56 -4.17 -18.32
N LYS F 305 38.59 -4.81 -18.86
CA LYS F 305 38.36 -5.70 -19.99
C LYS F 305 37.93 -7.11 -19.56
N TYR F 306 37.98 -7.47 -18.28
CA TYR F 306 37.81 -8.86 -17.84
C TYR F 306 36.66 -9.19 -16.87
N SER F 307 36.22 -10.45 -16.88
CA SER F 307 35.15 -10.95 -16.02
C SER F 307 35.59 -11.91 -14.88
N LEU F 308 34.70 -12.12 -13.91
CA LEU F 308 34.95 -13.07 -12.81
C LEU F 308 35.46 -14.41 -13.34
N GLU F 309 34.83 -14.91 -14.40
CA GLU F 309 35.06 -16.28 -14.90
C GLU F 309 36.43 -16.34 -15.55
N ASP F 310 36.78 -15.29 -16.28
CA ASP F 310 38.11 -15.16 -16.88
C ASP F 310 39.20 -15.32 -15.83
N MET F 311 39.17 -14.45 -14.82
CA MET F 311 40.19 -14.51 -13.77
C MET F 311 40.21 -15.92 -13.22
N PHE F 312 39.05 -16.45 -12.83
CA PHE F 312 39.04 -17.79 -12.26
C PHE F 312 39.42 -18.92 -13.25
N THR F 313 39.23 -18.74 -14.57
CA THR F 313 39.75 -19.76 -15.50
C THR F 313 41.25 -19.65 -15.71
N GLY F 314 41.78 -18.43 -15.80
CA GLY F 314 43.24 -18.24 -15.86
C GLY F 314 44.02 -18.67 -14.62
N ALA F 315 43.47 -18.41 -13.43
CA ALA F 315 44.05 -18.85 -12.16
C ALA F 315 44.18 -20.38 -12.12
N VAL F 316 43.07 -21.08 -12.38
CA VAL F 316 43.08 -22.54 -12.51
C VAL F 316 44.01 -23.09 -13.62
N ASP F 317 43.95 -22.56 -14.83
CA ASP F 317 44.82 -23.09 -15.89
C ASP F 317 46.29 -22.95 -15.44
N THR F 318 46.73 -21.75 -15.08
CA THR F 318 48.10 -21.57 -14.61
C THR F 318 48.46 -22.50 -13.42
N CYS F 319 47.50 -22.81 -12.57
CA CYS F 319 47.74 -23.72 -11.44
C CYS F 319 47.69 -25.21 -11.80
N ARG F 320 46.86 -25.57 -12.77
CA ARG F 320 46.96 -26.89 -13.38
C ARG F 320 48.26 -27.03 -14.19
N ALA F 321 48.60 -26.05 -15.03
CA ALA F 321 49.80 -26.06 -15.87
C ALA F 321 51.03 -26.39 -15.05
N LYS F 322 51.36 -25.49 -14.13
CA LYS F 322 52.47 -25.61 -13.18
C LYS F 322 52.23 -26.69 -12.08
N GLY F 323 51.25 -27.57 -12.25
CA GLY F 323 50.99 -28.67 -11.32
C GLY F 323 50.77 -28.39 -9.83
N LEU F 324 50.22 -27.23 -9.48
CA LEU F 324 49.96 -26.80 -8.10
C LEU F 324 48.54 -27.04 -7.59
N LEU F 325 47.64 -27.37 -8.52
CA LEU F 325 46.24 -27.71 -8.22
C LEU F 325 46.02 -29.02 -8.92
N PRO F 326 45.38 -30.01 -8.27
CA PRO F 326 45.17 -31.28 -8.96
C PRO F 326 44.30 -31.10 -10.21
N PRO F 327 44.45 -32.00 -11.21
CA PRO F 327 43.50 -31.91 -12.32
C PRO F 327 42.05 -32.14 -11.91
N SER F 328 41.78 -33.00 -10.93
CA SER F 328 40.42 -33.23 -10.42
C SER F 328 40.38 -33.76 -8.98
N HIS F 329 39.18 -34.11 -8.53
CA HIS F 329 38.99 -34.81 -7.25
C HIS F 329 38.30 -36.11 -7.67
PA NAP G . -37.82 22.55 -30.05
O1A NAP G . -37.58 21.77 -28.83
O2A NAP G . -38.13 21.70 -31.20
O5B NAP G . -36.70 23.66 -30.38
C5B NAP G . -36.15 24.47 -29.37
C4B NAP G . -34.67 24.70 -29.70
O4B NAP G . -34.11 25.45 -28.65
C3B NAP G . -33.86 23.40 -29.74
O3B NAP G . -33.69 22.81 -31.01
C2B NAP G . -32.54 23.80 -29.12
O2B NAP G . -31.50 23.68 -30.08
C1B NAP G . -32.71 25.20 -28.52
N9A NAP G . -32.37 25.38 -27.08
C8A NAP G . -32.77 24.58 -26.01
N7A NAP G . -32.31 25.06 -24.83
C5A NAP G . -31.61 26.19 -25.13
C6A NAP G . -30.91 27.05 -24.27
N6A NAP G . -30.88 26.82 -22.94
N1A NAP G . -30.26 28.14 -24.86
C2A NAP G . -30.32 28.30 -26.24
N3A NAP G . -31.02 27.43 -27.09
C4A NAP G . -31.64 26.39 -26.52
O3 NAP G . -39.14 23.46 -29.99
PN NAP G . -40.08 24.02 -31.19
O1N NAP G . -41.21 23.08 -31.16
O2N NAP G . -39.28 24.25 -32.44
O5D NAP G . -40.43 25.42 -30.52
C5D NAP G . -39.58 26.50 -30.79
C4D NAP G . -40.05 27.81 -30.14
O4D NAP G . -41.40 28.05 -30.42
C3D NAP G . -39.89 27.83 -28.62
O3D NAP G . -39.65 29.19 -28.27
C2D NAP G . -41.24 27.24 -28.18
O2D NAP G . -41.70 27.44 -26.84
C1D NAP G . -42.12 28.00 -29.20
N1N NAP G . -43.50 27.45 -29.38
C2N NAP G . -43.63 26.15 -29.75
C3N NAP G . -44.86 25.56 -29.93
C7N NAP G . -44.88 24.32 -30.75
O7N NAP G . -46.16 23.82 -31.06
N7N NAP G . -43.75 23.75 -31.17
C4N NAP G . -45.99 26.34 -29.72
C5N NAP G . -45.87 27.68 -29.35
C6N NAP G . -44.61 28.24 -29.17
P2B NAP G . -30.08 23.04 -29.63
O1X NAP G . -30.20 21.86 -28.68
O2X NAP G . -29.30 22.51 -30.82
O3X NAP G . -29.42 24.24 -28.97
C1 QUE H . -40.71 19.14 -23.56
C2 QUE H . -41.91 19.10 -22.84
C3 QUE H . -42.87 20.23 -22.91
C4 QUE H . -42.49 21.40 -23.75
C5 QUE H . -41.28 21.33 -24.43
C6 QUE H . -40.39 20.25 -24.35
C9 QUE H . -44.17 20.33 -22.17
C10 QUE H . -45.00 21.55 -22.36
C11 QUE H . -44.55 22.63 -23.28
C14 QUE H . -45.32 23.92 -23.42
C15 QUE H . -46.66 24.21 -23.09
C16 QUE H . -47.20 25.50 -23.19
C17 QUE H . -46.38 26.56 -23.56
C18 QUE H . -44.97 26.32 -23.87
C19 QUE H . -44.51 25.01 -23.77
O12 QUE H . -43.30 22.49 -23.86
O13 QUE H . -44.62 19.42 -21.42
O23 QUE H . -44.15 27.33 -24.26
O24 QUE H . -46.76 27.86 -23.68
O27 QUE H . -46.18 21.56 -21.69
O29 QUE H . -39.22 20.30 -25.07
O30 QUE H . -42.17 18.03 -22.08
PA NAP I . 3.54 16.97 7.11
O1A NAP I . 2.34 16.10 7.24
O2A NAP I . 3.99 17.59 8.39
O5B NAP I . 3.43 17.96 5.86
C5B NAP I . 3.32 17.43 4.57
C4B NAP I . 2.46 18.37 3.72
O4B NAP I . 1.96 17.72 2.58
C3B NAP I . 1.24 18.79 4.50
O3B NAP I . 1.47 20.03 5.11
C2B NAP I . 0.18 18.96 3.48
O2B NAP I . 0.04 20.37 3.43
C1B NAP I . 0.84 18.43 2.24
N9A NAP I . 0.00 17.51 1.48
C8A NAP I . -0.81 16.43 1.76
N7A NAP I . -1.39 15.96 0.63
C5A NAP I . -0.94 16.76 -0.35
C6A NAP I . -1.15 16.82 -1.72
N6A NAP I . -1.96 15.93 -2.28
N1A NAP I . -0.55 17.78 -2.50
C2A NAP I . 0.29 18.74 -1.95
N3A NAP I . 0.53 18.71 -0.59
C4A NAP I . -0.08 17.74 0.14
O3 NAP I . 4.85 16.13 6.62
PN NAP I . 6.29 16.08 7.30
O1N NAP I . 5.96 15.39 8.55
O2N NAP I . 6.96 17.37 7.40
O5D NAP I . 6.78 15.32 6.01
C5D NAP I . 6.98 16.01 4.78
C4D NAP I . 7.96 15.32 3.83
O4D NAP I . 9.06 14.80 4.55
C3D NAP I . 7.36 14.15 3.10
O3D NAP I . 8.05 13.93 1.89
C2D NAP I . 7.74 13.00 4.02
O2D NAP I . 7.68 11.77 3.35
C1D NAP I . 9.16 13.43 4.32
N1N NAP I . 9.70 12.76 5.50
C2N NAP I . 9.23 13.05 6.74
C3N NAP I . 9.72 12.39 7.87
C7N NAP I . 9.38 12.83 9.26
O7N NAP I . 10.14 12.28 10.31
N7N NAP I . 8.41 13.72 9.47
C4N NAP I . 10.72 11.45 7.69
C5N NAP I . 11.18 11.19 6.41
C6N NAP I . 10.66 11.84 5.31
P2B NAP I . -1.32 21.11 2.96
O1X NAP I . -2.45 20.25 3.49
O2X NAP I . -1.23 22.45 3.61
O3X NAP I . -1.46 21.14 1.46
C1 QUE J . 5.72 9.84 9.71
C2 QUE J . 6.54 9.81 8.61
C3 QUE J . 7.69 8.90 8.55
C4 QUE J . 7.94 8.03 9.70
C5 QUE J . 7.05 8.13 10.77
C6 QUE J . 5.98 9.02 10.78
C9 QUE J . 8.59 8.82 7.40
C10 QUE J . 9.69 7.84 7.46
C11 QUE J . 9.87 7.02 8.66
C14 QUE J . 10.95 6.03 8.83
C15 QUE J . 11.89 6.16 9.85
C16 QUE J . 12.91 5.23 10.02
C17 QUE J . 13.04 4.12 9.20
C18 QUE J . 12.05 4.00 8.11
C19 QUE J . 11.05 4.94 7.98
O12 QUE J . 9.00 7.16 9.68
O13 QUE J . 8.37 9.57 6.43
O23 QUE J . 12.09 2.95 7.26
O24 QUE J . 14.02 3.19 9.35
O27 QUE J . 10.57 7.69 6.46
O29 QUE J . 5.16 9.09 11.85
O30 QUE J . 6.28 10.61 7.55
C1 QUE K . 0.34 10.34 8.66
C2 QUE K . 0.52 9.02 9.03
C3 QUE K . 1.73 8.30 8.54
C4 QUE K . 2.71 9.02 7.69
C5 QUE K . 2.41 10.35 7.40
C6 QUE K . 1.27 11.00 7.85
C9 QUE K . 2.15 6.90 8.80
C10 QUE K . 3.37 6.32 8.27
C11 QUE K . 4.26 7.17 7.43
C14 QUE K . 5.52 6.73 6.80
C15 QUE K . 6.31 5.78 7.43
C16 QUE K . 7.51 5.35 6.90
C17 QUE K . 7.95 5.88 5.70
C18 QUE K . 7.13 6.90 5.01
C19 QUE K . 5.95 7.30 5.61
O12 QUE K . 3.86 8.46 7.21
O13 QUE K . 1.49 6.13 9.48
O23 QUE K . 7.71 7.30 3.84
O24 QUE K . 9.10 5.54 5.07
O27 QUE K . 3.56 5.03 8.62
O29 QUE K . 1.13 12.31 7.49
O30 QUE K . -0.44 8.48 9.82
PA NAP L . -7.61 -3.74 23.79
O1A NAP L . -6.67 -3.32 22.75
O2A NAP L . -7.86 -2.70 24.81
O5B NAP L . -7.48 -5.21 24.31
C5B NAP L . -7.28 -6.20 23.37
C4B NAP L . -6.70 -7.24 24.33
O4B NAP L . -6.35 -8.36 23.56
C3B NAP L . -5.43 -6.70 24.99
O3B NAP L . -5.50 -6.36 26.34
C2B NAP L . -4.43 -7.78 24.90
O2B NAP L . -4.19 -8.08 26.26
C1B NAP L . -5.20 -8.86 24.15
N9A NAP L . -4.38 -9.49 23.12
C8A NAP L . -3.57 -8.94 22.17
N7A NAP L . -2.99 -9.92 21.44
C5A NAP L . -3.44 -11.08 21.93
C6A NAP L . -3.17 -12.38 21.55
N6A NAP L . -2.33 -12.52 20.54
N1A NAP L . -3.75 -13.46 22.21
C2A NAP L . -4.61 -13.14 23.25
N3A NAP L . -4.91 -11.84 23.68
C4A NAP L . -4.31 -10.84 22.99
O3 NAP L . -8.98 -3.92 23.00
PN NAP L . -10.40 -3.27 23.26
O1N NAP L . -10.58 -1.81 23.04
O2N NAP L . -10.71 -3.74 24.64
O5D NAP L . -11.05 -4.17 22.12
C5D NAP L . -11.40 -5.44 22.59
C4D NAP L . -12.27 -6.18 21.59
O4D NAP L . -13.38 -5.37 21.28
C3D NAP L . -11.54 -6.49 20.28
O3D NAP L . -11.85 -7.80 19.86
C2D NAP L . -12.10 -5.48 19.29
O2D NAP L . -12.05 -6.00 17.97
C1D NAP L . -13.48 -5.29 19.87
N1N NAP L . -14.04 -3.99 19.53
C2N NAP L . -13.64 -2.84 20.16
C3N NAP L . -14.21 -1.65 19.76
C7N NAP L . -13.89 -0.35 20.38
O7N NAP L . -14.75 0.72 20.24
N7N NAP L . -12.82 -0.14 21.08
C4N NAP L . -15.16 -1.62 18.76
C5N NAP L . -15.54 -2.80 18.16
C6N NAP L . -14.98 -3.99 18.55
P2B NAP L . -2.81 -8.80 26.78
O1X NAP L . -1.71 -7.86 26.27
O2X NAP L . -2.84 -8.90 28.29
O3X NAP L . -2.53 -10.10 26.06
C1 QUE M . -9.89 0.56 17.78
C2 QUE M . -10.71 -0.52 17.54
C3 QUE M . -11.91 -0.37 16.68
C4 QUE M . -12.15 0.94 16.11
C5 QUE M . -11.25 1.97 16.40
C6 QUE M . -10.14 1.81 17.22
C9 QUE M . -12.88 -1.43 16.32
C10 QUE M . -14.05 -1.13 15.43
C11 QUE M . -14.21 0.26 14.90
C14 QUE M . -15.31 0.71 13.98
C15 QUE M . -16.30 1.61 14.35
C16 QUE M . -17.34 2.02 13.52
C17 QUE M . -17.41 1.50 12.24
C18 QUE M . -16.39 0.54 11.81
C19 QUE M . -15.39 0.21 12.69
O12 QUE M . -13.23 1.14 15.29
O13 QUE M . -12.69 -2.56 16.78
O23 QUE M . -16.48 0.04 10.56
O24 QUE M . -18.39 1.82 11.35
O27 QUE M . -14.94 -2.12 15.13
O29 QUE M . -9.33 2.89 17.44
O30 QUE M . -10.41 -1.73 18.09
C1 QUE N . -4.44 -0.50 17.86
C2 QUE N . -4.71 0.20 16.66
C3 QUE N . -5.99 -0.11 15.92
C4 QUE N . -6.89 -1.11 16.49
C5 QUE N . -6.53 -1.74 17.66
C6 QUE N . -5.34 -1.44 18.34
C9 QUE N . -6.41 0.51 14.66
C10 QUE N . -7.71 0.13 14.02
C11 QUE N . -8.55 -0.88 14.70
C14 QUE N . -9.83 -1.44 14.16
C15 QUE N . -10.69 -0.97 13.17
C16 QUE N . -11.84 -1.71 12.80
C17 QUE N . -12.15 -2.96 13.35
C18 QUE N . -11.20 -3.43 14.36
C19 QUE N . -10.10 -2.69 14.70
O12 QUE N . -8.06 -1.41 15.86
O13 QUE N . -5.65 1.37 14.19
O23 QUE N . -11.44 -4.65 14.95
O24 QUE N . -13.17 -3.80 13.06
O27 QUE N . -8.13 0.72 12.84
O29 QUE N . -5.15 -2.15 19.49
O30 QUE N . -3.83 1.13 16.15
PA NAP O . -51.10 2.79 -14.24
O1A NAP O . -51.35 4.15 -14.77
O2A NAP O . -50.77 1.72 -15.22
O5B NAP O . -52.41 2.54 -13.35
C5B NAP O . -52.78 3.52 -12.40
C4B NAP O . -54.21 3.15 -12.09
O4B NAP O . -54.85 3.91 -11.07
C3B NAP O . -54.98 3.32 -13.38
O3B NAP O . -55.06 2.03 -13.97
C2B NAP O . -56.30 3.93 -12.95
O2B NAP O . -57.29 2.96 -13.08
C1B NAP O . -56.18 4.20 -11.45
N9A NAP O . -56.60 5.56 -11.07
C8A NAP O . -56.31 6.82 -11.57
N7A NAP O . -56.98 7.73 -10.81
C5A NAP O . -57.68 7.07 -9.84
C6A NAP O . -58.54 7.40 -8.77
N6A NAP O . -58.88 8.66 -8.45
N1A NAP O . -59.08 6.41 -7.97
C2A NAP O . -58.81 5.08 -8.18
N3A NAP O . -57.97 4.75 -9.21
C4A NAP O . -57.43 5.71 -10.00
O3 NAP O . -50.08 2.83 -13.01
PN NAP O . -48.85 1.85 -12.74
O1N NAP O . -47.80 2.34 -13.67
O2N NAP O . -49.16 0.38 -12.70
O5D NAP O . -48.71 2.34 -11.22
C5D NAP O . -49.39 1.71 -10.14
C4D NAP O . -48.85 2.08 -8.77
O4D NAP O . -47.44 2.00 -8.80
C3D NAP O . -49.10 3.53 -8.35
O3D NAP O . -49.33 3.55 -6.95
C2D NAP O . -47.82 4.31 -8.68
O2D NAP O . -47.69 5.41 -7.81
C1D NAP O . -46.81 3.22 -8.42
N1N NAP O . -45.48 3.19 -9.05
C2N NAP O . -45.28 3.02 -10.38
C3N NAP O . -43.96 2.97 -10.90
C7N NAP O . -43.69 2.36 -12.23
O7N NAP O . -42.38 2.29 -12.71
N7N NAP O . -44.68 1.88 -12.96
C4N NAP O . -42.85 3.08 -10.05
C5N NAP O . -43.07 3.21 -8.67
C6N NAP O . -44.39 3.26 -8.20
P2B NAP O . -58.68 3.31 -13.78
O1X NAP O . -58.32 4.09 -15.03
O2X NAP O . -59.37 1.98 -13.78
O3X NAP O . -59.42 4.12 -12.75
C1 QUE P . -44.12 6.87 -14.13
C2 QUE P . -44.18 6.53 -12.79
C3 QUE P . -42.98 6.62 -11.90
C4 QUE P . -41.71 7.08 -12.54
C5 QUE P . -41.75 7.39 -13.89
C6 QUE P . -42.91 7.29 -14.67
C9 QUE P . -42.96 6.28 -10.44
C10 QUE P . -41.66 6.42 -9.72
C11 QUE P . -40.47 6.90 -10.47
C14 QUE P . -39.15 7.05 -9.83
C15 QUE P . -38.31 5.96 -10.06
C16 QUE P . -37.02 5.92 -9.55
C17 QUE P . -36.57 6.99 -8.80
C18 QUE P . -37.43 8.17 -8.54
C19 QUE P . -38.73 8.14 -9.08
O12 QUE P . -40.54 7.21 -11.81
O13 QUE P . -43.99 5.91 -9.83
O23 QUE P . -36.97 9.23 -7.82
O24 QUE P . -35.32 6.96 -8.29
O27 QUE P . -41.52 6.15 -8.39
O29 QUE P . -42.83 7.61 -15.99
O30 QUE P . -45.39 6.13 -12.30
C1 QUE Q . -48.63 9.77 -16.02
C2 QUE Q . -47.44 10.51 -16.12
C3 QUE Q . -46.45 10.48 -14.98
C4 QUE Q . -46.81 9.63 -13.79
C5 QUE Q . -48.03 8.92 -13.80
C6 QUE Q . -48.90 8.99 -14.90
C9 QUE Q . -45.14 11.20 -14.91
C10 QUE Q . -44.26 11.07 -13.73
C11 QUE Q . -44.72 10.21 -12.58
C14 QUE Q . -43.94 9.97 -11.33
C15 QUE Q . -42.54 10.03 -11.34
C16 QUE Q . -41.80 9.75 -10.21
C17 QUE Q . -42.41 9.38 -9.01
C18 QUE Q . -43.87 9.30 -8.95
C19 QUE Q . -44.56 9.58 -10.14
O12 QUE Q . -45.93 9.56 -12.72
O13 QUE Q . -44.67 11.93 -15.80
O23 QUE Q . -44.39 8.95 -7.73
O24 QUE Q . -41.77 9.11 -7.84
O27 QUE Q . -43.13 11.81 -13.81
O29 QUE Q . -50.06 8.31 -14.89
O30 QUE Q . -47.22 11.24 -17.26
PA NAP R . 40.03 -31.08 12.89
O1A NAP R . 39.72 -29.78 12.24
O2A NAP R . 40.37 -32.17 11.91
O5B NAP R . 38.85 -31.36 13.94
C5B NAP R . 38.32 -30.37 14.77
C4B NAP R . 36.87 -30.81 14.97
O4B NAP R . 36.20 -30.08 15.97
C3B NAP R . 36.13 -30.66 13.63
O3B NAP R . 35.83 -31.94 13.06
C2B NAP R . 34.89 -29.86 14.00
O2B NAP R . 33.79 -30.73 13.95
C1B NAP R . 34.93 -29.63 15.50
N9A NAP R . 34.55 -28.26 15.89
C8A NAP R . 34.87 -27.03 15.38
N7A NAP R . 34.28 -26.07 16.15
C5A NAP R . 33.59 -26.70 17.13
C6A NAP R . 32.81 -26.26 18.20
N6A NAP R . 32.63 -24.96 18.35
N1A NAP R . 32.24 -27.15 19.08
C2A NAP R . 32.42 -28.51 18.93
N3A NAP R . 33.19 -28.95 17.88
C4A NAP R . 33.76 -28.07 17.01
O3 NAP R . 41.27 -31.00 13.92
PN NAP R . 42.23 -32.16 14.47
O1N NAP R . 43.38 -32.06 13.56
O2N NAP R . 41.53 -33.46 14.66
O5D NAP R . 42.51 -31.62 15.96
C5D NAP R . 41.85 -32.16 17.08
C4D NAP R . 42.39 -31.57 18.37
O4D NAP R . 43.80 -31.62 18.48
C3D NAP R . 42.15 -30.09 18.51
O3D NAP R . 41.93 -29.90 19.90
C2D NAP R . 43.43 -29.40 18.10
O2D NAP R . 43.53 -28.19 18.83
C1D NAP R . 44.50 -30.38 18.55
N1N NAP R . 45.70 -30.75 17.77
C2N NAP R . 45.81 -30.82 16.40
C3N NAP R . 47.04 -31.27 15.85
C7N NAP R . 47.29 -31.60 14.42
O7N NAP R . 48.45 -31.02 13.90
N7N NAP R . 46.49 -32.37 13.67
C4N NAP R . 48.14 -31.64 16.63
C5N NAP R . 47.96 -31.58 18.01
C6N NAP R . 46.75 -31.14 18.56
P2B NAP R . 32.40 -30.28 13.35
O1X NAP R . 32.83 -29.27 12.31
O2X NAP R . 32.06 -31.74 13.08
O3X NAP R . 31.40 -29.65 14.27
PA NAP S . 53.41 -11.24 -3.05
O1A NAP S . 53.06 -11.75 -1.67
O2A NAP S . 53.50 -12.12 -4.27
O5B NAP S . 54.65 -10.24 -3.25
C5B NAP S . 55.04 -9.36 -2.24
C4B NAP S . 56.54 -9.26 -2.46
O4B NAP S . 57.06 -8.58 -1.33
C3B NAP S . 57.38 -10.53 -2.60
O3B NAP S . 57.72 -10.79 -3.94
C2B NAP S . 58.65 -10.21 -1.84
O2B NAP S . 59.76 -10.17 -2.72
C1B NAP S . 58.45 -8.83 -1.21
N9A NAP S . 58.82 -8.65 0.22
C8A NAP S . 58.49 -9.44 1.30
N7A NAP S . 59.01 -8.90 2.41
C5A NAP S . 59.66 -7.78 2.07
C6A NAP S . 60.38 -6.87 2.83
N6A NAP S . 60.49 -7.01 4.16
N1A NAP S . 60.96 -5.80 2.17
C2A NAP S . 60.80 -5.69 0.80
N3A NAP S . 60.08 -6.58 0.02
C4A NAP S . 59.54 -7.60 0.69
O3 NAP S . 52.21 -10.17 -3.01
PN NAP S . 51.20 -9.74 -4.17
O1N NAP S . 50.36 -10.97 -4.18
O2N NAP S . 51.95 -9.29 -5.39
O5D NAP S . 50.72 -8.41 -3.39
C5D NAP S . 51.62 -7.31 -3.24
C4D NAP S . 51.08 -5.95 -2.75
O4D NAP S . 49.73 -5.72 -3.10
C3D NAP S . 51.13 -5.72 -1.25
O3D NAP S . 51.43 -4.35 -0.93
C2D NAP S . 49.78 -6.26 -0.78
O2D NAP S . 49.45 -5.84 0.53
C1D NAP S . 48.92 -5.77 -1.95
N1N NAP S . 47.75 -6.58 -2.38
C2N NAP S . 47.82 -7.87 -2.87
C3N NAP S . 46.61 -8.47 -3.21
C7N NAP S . 46.50 -9.82 -3.84
O7N NAP S . 45.20 -10.31 -4.04
N7N NAP S . 47.56 -10.52 -4.24
C4N NAP S . 45.40 -7.81 -3.05
C5N NAP S . 45.36 -6.55 -2.55
C6N NAP S . 46.55 -5.93 -2.22
P2B NAP S . 61.15 -10.92 -2.36
O1X NAP S . 60.87 -12.24 -1.67
O2X NAP S . 61.97 -11.09 -3.63
O3X NAP S . 61.83 -9.94 -1.43
C1 QUE T . 46.55 -11.97 0.04
C2 QUE T . 46.57 -10.58 0.03
C3 QUE T . 45.24 -9.90 0.25
C4 QUE T . 44.00 -10.71 0.43
C5 QUE T . 44.13 -12.09 0.43
C6 QUE T . 45.37 -12.70 0.23
C9 QUE T . 45.10 -8.42 0.26
C10 QUE T . 43.76 -7.81 0.47
C11 QUE T . 42.62 -8.75 0.65
C14 QUE T . 41.27 -8.15 0.88
C15 QUE T . 40.36 -8.34 -0.15
C16 QUE T . 39.06 -7.87 -0.05
C17 QUE T . 38.67 -7.18 1.09
C18 QUE T . 39.62 -6.98 2.22
C19 QUE T . 40.90 -7.49 2.03
O12 QUE T . 42.78 -10.13 0.61
O13 QUE T . 46.09 -7.69 0.07
O23 QUE T . 39.29 -6.30 3.35
O24 QUE T . 37.39 -6.73 1.08
O27 QUE T . 43.58 -6.46 0.50
O29 QUE T . 45.46 -14.07 0.24
O30 QUE T . 47.76 -9.92 -0.18
C1 QUE U . 51.05 -14.00 2.93
C2 QUE U . 49.94 -14.28 3.74
C3 QUE U . 48.87 -13.26 3.93
C4 QUE U . 49.07 -11.99 3.23
C5 QUE U . 50.20 -11.80 2.44
C6 QUE U . 51.18 -12.77 2.28
C9 QUE U . 47.61 -13.34 4.72
C10 QUE U . 46.65 -12.21 4.82
C11 QUE U . 46.95 -10.96 4.07
C14 QUE U . 46.18 -9.68 3.96
C15 QUE U . 44.81 -9.49 4.23
C16 QUE U . 44.17 -8.22 4.12
C17 QUE U . 44.92 -7.12 3.71
C18 QUE U . 46.34 -7.29 3.42
C19 QUE U . 46.93 -8.55 3.55
O12 QUE U . 48.12 -11.00 3.37
O13 QUE U . 47.40 -14.40 5.33
O23 QUE U . 47.00 -6.18 3.05
O24 QUE U . 44.51 -5.83 3.53
O27 QUE U . 45.50 -12.36 5.56
O29 QUE U . 52.22 -12.37 1.48
O30 QUE U . 49.80 -15.49 4.36
#